data_5C78
#
_entry.id   5C78
#
_cell.length_a   96.600
_cell.length_b   114.420
_cell.length_c   145.590
_cell.angle_alpha   68.440
_cell.angle_beta   73.270
_cell.angle_gamma   68.670
#
_symmetry.space_group_name_H-M   'P 1'
#
loop_
_entity.id
_entity.type
_entity.pdbx_description
1 polymer 'ATP-driven flippase PglK'
2 non-polymer 'PENTAETHYLENE GLYCOL'
3 water water
#
_entity_poly.entity_id   1
_entity_poly.type   'polypeptide(L)'
_entity_poly.pdbx_seq_one_letter_code
;MVKKLFFILSKEDKNFLFFLLVFSVFVSFIETFAISLVMPFITLASDFSYFDRNKYLISLKEYLNIPVFEIIVYFGVGLI
VFYVFRALLNAYYFHLLARFSKGRKHAIAYKVFSKFLNINYEKFTQKNQSEILKSITGEVYNLSTMISSFLLLMSEIFVV
LLLYALMLLINYKITLFLSIFMVLNAFILVKILSPIIKKAGLRREEAMKNFFEILNTNLNNFKFIKLKTKEDGVLSLFKA
QSEAFSKANITNESVAAVPRIYLEGIGFCVLVFIVVFLVLKNESDISGILSTISIFVLALYRLMPSANRIITSYHDLLYY
HSSLNIIYQNLRQEEENLGEGKLSFNQELKICNLSFGYEGKKYLFKNLNLNIKKGEKIAFIGESGCGKSTLVDLIIGLLK
PKEGQILIDKQELNASNAKNYRQKIGYIPQNIYLFNDSIAKNITFGDAVDEEKLNKVIKQANLEHFIKNLPQGVQTKVGD
GGSNLSGGQKQRIAIARALYLEPEILVLDQATSALDTQSEAKIMDEIYKISKDKTMIIIAHRLSTITQCDKVYRLEHGKL
KEEK
;
_entity_poly.pdbx_strand_id   A,B,C,D
#
loop_
_chem_comp.id
_chem_comp.type
_chem_comp.name
_chem_comp.formula
1PE non-polymer 'PENTAETHYLENE GLYCOL' 'C10 H22 O6'
#
# COMPACT_ATOMS: atom_id res chain seq x y z
N MET A 1 -52.83 -26.48 3.18
CA MET A 1 -51.43 -26.10 2.99
C MET A 1 -51.27 -25.01 1.92
N VAL A 2 -52.37 -24.60 1.30
CA VAL A 2 -52.29 -23.48 0.36
C VAL A 2 -52.71 -22.22 1.07
N LYS A 3 -53.59 -22.40 2.06
CA LYS A 3 -54.04 -21.34 2.94
C LYS A 3 -52.80 -20.78 3.63
N LYS A 4 -51.94 -21.69 4.07
CA LYS A 4 -50.62 -21.35 4.55
C LYS A 4 -49.89 -20.42 3.57
N LEU A 5 -49.66 -20.89 2.35
CA LEU A 5 -48.84 -20.16 1.40
C LEU A 5 -49.40 -18.75 1.13
N PHE A 6 -50.71 -18.65 1.00
CA PHE A 6 -51.33 -17.37 0.65
C PHE A 6 -51.53 -16.47 1.86
N PHE A 7 -51.41 -17.05 3.05
CA PHE A 7 -51.36 -16.28 4.27
C PHE A 7 -50.00 -15.61 4.34
N ILE A 8 -48.98 -16.38 4.00
CA ILE A 8 -47.61 -15.90 4.00
C ILE A 8 -47.37 -14.90 2.87
N LEU A 9 -47.91 -15.18 1.67
CA LEU A 9 -47.79 -14.23 0.56
C LEU A 9 -48.75 -13.05 0.68
N SER A 10 -48.31 -11.87 0.25
CA SER A 10 -49.16 -10.68 0.24
C SER A 10 -50.12 -10.70 -0.95
N LYS A 11 -50.67 -9.55 -1.34
CA LYS A 11 -51.50 -9.52 -2.54
C LYS A 11 -50.59 -9.43 -3.73
N GLU A 12 -49.69 -8.46 -3.67
CA GLU A 12 -48.70 -8.21 -4.70
C GLU A 12 -47.90 -9.49 -4.96
N ASP A 13 -47.63 -10.24 -3.88
CA ASP A 13 -46.96 -11.53 -3.96
C ASP A 13 -47.75 -12.48 -4.83
N LYS A 14 -49.04 -12.67 -4.51
CA LYS A 14 -49.88 -13.58 -5.31
C LYS A 14 -49.94 -13.18 -6.76
N ASN A 15 -50.19 -11.90 -7.00
CA ASN A 15 -50.27 -11.40 -8.36
C ASN A 15 -49.01 -11.76 -9.12
N PHE A 16 -47.86 -11.37 -8.57
CA PHE A 16 -46.57 -11.68 -9.19
C PHE A 16 -46.46 -13.18 -9.46
N LEU A 17 -46.97 -13.98 -8.53
CA LEU A 17 -46.90 -15.43 -8.65
C LEU A 17 -47.70 -15.96 -9.84
N PHE A 18 -48.96 -15.54 -9.97
CA PHE A 18 -49.76 -16.03 -11.08
C PHE A 18 -49.16 -15.56 -12.39
N PHE A 19 -48.71 -14.30 -12.41
CA PHE A 19 -47.97 -13.81 -13.57
C PHE A 19 -46.85 -14.80 -13.92
N LEU A 20 -46.03 -15.16 -12.95
CA LEU A 20 -44.92 -16.05 -13.21
C LEU A 20 -45.38 -17.41 -13.71
N LEU A 21 -46.55 -17.85 -13.26
CA LEU A 21 -47.11 -19.09 -13.80
C LEU A 21 -47.36 -19.01 -15.28
N VAL A 22 -48.27 -18.11 -15.64
CA VAL A 22 -48.57 -17.88 -17.04
C VAL A 22 -47.29 -17.74 -17.87
N PHE A 23 -46.41 -16.82 -17.46
CA PHE A 23 -45.14 -16.61 -18.13
C PHE A 23 -44.37 -17.93 -18.29
N SER A 24 -44.38 -18.77 -17.25
CA SER A 24 -43.70 -20.06 -17.34
C SER A 24 -44.24 -20.87 -18.52
N VAL A 25 -45.57 -20.95 -18.61
CA VAL A 25 -46.16 -21.72 -19.71
C VAL A 25 -45.83 -21.12 -21.08
N PHE A 26 -45.94 -19.80 -21.16
CA PHE A 26 -45.56 -19.12 -22.39
C PHE A 26 -44.13 -19.45 -22.83
N VAL A 27 -43.18 -19.57 -21.89
CA VAL A 27 -41.84 -19.92 -22.37
C VAL A 27 -41.81 -21.36 -22.78
N SER A 28 -42.72 -22.19 -22.26
CA SER A 28 -42.80 -23.55 -22.82
C SER A 28 -43.13 -23.50 -24.31
N PHE A 29 -44.13 -22.68 -24.67
CA PHE A 29 -44.46 -22.48 -26.08
C PHE A 29 -43.26 -21.99 -26.89
N ILE A 30 -42.68 -20.87 -26.50
CA ILE A 30 -41.57 -20.31 -27.26
C ILE A 30 -40.41 -21.31 -27.38
N GLU A 31 -40.27 -22.20 -26.41
CA GLU A 31 -39.26 -23.26 -26.52
C GLU A 31 -39.63 -24.24 -27.62
N THR A 32 -40.86 -24.72 -27.61
CA THR A 32 -41.26 -25.68 -28.66
C THR A 32 -41.31 -25.04 -30.05
N PHE A 33 -41.65 -23.76 -30.12
CA PHE A 33 -41.46 -22.97 -31.34
C PHE A 33 -40.03 -23.02 -31.81
N ALA A 34 -39.11 -22.62 -30.93
CA ALA A 34 -37.68 -22.63 -31.25
C ALA A 34 -37.26 -23.96 -31.87
N ILE A 35 -37.81 -25.05 -31.33
CA ILE A 35 -37.45 -26.35 -31.89
C ILE A 35 -38.08 -26.55 -33.26
N SER A 36 -39.39 -26.36 -33.35
CA SER A 36 -40.10 -26.74 -34.56
C SER A 36 -39.75 -25.84 -35.74
N LEU A 37 -39.46 -24.57 -35.52
CA LEU A 37 -39.12 -23.66 -36.62
C LEU A 37 -37.92 -24.11 -37.45
N VAL A 38 -37.13 -25.06 -36.97
CA VAL A 38 -36.00 -25.54 -37.76
C VAL A 38 -36.55 -26.34 -38.94
N MET A 39 -37.65 -27.05 -38.72
CA MET A 39 -38.31 -27.82 -39.78
C MET A 39 -38.71 -27.01 -41.02
N PRO A 40 -39.55 -25.98 -40.86
CA PRO A 40 -39.92 -25.28 -42.10
C PRO A 40 -38.74 -24.55 -42.70
N PHE A 41 -37.92 -23.92 -41.88
CA PHE A 41 -36.83 -23.16 -42.42
C PHE A 41 -35.89 -24.02 -43.23
N ILE A 42 -35.63 -25.25 -42.79
CA ILE A 42 -34.68 -26.06 -43.52
C ILE A 42 -35.39 -26.81 -44.65
N THR A 43 -36.70 -27.00 -44.53
CA THR A 43 -37.47 -27.73 -45.53
C THR A 43 -37.79 -26.81 -46.71
N LEU A 44 -37.72 -25.50 -46.52
CA LEU A 44 -38.00 -24.52 -47.56
C LEU A 44 -36.71 -23.99 -48.11
N ALA A 45 -35.62 -24.20 -47.39
CA ALA A 45 -34.33 -23.80 -47.92
C ALA A 45 -33.90 -24.90 -48.85
N SER A 46 -34.73 -25.95 -48.88
CA SER A 46 -34.56 -27.08 -49.79
C SER A 46 -35.75 -28.01 -49.60
N ASP A 47 -36.55 -28.21 -50.65
CA ASP A 47 -36.31 -27.59 -51.96
C ASP A 47 -36.92 -26.19 -52.12
N PHE A 48 -36.30 -25.43 -53.03
CA PHE A 48 -36.66 -24.04 -53.32
C PHE A 48 -38.05 -23.92 -53.93
N SER A 49 -38.67 -25.08 -54.17
CA SER A 49 -39.95 -25.20 -54.84
C SER A 49 -41.06 -24.44 -54.12
N TYR A 50 -41.96 -25.19 -53.49
CA TYR A 50 -42.99 -24.70 -52.55
C TYR A 50 -43.58 -23.31 -52.80
N PHE A 51 -42.78 -22.36 -53.27
CA PHE A 51 -43.28 -21.05 -53.69
C PHE A 51 -43.90 -21.12 -55.10
N ASP A 52 -44.06 -22.35 -55.58
CA ASP A 52 -44.67 -22.61 -56.88
C ASP A 52 -45.88 -23.52 -56.73
N ARG A 53 -46.02 -24.12 -55.54
CA ARG A 53 -47.25 -24.79 -55.12
C ARG A 53 -47.74 -24.12 -53.83
N ASN A 54 -48.62 -24.76 -53.07
CA ASN A 54 -49.08 -24.23 -51.77
C ASN A 54 -49.60 -22.78 -51.85
N LYS A 55 -50.92 -22.61 -51.85
CA LYS A 55 -51.50 -21.29 -52.10
C LYS A 55 -50.81 -20.19 -51.32
N TYR A 56 -50.58 -20.44 -50.04
CA TYR A 56 -50.04 -19.42 -49.18
C TYR A 56 -48.63 -19.03 -49.63
N LEU A 57 -47.78 -20.03 -49.83
CA LEU A 57 -46.39 -19.78 -50.22
C LEU A 57 -46.29 -19.09 -51.56
N ILE A 58 -47.14 -19.48 -52.51
CA ILE A 58 -47.08 -18.95 -53.88
C ILE A 58 -47.73 -17.57 -53.96
N SER A 59 -48.66 -17.29 -53.05
CA SER A 59 -49.21 -15.95 -52.91
C SER A 59 -48.15 -15.01 -52.35
N LEU A 60 -47.43 -15.51 -51.34
CA LEU A 60 -46.29 -14.79 -50.80
C LEU A 60 -45.29 -14.56 -51.95
N LYS A 61 -45.08 -15.60 -52.77
CA LYS A 61 -44.16 -15.53 -53.90
C LYS A 61 -44.56 -14.44 -54.87
N GLU A 62 -45.85 -14.40 -55.19
CA GLU A 62 -46.40 -13.41 -56.11
C GLU A 62 -46.85 -12.18 -55.35
N TYR A 63 -46.21 -11.99 -54.20
CA TYR A 63 -46.06 -10.67 -53.62
C TYR A 63 -44.82 -10.08 -54.29
N LEU A 64 -44.07 -10.92 -55.02
CA LEU A 64 -43.13 -10.52 -56.09
C LEU A 64 -42.13 -9.43 -55.71
N ASN A 65 -42.11 -9.06 -54.43
CA ASN A 65 -41.19 -8.03 -53.96
C ASN A 65 -39.73 -8.43 -54.15
N ILE A 66 -39.49 -9.72 -54.29
CA ILE A 66 -38.15 -10.29 -54.47
C ILE A 66 -38.27 -11.65 -55.15
N PRO A 67 -37.14 -12.20 -55.64
CA PRO A 67 -37.17 -13.61 -56.09
C PRO A 67 -37.44 -14.59 -54.95
N VAL A 68 -36.55 -15.56 -54.76
CA VAL A 68 -36.68 -16.48 -53.63
C VAL A 68 -35.30 -16.75 -52.99
N PHE A 69 -34.22 -16.50 -53.75
CA PHE A 69 -32.88 -16.37 -53.18
C PHE A 69 -33.07 -15.54 -51.94
N GLU A 70 -33.79 -14.43 -52.11
CA GLU A 70 -33.94 -13.45 -51.04
C GLU A 70 -35.10 -13.72 -50.09
N ILE A 71 -36.09 -14.51 -50.49
CA ILE A 71 -37.19 -14.83 -49.58
C ILE A 71 -36.69 -15.76 -48.46
N ILE A 72 -35.88 -16.74 -48.81
CA ILE A 72 -35.33 -17.68 -47.83
C ILE A 72 -34.44 -16.90 -46.90
N VAL A 73 -33.70 -15.94 -47.44
CA VAL A 73 -32.87 -15.05 -46.63
C VAL A 73 -33.72 -14.28 -45.62
N TYR A 74 -34.84 -13.72 -46.09
CA TYR A 74 -35.74 -13.05 -45.17
C TYR A 74 -36.24 -14.00 -44.07
N PHE A 75 -36.60 -15.21 -44.45
CA PHE A 75 -37.07 -16.23 -43.52
C PHE A 75 -35.99 -16.47 -42.47
N GLY A 76 -34.74 -16.52 -42.91
CA GLY A 76 -33.62 -16.69 -42.01
C GLY A 76 -33.43 -15.54 -41.03
N VAL A 77 -33.48 -14.30 -41.52
CA VAL A 77 -33.40 -13.13 -40.65
C VAL A 77 -34.50 -13.18 -39.61
N GLY A 78 -35.70 -13.54 -40.07
CA GLY A 78 -36.85 -13.70 -39.19
C GLY A 78 -36.49 -14.72 -38.12
N LEU A 79 -35.77 -15.77 -38.51
CA LEU A 79 -35.38 -16.75 -37.53
C LEU A 79 -34.39 -16.22 -36.51
N ILE A 80 -33.29 -15.58 -36.90
CA ILE A 80 -32.32 -15.24 -35.86
C ILE A 80 -32.87 -14.12 -35.00
N VAL A 81 -33.79 -13.36 -35.57
CA VAL A 81 -34.54 -12.46 -34.72
C VAL A 81 -35.31 -13.25 -33.68
N PHE A 82 -36.08 -14.26 -34.12
CA PHE A 82 -36.89 -15.06 -33.19
C PHE A 82 -36.05 -15.68 -32.10
N TYR A 83 -34.86 -16.15 -32.47
CA TYR A 83 -33.99 -16.87 -31.54
C TYR A 83 -33.38 -15.94 -30.51
N VAL A 84 -32.95 -14.76 -30.97
CA VAL A 84 -32.52 -13.69 -30.06
C VAL A 84 -33.65 -13.31 -29.10
N PHE A 85 -34.84 -13.10 -29.66
CA PHE A 85 -36.02 -12.82 -28.85
C PHE A 85 -36.18 -13.89 -27.82
N ARG A 86 -36.01 -15.14 -28.22
CA ARG A 86 -36.22 -16.23 -27.28
C ARG A 86 -35.21 -16.20 -26.16
N ALA A 87 -33.96 -15.91 -26.50
CA ALA A 87 -32.90 -15.79 -25.50
C ALA A 87 -33.26 -14.72 -24.49
N LEU A 88 -33.68 -13.56 -25.00
CA LEU A 88 -34.15 -12.47 -24.14
C LEU A 88 -35.31 -12.90 -23.25
N LEU A 89 -36.33 -13.51 -23.84
CA LEU A 89 -37.48 -14.00 -23.08
C LEU A 89 -37.07 -14.90 -21.93
N ASN A 90 -36.11 -15.79 -22.19
CA ASN A 90 -35.65 -16.72 -21.17
C ASN A 90 -34.83 -16.09 -20.08
N ALA A 91 -33.90 -15.20 -20.45
CA ALA A 91 -33.11 -14.43 -19.48
C ALA A 91 -34.05 -13.63 -18.59
N TYR A 92 -35.01 -12.96 -19.21
CA TYR A 92 -35.99 -12.21 -18.45
C TYR A 92 -36.80 -13.10 -17.54
N TYR A 93 -37.16 -14.29 -18.02
CA TYR A 93 -37.93 -15.22 -17.23
C TYR A 93 -37.18 -15.68 -15.99
N PHE A 94 -35.91 -16.01 -16.14
CA PHE A 94 -35.15 -16.52 -15.00
C PHE A 94 -34.85 -15.39 -14.04
N HIS A 95 -34.64 -14.20 -14.60
CA HIS A 95 -34.52 -13.01 -13.80
C HIS A 95 -35.80 -12.75 -13.01
N LEU A 96 -36.95 -12.95 -13.62
CA LEU A 96 -38.21 -12.80 -12.88
C LEU A 96 -38.40 -13.89 -11.81
N LEU A 97 -37.94 -15.10 -12.08
CA LEU A 97 -37.97 -16.11 -11.06
C LEU A 97 -37.14 -15.66 -9.86
N ALA A 98 -35.92 -15.20 -10.13
CA ALA A 98 -35.04 -14.71 -9.07
C ALA A 98 -35.70 -13.58 -8.31
N ARG A 99 -36.10 -12.55 -9.05
CA ARG A 99 -36.76 -11.39 -8.50
C ARG A 99 -37.90 -11.79 -7.57
N PHE A 100 -38.65 -12.81 -7.96
CA PHE A 100 -39.74 -13.30 -7.12
C PHE A 100 -39.25 -13.92 -5.85
N SER A 101 -38.40 -14.93 -5.96
CA SER A 101 -37.99 -15.67 -4.78
C SER A 101 -37.27 -14.75 -3.79
N LYS A 102 -36.28 -14.02 -4.24
CA LYS A 102 -35.54 -13.13 -3.36
C LYS A 102 -36.39 -11.97 -2.85
N GLY A 103 -37.29 -11.45 -3.67
CA GLY A 103 -38.19 -10.43 -3.17
C GLY A 103 -39.02 -11.00 -2.02
N ARG A 104 -39.44 -12.26 -2.16
CA ARG A 104 -40.24 -12.94 -1.17
C ARG A 104 -39.45 -13.29 0.08
N LYS A 105 -38.20 -13.70 -0.09
CA LYS A 105 -37.32 -13.96 1.05
C LYS A 105 -37.27 -12.67 1.81
N HIS A 106 -36.91 -11.60 1.12
CA HIS A 106 -36.82 -10.27 1.72
C HIS A 106 -38.05 -9.92 2.56
N ALA A 107 -39.21 -9.94 1.93
CA ALA A 107 -40.46 -9.63 2.63
C ALA A 107 -40.83 -10.59 3.79
N ILE A 108 -40.72 -11.88 3.56
CA ILE A 108 -41.16 -12.83 4.58
C ILE A 108 -40.18 -12.87 5.76
N ALA A 109 -38.89 -12.74 5.46
CA ALA A 109 -37.88 -12.58 6.50
C ALA A 109 -38.29 -11.40 7.35
N TYR A 110 -38.57 -10.27 6.69
CA TYR A 110 -38.93 -9.06 7.45
C TYR A 110 -40.13 -9.30 8.36
N LYS A 111 -41.16 -9.97 7.85
CA LYS A 111 -42.33 -10.28 8.68
C LYS A 111 -41.97 -11.15 9.88
N VAL A 112 -41.11 -12.16 9.66
CA VAL A 112 -40.75 -13.06 10.76
C VAL A 112 -39.92 -12.34 11.82
N PHE A 113 -38.87 -11.65 11.38
CA PHE A 113 -38.07 -10.85 12.30
C PHE A 113 -38.92 -9.92 13.15
N SER A 114 -39.82 -9.18 12.51
CA SER A 114 -40.74 -8.33 13.25
C SER A 114 -41.58 -9.15 14.25
N LYS A 115 -42.11 -10.29 13.80
CA LYS A 115 -42.89 -11.15 14.70
C LYS A 115 -42.12 -11.46 15.95
N PHE A 116 -40.85 -11.82 15.77
CA PHE A 116 -40.02 -12.19 16.90
C PHE A 116 -39.81 -11.03 17.82
N LEU A 117 -39.51 -9.87 17.25
CA LEU A 117 -39.28 -8.67 18.05
C LEU A 117 -40.50 -8.36 18.91
N ASN A 118 -41.67 -8.84 18.51
CA ASN A 118 -42.83 -8.59 19.36
C ASN A 118 -43.24 -9.65 20.39
N ILE A 119 -42.63 -10.83 20.42
CA ILE A 119 -42.99 -11.79 21.47
C ILE A 119 -42.49 -11.28 22.81
N ASN A 120 -42.94 -11.89 23.93
CA ASN A 120 -42.49 -11.45 25.27
C ASN A 120 -41.06 -11.87 25.60
N TYR A 121 -40.46 -11.19 26.57
CA TYR A 121 -39.02 -11.26 26.74
C TYR A 121 -38.54 -12.63 27.14
N GLU A 122 -39.31 -13.31 27.96
CA GLU A 122 -38.93 -14.64 28.37
C GLU A 122 -38.96 -15.63 27.22
N LYS A 123 -39.93 -15.51 26.33
CA LYS A 123 -40.05 -16.41 25.18
C LYS A 123 -38.85 -16.31 24.27
N PHE A 124 -38.52 -15.08 23.90
CA PHE A 124 -37.34 -14.80 23.09
C PHE A 124 -36.12 -15.36 23.81
N THR A 125 -36.01 -14.99 25.08
CA THR A 125 -34.94 -15.45 25.95
C THR A 125 -34.78 -16.97 26.03
N GLN A 126 -35.88 -17.71 26.03
CA GLN A 126 -35.80 -19.13 26.36
C GLN A 126 -35.38 -20.02 25.20
N LYS A 127 -35.03 -19.42 24.08
CA LYS A 127 -34.54 -20.21 22.95
C LYS A 127 -33.23 -19.60 22.48
N ASN A 128 -32.40 -20.37 21.79
CA ASN A 128 -31.08 -19.89 21.40
C ASN A 128 -31.12 -19.07 20.12
N GLN A 129 -30.29 -18.03 20.04
CA GLN A 129 -30.28 -17.21 18.84
C GLN A 129 -29.90 -17.98 17.57
N SER A 130 -29.31 -19.16 17.70
CA SER A 130 -29.10 -20.05 16.56
C SER A 130 -30.43 -20.21 15.87
N GLU A 131 -31.42 -20.58 16.66
CA GLU A 131 -32.72 -20.98 16.16
C GLU A 131 -33.56 -19.82 15.68
N ILE A 132 -33.39 -18.66 16.30
CA ILE A 132 -34.16 -17.48 15.92
C ILE A 132 -33.58 -16.97 14.60
N LEU A 133 -32.25 -17.00 14.50
CA LEU A 133 -31.61 -16.70 13.23
C LEU A 133 -32.09 -17.67 12.15
N LYS A 134 -32.00 -18.97 12.40
CA LYS A 134 -32.48 -19.93 11.40
C LYS A 134 -33.93 -19.68 11.05
N SER A 135 -34.74 -19.34 12.04
CA SER A 135 -36.17 -19.20 11.80
C SER A 135 -36.54 -17.99 10.96
N ILE A 136 -35.76 -16.92 11.04
CA ILE A 136 -36.12 -15.77 10.20
C ILE A 136 -35.19 -15.72 9.01
N THR A 137 -34.25 -16.66 8.91
CA THR A 137 -33.28 -16.57 7.82
C THR A 137 -33.24 -17.84 6.92
N GLY A 138 -32.99 -19.00 7.50
CA GLY A 138 -32.78 -20.20 6.72
C GLY A 138 -34.11 -20.75 6.22
N GLU A 139 -35.10 -20.84 7.10
CA GLU A 139 -36.43 -21.21 6.67
C GLU A 139 -36.94 -20.30 5.55
N VAL A 140 -36.78 -18.98 5.71
CA VAL A 140 -37.27 -18.04 4.70
C VAL A 140 -36.61 -18.29 3.35
N TYR A 141 -35.29 -18.47 3.37
CA TYR A 141 -34.59 -18.95 2.18
C TYR A 141 -35.25 -20.18 1.58
N ASN A 142 -35.43 -21.21 2.38
CA ASN A 142 -36.05 -22.42 1.88
C ASN A 142 -37.36 -22.19 1.14
N LEU A 143 -38.33 -21.54 1.80
CA LEU A 143 -39.64 -21.25 1.16
C LEU A 143 -39.48 -20.53 -0.15
N SER A 144 -38.69 -19.46 -0.15
CA SER A 144 -38.49 -18.67 -1.34
C SER A 144 -38.00 -19.59 -2.47
N THR A 145 -36.96 -20.34 -2.16
CA THR A 145 -36.31 -21.23 -3.11
C THR A 145 -37.27 -22.18 -3.73
N MET A 146 -38.07 -22.76 -2.86
CA MET A 146 -39.00 -23.80 -3.20
C MET A 146 -40.09 -23.29 -4.12
N ILE A 147 -40.56 -22.06 -3.88
CA ILE A 147 -41.52 -21.47 -4.81
C ILE A 147 -40.95 -21.28 -6.23
N SER A 148 -39.76 -20.69 -6.31
CA SER A 148 -39.14 -20.62 -7.63
C SER A 148 -38.99 -22.02 -8.25
N SER A 149 -38.51 -22.99 -7.47
CA SER A 149 -38.39 -24.37 -7.95
C SER A 149 -39.68 -24.88 -8.57
N PHE A 150 -40.78 -24.55 -7.93
CA PHE A 150 -42.10 -24.93 -8.43
C PHE A 150 -42.43 -24.25 -9.75
N LEU A 151 -42.21 -22.95 -9.86
CA LEU A 151 -42.48 -22.30 -11.14
C LEU A 151 -41.68 -22.95 -12.29
N LEU A 152 -40.38 -23.14 -12.08
CA LEU A 152 -39.56 -23.77 -13.12
C LEU A 152 -40.09 -25.17 -13.43
N LEU A 153 -40.44 -25.92 -12.37
CA LEU A 153 -41.06 -27.24 -12.50
C LEU A 153 -42.26 -27.25 -13.44
N MET A 154 -43.14 -26.26 -13.26
CA MET A 154 -44.26 -26.04 -14.19
C MET A 154 -43.77 -25.85 -15.63
N SER A 155 -42.94 -24.82 -15.81
CA SER A 155 -42.42 -24.47 -17.13
C SER A 155 -41.82 -25.69 -17.83
N GLU A 156 -41.10 -26.52 -17.10
CA GLU A 156 -40.45 -27.67 -17.73
C GLU A 156 -41.37 -28.84 -18.00
N ILE A 157 -42.32 -29.15 -17.09
CA ILE A 157 -43.21 -30.28 -17.41
C ILE A 157 -44.06 -29.86 -18.63
N PHE A 158 -44.27 -28.56 -18.83
CA PHE A 158 -44.99 -28.16 -20.05
C PHE A 158 -44.13 -28.17 -21.29
N VAL A 159 -42.84 -27.89 -21.13
CA VAL A 159 -41.95 -28.06 -22.28
C VAL A 159 -42.03 -29.51 -22.71
N VAL A 160 -41.93 -30.44 -21.75
CA VAL A 160 -42.06 -31.86 -22.07
C VAL A 160 -43.39 -32.17 -22.73
N LEU A 161 -44.51 -31.68 -22.21
CA LEU A 161 -45.80 -31.98 -22.84
C LEU A 161 -45.86 -31.48 -24.27
N LEU A 162 -45.61 -30.20 -24.45
CA LEU A 162 -45.67 -29.64 -25.79
C LEU A 162 -44.70 -30.31 -26.79
N LEU A 163 -43.43 -30.47 -26.42
CA LEU A 163 -42.45 -31.12 -27.30
C LEU A 163 -42.87 -32.52 -27.63
N TYR A 164 -43.36 -33.24 -26.63
CA TYR A 164 -43.75 -34.61 -26.87
C TYR A 164 -44.93 -34.63 -27.82
N ALA A 165 -45.81 -33.65 -27.68
CA ALA A 165 -46.93 -33.52 -28.59
C ALA A 165 -46.41 -33.31 -30.01
N LEU A 166 -45.46 -32.40 -30.17
CA LEU A 166 -44.82 -32.13 -31.45
C LEU A 166 -44.30 -33.41 -32.07
N MET A 167 -43.47 -34.14 -31.34
CA MET A 167 -42.92 -35.40 -31.82
C MET A 167 -44.01 -36.33 -32.28
N LEU A 168 -45.08 -36.42 -31.50
CA LEU A 168 -46.20 -37.26 -31.85
C LEU A 168 -46.83 -36.85 -33.18
N LEU A 169 -47.03 -35.53 -33.37
CA LEU A 169 -47.59 -35.05 -34.64
C LEU A 169 -46.69 -35.45 -35.79
N ILE A 170 -45.44 -34.99 -35.72
CA ILE A 170 -44.49 -35.27 -36.78
C ILE A 170 -44.35 -36.78 -37.10
N ASN A 171 -44.20 -37.65 -36.11
CA ASN A 171 -44.17 -39.07 -36.44
C ASN A 171 -44.53 -40.05 -35.32
N TYR A 172 -45.82 -40.12 -35.02
CA TYR A 172 -46.36 -40.96 -33.96
C TYR A 172 -45.65 -42.32 -33.83
N LYS A 173 -45.35 -42.92 -34.98
CA LYS A 173 -44.64 -44.19 -34.96
C LYS A 173 -43.26 -44.05 -34.33
N ILE A 174 -42.43 -43.19 -34.92
CA ILE A 174 -41.07 -42.98 -34.42
C ILE A 174 -41.01 -42.59 -32.95
N THR A 175 -41.88 -41.65 -32.54
CA THR A 175 -41.80 -41.17 -31.16
C THR A 175 -42.15 -42.34 -30.22
N LEU A 176 -43.10 -43.18 -30.64
CA LEU A 176 -43.39 -44.33 -29.83
C LEU A 176 -42.15 -45.24 -29.75
N PHE A 177 -41.48 -45.41 -30.89
CA PHE A 177 -40.29 -46.25 -30.93
C PHE A 177 -39.18 -45.79 -30.00
N LEU A 178 -38.86 -44.51 -30.11
CA LEU A 178 -37.83 -43.88 -29.31
C LEU A 178 -38.21 -43.85 -27.84
N SER A 179 -39.50 -43.77 -27.53
CA SER A 179 -39.92 -43.74 -26.12
C SER A 179 -39.71 -45.13 -25.50
N ILE A 180 -40.07 -46.15 -26.26
CA ILE A 180 -39.76 -47.50 -25.84
C ILE A 180 -38.26 -47.65 -25.65
N PHE A 181 -37.52 -47.12 -26.62
CA PHE A 181 -36.07 -47.20 -26.59
C PHE A 181 -35.50 -46.49 -25.37
N MET A 182 -36.15 -45.39 -25.03
CA MET A 182 -35.76 -44.52 -23.95
C MET A 182 -35.87 -45.23 -22.63
N VAL A 183 -37.07 -45.71 -22.32
CA VAL A 183 -37.23 -46.37 -21.02
C VAL A 183 -36.41 -47.64 -21.01
N LEU A 184 -36.23 -48.26 -22.17
CA LEU A 184 -35.44 -49.49 -22.24
C LEU A 184 -34.00 -49.24 -21.84
N ASN A 185 -33.38 -48.27 -22.50
CA ASN A 185 -32.05 -47.84 -22.11
C ASN A 185 -32.01 -47.43 -20.65
N ALA A 186 -33.03 -46.72 -20.18
CA ALA A 186 -33.07 -46.30 -18.78
C ALA A 186 -32.97 -47.50 -17.85
N PHE A 187 -33.73 -48.54 -18.17
CA PHE A 187 -33.64 -49.79 -17.44
C PHE A 187 -32.25 -50.39 -17.52
N ILE A 188 -31.66 -50.37 -18.71
CA ILE A 188 -30.28 -50.84 -18.85
C ILE A 188 -29.31 -50.12 -17.91
N LEU A 189 -29.26 -48.79 -17.96
CA LEU A 189 -28.39 -48.03 -17.07
C LEU A 189 -28.73 -48.33 -15.63
N VAL A 190 -29.88 -47.83 -15.22
CA VAL A 190 -30.26 -47.77 -13.81
C VAL A 190 -30.49 -49.12 -13.14
N LYS A 191 -30.70 -50.17 -13.90
CA LYS A 191 -31.02 -51.45 -13.29
C LYS A 191 -30.06 -52.56 -13.69
N ILE A 192 -29.18 -52.30 -14.66
CA ILE A 192 -28.23 -53.34 -15.09
C ILE A 192 -26.78 -52.92 -14.88
N LEU A 193 -26.47 -51.67 -15.23
CA LEU A 193 -25.08 -51.24 -15.12
C LEU A 193 -24.77 -50.65 -13.75
N SER A 194 -25.58 -49.69 -13.33
CA SER A 194 -25.32 -48.94 -12.10
C SER A 194 -25.07 -49.79 -10.86
N PRO A 195 -25.86 -50.85 -10.65
CA PRO A 195 -25.49 -51.77 -9.56
C PRO A 195 -24.08 -52.36 -9.70
N ILE A 196 -23.71 -52.79 -10.91
CA ILE A 196 -22.36 -53.30 -11.15
C ILE A 196 -21.34 -52.23 -10.79
N ILE A 197 -21.59 -51.00 -11.20
CA ILE A 197 -20.71 -49.89 -10.86
C ILE A 197 -20.54 -49.79 -9.34
N LYS A 198 -21.66 -49.75 -8.60
CA LYS A 198 -21.59 -49.60 -7.14
C LYS A 198 -20.83 -50.74 -6.49
N LYS A 199 -21.11 -51.97 -6.90
CA LYS A 199 -20.33 -53.09 -6.39
C LYS A 199 -18.84 -52.89 -6.65
N ALA A 200 -18.49 -52.57 -7.90
CA ALA A 200 -17.11 -52.27 -8.26
C ALA A 200 -16.49 -51.26 -7.30
N GLY A 201 -17.28 -50.25 -6.98
CA GLY A 201 -16.89 -49.23 -6.04
C GLY A 201 -16.65 -49.70 -4.62
N LEU A 202 -17.56 -50.52 -4.10
CA LEU A 202 -17.41 -51.04 -2.76
C LEU A 202 -16.20 -51.93 -2.72
N ARG A 203 -16.07 -52.83 -3.71
CA ARG A 203 -14.89 -53.67 -3.89
C ARG A 203 -13.59 -52.89 -3.84
N ARG A 204 -13.55 -51.76 -4.55
CA ARG A 204 -12.38 -50.91 -4.50
C ARG A 204 -12.15 -50.39 -3.09
N GLU A 205 -13.22 -49.95 -2.43
CA GLU A 205 -13.08 -49.41 -1.07
C GLU A 205 -12.42 -50.42 -0.15
N GLU A 206 -12.98 -51.61 -0.15
CA GLU A 206 -12.52 -52.68 0.71
C GLU A 206 -11.06 -53.06 0.41
N ALA A 207 -10.77 -53.36 -0.86
CA ALA A 207 -9.40 -53.75 -1.25
C ALA A 207 -8.41 -52.66 -0.92
N MET A 208 -8.83 -51.41 -1.09
CA MET A 208 -7.99 -50.30 -0.74
C MET A 208 -7.64 -50.34 0.72
N LYS A 209 -8.69 -50.42 1.53
CA LYS A 209 -8.58 -50.54 2.98
C LYS A 209 -7.58 -51.61 3.37
N ASN A 210 -7.71 -52.80 2.84
CA ASN A 210 -6.81 -53.87 3.20
C ASN A 210 -5.35 -53.64 2.80
N PHE A 211 -5.18 -53.13 1.57
CA PHE A 211 -3.86 -52.72 1.08
C PHE A 211 -3.19 -51.78 2.07
N PHE A 212 -3.83 -50.63 2.30
CA PHE A 212 -3.29 -49.64 3.23
C PHE A 212 -3.11 -50.12 4.64
N GLU A 213 -3.98 -51.03 5.07
CA GLU A 213 -3.82 -51.61 6.39
C GLU A 213 -2.52 -52.36 6.49
N ILE A 214 -2.25 -53.33 5.62
CA ILE A 214 -1.03 -54.08 5.93
C ILE A 214 0.22 -53.29 5.51
N LEU A 215 0.05 -52.32 4.64
CA LEU A 215 1.14 -51.39 4.42
C LEU A 215 1.48 -50.61 5.70
N ASN A 216 0.47 -50.09 6.40
CA ASN A 216 0.77 -49.37 7.62
C ASN A 216 1.25 -50.25 8.75
N THR A 217 0.70 -51.44 8.88
CA THR A 217 1.19 -52.28 9.93
C THR A 217 2.65 -52.60 9.67
N ASN A 218 2.96 -52.88 8.42
CA ASN A 218 4.34 -53.15 8.04
C ASN A 218 5.28 -51.97 8.30
N LEU A 219 4.87 -50.77 7.95
CA LEU A 219 5.70 -49.62 8.26
C LEU A 219 5.88 -49.48 9.77
N ASN A 220 4.85 -49.87 10.54
CA ASN A 220 4.92 -49.77 12.00
C ASN A 220 5.78 -50.82 12.64
N ASN A 221 6.05 -51.90 11.93
CA ASN A 221 6.94 -52.95 12.43
C ASN A 221 8.34 -52.88 11.83
N PHE A 222 8.77 -51.69 11.43
CA PHE A 222 10.06 -51.57 10.76
C PHE A 222 11.19 -52.08 11.65
N LYS A 223 11.19 -51.71 12.92
CA LYS A 223 12.24 -52.23 13.80
C LYS A 223 12.22 -53.75 13.82
N PHE A 224 11.06 -54.38 13.89
CA PHE A 224 11.09 -55.83 13.95
C PHE A 224 11.59 -56.44 12.63
N ILE A 225 11.19 -55.83 11.51
CA ILE A 225 11.67 -56.26 10.19
C ILE A 225 13.18 -56.17 10.06
N LYS A 226 13.73 -55.02 10.45
CA LYS A 226 15.13 -54.75 10.31
C LYS A 226 15.96 -55.68 11.17
N LEU A 227 15.38 -56.15 12.27
CA LEU A 227 16.08 -57.06 13.17
C LEU A 227 15.98 -58.51 12.70
N LYS A 228 15.17 -58.76 11.67
CA LYS A 228 15.12 -60.08 11.08
C LYS A 228 16.24 -60.26 10.08
N THR A 229 16.61 -59.13 9.47
CA THR A 229 17.32 -59.07 8.20
C THR A 229 16.39 -59.35 7.04
N LYS A 230 15.90 -60.58 6.95
CA LYS A 230 15.07 -60.99 5.82
C LYS A 230 13.71 -60.24 5.80
N GLU A 231 13.24 -59.76 4.64
CA GLU A 231 12.00 -58.98 4.55
C GLU A 231 11.02 -59.57 3.57
N ASP A 232 11.30 -60.76 3.06
CA ASP A 232 10.48 -61.28 1.96
C ASP A 232 9.06 -61.58 2.38
N GLY A 233 8.84 -61.86 3.67
CA GLY A 233 7.53 -62.21 4.18
C GLY A 233 6.59 -61.05 4.09
N VAL A 234 6.97 -59.94 4.69
CA VAL A 234 6.11 -58.78 4.68
C VAL A 234 5.93 -58.26 3.25
N LEU A 235 7.00 -58.32 2.44
CA LEU A 235 6.93 -57.91 1.05
C LEU A 235 5.95 -58.79 0.30
N SER A 236 5.86 -60.06 0.71
CA SER A 236 4.94 -61.02 0.11
C SER A 236 3.48 -60.73 0.44
N LEU A 237 3.19 -60.59 1.74
CA LEU A 237 1.85 -60.24 2.21
C LEU A 237 1.38 -58.94 1.55
N PHE A 238 2.31 -57.99 1.49
CA PHE A 238 2.09 -56.73 0.84
C PHE A 238 1.83 -56.91 -0.62
N LYS A 239 2.56 -57.78 -1.29
CA LYS A 239 2.31 -57.99 -2.70
C LYS A 239 0.89 -58.46 -2.88
N ALA A 240 0.49 -59.47 -2.13
CA ALA A 240 -0.87 -60.02 -2.27
C ALA A 240 -1.99 -58.98 -2.04
N GLN A 241 -1.88 -58.19 -1.00
CA GLN A 241 -2.91 -57.20 -0.77
C GLN A 241 -2.90 -56.15 -1.89
N SER A 242 -1.69 -55.78 -2.33
CA SER A 242 -1.50 -54.77 -3.37
C SER A 242 -2.02 -55.18 -4.73
N GLU A 243 -1.86 -56.46 -5.05
CA GLU A 243 -2.46 -57.02 -6.22
C GLU A 243 -3.95 -57.00 -6.09
N ALA A 244 -4.50 -57.35 -4.94
CA ALA A 244 -5.95 -57.22 -4.80
C ALA A 244 -6.42 -55.78 -5.09
N PHE A 245 -5.78 -54.82 -4.45
CA PHE A 245 -6.13 -53.42 -4.67
C PHE A 245 -6.02 -53.06 -6.13
N SER A 246 -4.99 -53.59 -6.79
CA SER A 246 -4.76 -53.25 -8.18
C SER A 246 -5.90 -53.77 -9.02
N LYS A 247 -6.21 -55.05 -8.86
CA LYS A 247 -7.29 -55.68 -9.59
C LYS A 247 -8.61 -54.93 -9.41
N ALA A 248 -9.05 -54.78 -8.16
CA ALA A 248 -10.29 -54.08 -7.86
C ALA A 248 -10.29 -52.65 -8.43
N ASN A 249 -9.15 -51.99 -8.38
CA ASN A 249 -9.05 -50.69 -9.00
C ASN A 249 -9.24 -50.71 -10.52
N ILE A 250 -8.55 -51.60 -11.24
CA ILE A 250 -8.68 -51.60 -12.69
C ILE A 250 -10.10 -51.96 -13.07
N THR A 251 -10.80 -52.78 -12.30
CA THR A 251 -12.12 -53.14 -12.81
C THR A 251 -13.17 -52.13 -12.33
N ASN A 252 -12.97 -51.46 -11.21
CA ASN A 252 -13.90 -50.38 -10.92
C ASN A 252 -13.80 -49.32 -12.01
N GLU A 253 -12.55 -48.97 -12.35
CA GLU A 253 -12.29 -47.96 -13.36
C GLU A 253 -12.73 -48.41 -14.73
N SER A 254 -12.58 -49.70 -15.02
CA SER A 254 -13.01 -50.21 -16.31
C SER A 254 -14.53 -50.10 -16.44
N VAL A 255 -15.25 -50.64 -15.46
CA VAL A 255 -16.71 -50.63 -15.52
C VAL A 255 -17.26 -49.18 -15.47
N ALA A 256 -16.54 -48.25 -14.87
CA ALA A 256 -17.00 -46.86 -14.83
C ALA A 256 -17.19 -46.29 -16.25
N ALA A 257 -16.43 -46.78 -17.22
CA ALA A 257 -16.45 -46.19 -18.56
C ALA A 257 -17.59 -46.70 -19.45
N VAL A 258 -18.05 -47.90 -19.16
CA VAL A 258 -19.06 -48.53 -20.00
C VAL A 258 -20.28 -47.65 -20.25
N PRO A 259 -20.84 -46.99 -19.23
CA PRO A 259 -22.07 -46.24 -19.55
C PRO A 259 -22.00 -45.17 -20.64
N ARG A 260 -20.98 -44.32 -20.68
CA ARG A 260 -20.99 -43.34 -21.76
C ARG A 260 -20.68 -44.01 -23.10
N ILE A 261 -19.74 -44.94 -23.11
CA ILE A 261 -19.37 -45.64 -24.33
C ILE A 261 -20.60 -46.29 -24.97
N TYR A 262 -21.37 -46.93 -24.09
CA TYR A 262 -22.66 -47.50 -24.42
C TYR A 262 -23.57 -46.46 -24.99
N LEU A 263 -23.56 -45.28 -24.37
CA LEU A 263 -24.46 -44.24 -24.85
C LEU A 263 -24.12 -43.77 -26.28
N GLU A 264 -22.84 -43.54 -26.54
CA GLU A 264 -22.35 -43.19 -27.89
C GLU A 264 -22.86 -44.24 -28.92
N GLY A 265 -22.47 -45.48 -28.67
CA GLY A 265 -22.84 -46.55 -29.60
C GLY A 265 -24.32 -46.61 -29.87
N ILE A 266 -25.12 -46.55 -28.81
CA ILE A 266 -26.55 -46.70 -28.95
C ILE A 266 -27.16 -45.49 -29.68
N GLY A 267 -26.52 -44.33 -29.53
CA GLY A 267 -27.00 -43.16 -30.22
C GLY A 267 -26.90 -43.37 -31.72
N PHE A 268 -25.67 -43.57 -32.19
CA PHE A 268 -25.46 -43.81 -33.61
C PHE A 268 -26.32 -44.96 -34.12
N CYS A 269 -26.34 -46.04 -33.36
CA CYS A 269 -27.07 -47.22 -33.78
C CYS A 269 -28.54 -46.93 -33.97
N VAL A 270 -29.17 -46.29 -32.99
CA VAL A 270 -30.60 -46.04 -33.08
C VAL A 270 -30.86 -45.06 -34.21
N LEU A 271 -29.89 -44.21 -34.50
CA LEU A 271 -30.01 -43.36 -35.67
C LEU A 271 -30.05 -44.19 -36.96
N VAL A 272 -29.03 -45.02 -37.18
CA VAL A 272 -28.99 -45.87 -38.37
C VAL A 272 -30.26 -46.71 -38.46
N PHE A 273 -30.66 -47.34 -37.36
CA PHE A 273 -31.91 -48.09 -37.32
C PHE A 273 -33.09 -47.25 -37.76
N ILE A 274 -33.13 -45.99 -37.32
CA ILE A 274 -34.20 -45.11 -37.76
C ILE A 274 -34.21 -44.88 -39.27
N VAL A 275 -33.04 -44.65 -39.86
CA VAL A 275 -33.02 -44.50 -41.33
C VAL A 275 -33.31 -45.84 -42.09
N VAL A 276 -32.78 -46.97 -41.63
CA VAL A 276 -33.00 -48.30 -42.24
C VAL A 276 -34.43 -48.88 -42.11
N PHE A 277 -35.11 -48.63 -41.00
CA PHE A 277 -36.50 -49.06 -40.87
C PHE A 277 -37.43 -48.06 -41.58
N LEU A 278 -37.04 -46.79 -41.55
CA LEU A 278 -37.79 -45.70 -42.19
C LEU A 278 -37.17 -45.24 -43.52
N VAL A 279 -36.58 -46.19 -44.26
CA VAL A 279 -36.30 -46.06 -45.69
C VAL A 279 -37.01 -47.23 -46.34
N LEU A 280 -37.55 -48.07 -45.49
CA LEU A 280 -38.40 -49.19 -45.87
C LEU A 280 -39.79 -48.70 -46.29
N LYS A 281 -40.11 -47.44 -45.97
CA LYS A 281 -41.39 -46.83 -46.34
C LYS A 281 -41.26 -45.87 -47.54
N ASN A 282 -41.85 -46.24 -48.69
CA ASN A 282 -41.79 -45.44 -49.93
C ASN A 282 -42.01 -43.94 -49.75
N GLU A 283 -41.08 -43.25 -49.10
CA GLU A 283 -41.32 -41.86 -48.72
C GLU A 283 -40.06 -41.00 -48.62
N SER A 284 -38.89 -41.62 -48.69
CA SER A 284 -37.60 -40.92 -48.60
C SER A 284 -37.57 -39.63 -49.42
N ASP A 285 -38.20 -38.58 -48.88
CA ASP A 285 -38.29 -37.30 -49.59
C ASP A 285 -36.93 -36.62 -49.63
N ILE A 286 -35.91 -37.37 -50.02
CA ILE A 286 -34.53 -36.91 -50.03
C ILE A 286 -34.24 -36.10 -48.75
N SER A 287 -34.69 -34.84 -48.69
CA SER A 287 -34.48 -34.00 -47.50
C SER A 287 -35.77 -33.79 -46.70
N GLY A 288 -36.93 -33.94 -47.35
CA GLY A 288 -38.23 -33.78 -46.72
C GLY A 288 -38.54 -34.60 -45.47
N ILE A 289 -38.66 -35.92 -45.61
CA ILE A 289 -38.87 -36.79 -44.46
C ILE A 289 -37.64 -36.71 -43.55
N LEU A 290 -36.49 -36.51 -44.19
CA LEU A 290 -35.19 -36.42 -43.54
C LEU A 290 -35.07 -35.13 -42.71
N SER A 291 -35.93 -34.15 -43.01
CA SER A 291 -36.03 -32.94 -42.19
C SER A 291 -36.42 -33.33 -40.77
N THR A 292 -37.39 -34.24 -40.69
CA THR A 292 -38.07 -34.63 -39.46
C THR A 292 -37.24 -35.37 -38.40
N ILE A 293 -36.04 -35.86 -38.74
CA ILE A 293 -35.20 -36.54 -37.77
C ILE A 293 -34.59 -35.47 -36.89
N SER A 294 -34.13 -34.41 -37.54
CA SER A 294 -33.51 -33.29 -36.87
C SER A 294 -34.36 -32.78 -35.71
N ILE A 295 -35.65 -32.51 -35.98
CA ILE A 295 -36.59 -32.11 -34.94
C ILE A 295 -36.44 -33.04 -33.75
N PHE A 296 -36.68 -34.34 -33.94
CA PHE A 296 -36.58 -35.33 -32.88
C PHE A 296 -35.27 -35.16 -32.11
N VAL A 297 -34.17 -35.03 -32.85
CA VAL A 297 -32.88 -34.85 -32.19
C VAL A 297 -32.93 -33.67 -31.25
N LEU A 298 -33.24 -32.49 -31.82
CA LEU A 298 -33.37 -31.22 -31.09
C LEU A 298 -34.24 -31.40 -29.85
N ALA A 299 -35.47 -31.83 -30.08
CA ALA A 299 -36.47 -32.07 -29.04
C ALA A 299 -35.93 -32.95 -27.94
N LEU A 300 -35.30 -34.08 -28.29
CA LEU A 300 -34.79 -35.04 -27.31
C LEU A 300 -33.77 -34.33 -26.44
N TYR A 301 -32.87 -33.62 -27.10
CA TYR A 301 -31.84 -32.91 -26.37
C TYR A 301 -32.43 -31.81 -25.46
N ARG A 302 -33.49 -31.13 -25.92
CA ARG A 302 -34.16 -30.13 -25.10
C ARG A 302 -34.87 -30.81 -23.92
N LEU A 303 -35.32 -32.03 -24.15
CA LEU A 303 -36.07 -32.74 -23.14
C LEU A 303 -35.10 -33.20 -22.07
N MET A 304 -33.80 -33.28 -22.38
CA MET A 304 -32.87 -33.70 -21.32
C MET A 304 -32.86 -32.75 -20.13
N PRO A 305 -32.61 -31.45 -20.37
CA PRO A 305 -32.67 -30.58 -19.21
C PRO A 305 -34.04 -30.58 -18.58
N SER A 306 -35.10 -30.64 -19.37
CA SER A 306 -36.43 -30.64 -18.76
C SER A 306 -36.51 -31.77 -17.74
N ALA A 307 -35.94 -32.91 -18.10
CA ALA A 307 -35.85 -34.05 -17.19
C ALA A 307 -35.12 -33.66 -15.91
N ASN A 308 -33.90 -33.16 -16.08
CA ASN A 308 -33.12 -32.78 -14.90
C ASN A 308 -33.79 -31.75 -13.99
N ARG A 309 -34.22 -30.63 -14.57
CA ARG A 309 -34.93 -29.60 -13.84
C ARG A 309 -36.15 -30.13 -13.12
N ILE A 310 -36.90 -31.02 -13.78
CA ILE A 310 -38.11 -31.58 -13.18
C ILE A 310 -37.76 -32.44 -11.96
N ILE A 311 -36.68 -33.23 -12.09
CA ILE A 311 -36.22 -34.01 -10.95
C ILE A 311 -35.78 -33.09 -9.82
N THR A 312 -34.77 -32.25 -10.08
CA THR A 312 -34.25 -31.29 -9.10
C THR A 312 -35.33 -30.54 -8.37
N SER A 313 -36.19 -29.86 -9.11
CA SER A 313 -37.24 -29.07 -8.47
C SER A 313 -38.24 -29.94 -7.70
N TYR A 314 -38.56 -31.14 -8.21
CA TYR A 314 -39.41 -32.04 -7.44
C TYR A 314 -38.80 -32.38 -6.09
N HIS A 315 -37.52 -32.72 -6.12
CA HIS A 315 -36.77 -32.95 -4.90
C HIS A 315 -36.79 -31.72 -4.04
N ASP A 316 -36.74 -30.52 -4.64
CA ASP A 316 -36.74 -29.31 -3.83
C ASP A 316 -38.07 -29.07 -3.16
N LEU A 317 -39.15 -29.53 -3.77
CA LEU A 317 -40.41 -29.41 -3.10
C LEU A 317 -40.45 -30.49 -2.04
N LEU A 318 -39.69 -31.56 -2.21
CA LEU A 318 -39.74 -32.57 -1.18
C LEU A 318 -39.00 -32.08 0.05
N TYR A 319 -37.69 -31.93 -0.09
CA TYR A 319 -36.81 -31.58 1.01
C TYR A 319 -37.30 -30.36 1.79
N TYR A 320 -37.77 -29.34 1.08
CA TYR A 320 -38.33 -28.13 1.70
C TYR A 320 -39.86 -28.21 1.90
N HIS A 321 -40.57 -27.21 1.38
CA HIS A 321 -42.04 -27.23 1.29
C HIS A 321 -42.65 -27.75 2.56
N SER A 322 -43.01 -29.01 2.46
CA SER A 322 -43.62 -29.79 3.52
C SER A 322 -43.09 -29.34 4.89
N SER A 323 -41.79 -29.55 5.10
CA SER A 323 -41.15 -29.17 6.35
C SER A 323 -41.24 -27.67 6.62
N LEU A 324 -41.00 -26.87 5.59
CA LEU A 324 -40.86 -25.43 5.79
C LEU A 324 -42.13 -24.63 5.87
N ASN A 325 -43.12 -24.99 5.06
CA ASN A 325 -44.33 -24.18 4.98
C ASN A 325 -45.00 -24.06 6.32
N ILE A 326 -45.13 -25.19 7.02
CA ILE A 326 -45.80 -25.24 8.32
C ILE A 326 -45.12 -24.34 9.35
N ILE A 327 -43.78 -24.43 9.40
CA ILE A 327 -42.93 -23.65 10.32
C ILE A 327 -43.00 -22.16 9.99
N TYR A 328 -44.09 -21.75 9.37
CA TYR A 328 -44.30 -20.36 9.15
C TYR A 328 -45.50 -19.86 9.80
N GLN A 329 -46.60 -20.50 9.48
CA GLN A 329 -47.84 -20.33 10.18
C GLN A 329 -47.49 -20.49 11.67
N ASN A 330 -46.90 -21.64 12.01
CA ASN A 330 -46.52 -21.89 13.39
C ASN A 330 -45.33 -21.05 13.84
N LEU A 331 -45.07 -19.95 13.11
CA LEU A 331 -44.04 -18.98 13.50
C LEU A 331 -44.53 -17.56 13.30
N ARG A 332 -45.76 -17.38 12.85
CA ARG A 332 -46.23 -16.03 12.63
C ARG A 332 -47.69 -15.84 12.91
N GLN A 333 -48.36 -16.93 13.26
CA GLN A 333 -49.64 -16.83 13.94
C GLN A 333 -49.32 -16.90 15.44
N GLU A 334 -48.02 -16.95 15.71
CA GLU A 334 -47.43 -16.80 17.04
C GLU A 334 -47.99 -15.55 17.71
N GLU A 335 -48.27 -15.64 19.01
CA GLU A 335 -48.94 -14.54 19.71
C GLU A 335 -47.94 -13.56 20.31
N GLU A 336 -48.34 -12.29 20.42
CA GLU A 336 -47.44 -11.23 20.88
C GLU A 336 -47.73 -10.83 22.32
N ASN A 337 -47.08 -9.78 22.81
CA ASN A 337 -47.27 -9.30 24.19
C ASN A 337 -48.69 -8.65 24.39
N LEU A 338 -48.79 -7.53 25.10
CA LEU A 338 -50.06 -6.83 25.29
C LEU A 338 -49.86 -5.42 25.86
N GLY A 339 -50.96 -4.71 26.10
CA GLY A 339 -50.95 -3.55 27.00
C GLY A 339 -51.00 -2.16 26.43
N GLU A 340 -51.57 -1.21 27.19
CA GLU A 340 -51.67 0.20 26.78
C GLU A 340 -52.28 1.08 27.85
N GLY A 341 -51.63 2.18 28.21
CA GLY A 341 -52.06 2.92 29.38
C GLY A 341 -50.99 3.09 30.45
N LYS A 342 -51.05 4.21 31.15
CA LYS A 342 -49.88 4.74 31.83
C LYS A 342 -49.73 4.39 33.32
N LEU A 343 -48.65 4.93 33.90
CA LEU A 343 -48.17 4.56 35.22
C LEU A 343 -47.05 5.54 35.63
N SER A 344 -47.19 6.17 36.81
CA SER A 344 -46.32 7.29 37.19
C SER A 344 -45.35 6.95 38.32
N PHE A 345 -44.13 7.49 38.30
CA PHE A 345 -43.09 7.07 39.25
C PHE A 345 -42.43 8.21 40.04
N ASN A 346 -42.98 8.51 41.21
CA ASN A 346 -42.58 9.69 41.99
C ASN A 346 -42.14 9.43 43.42
N GLN A 347 -42.52 8.30 43.97
CA GLN A 347 -42.05 7.96 45.30
C GLN A 347 -41.22 6.69 45.30
N GLU A 348 -41.88 5.53 45.33
CA GLU A 348 -41.12 4.30 45.46
C GLU A 348 -41.53 3.21 44.50
N LEU A 349 -40.56 2.38 44.12
CA LEU A 349 -40.80 1.10 43.47
C LEU A 349 -40.91 0.08 44.59
N LYS A 350 -42.10 -0.43 44.87
CA LYS A 350 -42.24 -1.42 45.94
C LYS A 350 -42.22 -2.79 45.34
N ILE A 351 -41.63 -3.78 46.00
CA ILE A 351 -41.56 -5.07 45.34
C ILE A 351 -42.54 -6.13 45.88
N CYS A 352 -42.39 -6.64 47.10
CA CYS A 352 -43.49 -7.46 47.72
C CYS A 352 -43.71 -8.91 47.32
N ASN A 353 -43.17 -9.84 48.09
CA ASN A 353 -43.53 -11.23 47.94
C ASN A 353 -43.29 -11.83 46.55
N LEU A 354 -42.14 -11.53 45.96
CA LEU A 354 -41.91 -11.74 44.53
C LEU A 354 -42.10 -13.15 43.99
N SER A 355 -41.27 -14.10 44.45
CA SER A 355 -41.27 -15.49 43.91
C SER A 355 -41.19 -15.59 42.36
N PHE A 356 -40.03 -15.95 41.80
CA PHE A 356 -40.00 -16.11 40.34
C PHE A 356 -39.27 -17.33 39.85
N GLY A 357 -39.79 -17.90 38.77
CA GLY A 357 -39.10 -18.94 38.06
C GLY A 357 -39.21 -18.75 36.56
N TYR A 358 -38.19 -19.20 35.86
CA TYR A 358 -38.28 -19.35 34.42
C TYR A 358 -39.15 -20.59 34.18
N GLU A 359 -39.73 -20.69 32.98
CA GLU A 359 -40.72 -21.71 32.66
C GLU A 359 -40.40 -23.16 33.02
N GLY A 360 -39.12 -23.48 33.18
CA GLY A 360 -38.71 -24.84 33.50
C GLY A 360 -39.38 -25.39 34.74
N LYS A 361 -38.88 -25.18 35.97
CA LYS A 361 -37.57 -24.71 36.44
C LYS A 361 -37.88 -24.18 37.83
N LYS A 362 -37.33 -24.83 38.84
CA LYS A 362 -37.46 -24.36 40.22
C LYS A 362 -37.20 -22.85 40.39
N TYR A 363 -37.92 -22.25 41.33
CA TYR A 363 -37.83 -20.80 41.58
C TYR A 363 -36.45 -20.34 42.00
N LEU A 364 -36.14 -19.09 41.74
CA LEU A 364 -34.92 -18.49 42.23
C LEU A 364 -35.15 -17.71 43.53
N PHE A 365 -36.39 -17.31 43.82
CA PHE A 365 -36.63 -16.43 44.96
C PHE A 365 -37.52 -16.94 46.09
N LYS A 366 -38.83 -17.00 45.84
CA LYS A 366 -39.85 -17.06 46.93
C LYS A 366 -39.70 -15.92 47.96
N ASN A 367 -40.73 -15.07 47.97
CA ASN A 367 -40.94 -14.00 48.94
C ASN A 367 -39.91 -12.88 48.97
N LEU A 368 -39.28 -12.60 47.84
CA LEU A 368 -38.42 -11.43 47.72
C LEU A 368 -39.22 -10.21 48.12
N ASN A 369 -38.56 -9.28 48.80
CA ASN A 369 -39.20 -8.11 49.37
C ASN A 369 -38.22 -6.97 49.41
N LEU A 370 -38.50 -5.86 48.76
CA LEU A 370 -37.67 -4.67 48.93
C LEU A 370 -38.37 -3.49 48.36
N ASN A 371 -37.87 -2.29 48.61
CA ASN A 371 -38.30 -1.19 47.78
C ASN A 371 -37.25 -0.10 47.57
N ILE A 372 -37.44 0.64 46.49
CA ILE A 372 -36.46 1.57 45.99
C ILE A 372 -37.06 2.98 46.06
N LYS A 373 -36.50 3.85 46.90
CA LYS A 373 -36.91 5.26 46.92
C LYS A 373 -36.47 5.90 45.62
N LYS A 374 -37.29 6.78 45.04
CA LYS A 374 -36.93 7.41 43.77
C LYS A 374 -35.65 8.23 43.88
N GLY A 375 -34.62 7.77 43.19
CA GLY A 375 -33.34 8.44 43.17
C GLY A 375 -32.27 7.59 43.83
N GLU A 376 -32.66 6.41 44.29
CA GLU A 376 -31.86 5.75 45.29
C GLU A 376 -30.51 5.22 44.87
N LYS A 377 -30.28 4.92 43.60
CA LYS A 377 -28.98 4.32 43.23
C LYS A 377 -28.62 3.10 44.07
N ILE A 378 -29.22 1.97 43.75
CA ILE A 378 -28.98 0.76 44.53
C ILE A 378 -28.19 -0.24 43.70
N ALA A 379 -27.56 -1.24 44.34
CA ALA A 379 -26.76 -2.21 43.61
C ALA A 379 -27.08 -3.65 44.02
N PHE A 380 -27.02 -4.58 43.08
CA PHE A 380 -27.26 -5.99 43.39
C PHE A 380 -25.99 -6.82 43.30
N ILE A 381 -25.47 -7.05 44.49
CA ILE A 381 -24.43 -8.00 44.80
C ILE A 381 -24.96 -9.43 44.73
N GLY A 382 -24.22 -10.34 44.16
CA GLY A 382 -24.69 -11.72 44.16
C GLY A 382 -23.64 -12.63 43.62
N GLU A 383 -23.89 -13.93 43.63
CA GLU A 383 -22.83 -14.85 43.23
C GLU A 383 -22.95 -15.18 41.75
N SER A 384 -23.42 -14.18 40.99
CA SER A 384 -23.34 -14.15 39.53
C SER A 384 -24.05 -15.37 38.96
N GLY A 385 -25.32 -15.18 38.59
CA GLY A 385 -26.17 -16.31 38.26
C GLY A 385 -26.76 -16.80 39.57
N CYS A 386 -26.66 -15.97 40.60
CA CYS A 386 -27.34 -16.23 41.85
C CYS A 386 -28.80 -15.77 41.78
N GLY A 387 -29.12 -14.99 40.74
CA GLY A 387 -30.49 -14.58 40.44
C GLY A 387 -30.66 -13.07 40.26
N LYS A 388 -29.60 -12.33 40.53
CA LYS A 388 -29.67 -10.88 40.55
C LYS A 388 -30.04 -10.31 39.21
N SER A 389 -29.53 -10.92 38.16
CA SER A 389 -29.84 -10.44 36.83
C SER A 389 -31.35 -10.66 36.55
N THR A 390 -31.84 -11.87 36.81
CA THR A 390 -33.28 -12.20 36.76
C THR A 390 -34.13 -11.25 37.63
N LEU A 391 -33.64 -10.93 38.82
CA LEU A 391 -34.34 -9.99 39.71
C LEU A 391 -34.52 -8.63 39.03
N VAL A 392 -33.42 -8.08 38.53
CA VAL A 392 -33.51 -6.82 37.82
C VAL A 392 -34.50 -6.96 36.68
N ASP A 393 -34.41 -8.07 35.94
CA ASP A 393 -35.31 -8.28 34.81
C ASP A 393 -36.75 -8.18 35.26
N LEU A 394 -37.05 -8.56 36.49
CA LEU A 394 -38.40 -8.42 37.01
C LEU A 394 -38.75 -7.00 37.44
N ILE A 395 -37.83 -6.32 38.13
CA ILE A 395 -38.03 -4.91 38.58
C ILE A 395 -38.27 -3.98 37.39
N ILE A 396 -37.47 -4.11 36.33
CA ILE A 396 -37.84 -3.41 35.09
C ILE A 396 -38.99 -4.17 34.44
N GLY A 397 -39.45 -3.74 33.29
CA GLY A 397 -40.70 -4.33 32.80
C GLY A 397 -40.81 -5.84 32.54
N LEU A 398 -39.82 -6.41 31.86
CA LEU A 398 -39.81 -7.78 31.37
C LEU A 398 -40.00 -8.80 32.47
N LEU A 399 -40.37 -10.03 32.13
CA LEU A 399 -40.61 -11.13 33.13
C LEU A 399 -41.84 -10.95 34.05
N LYS A 400 -42.80 -11.87 33.96
CA LYS A 400 -43.96 -11.83 34.84
C LYS A 400 -43.72 -12.65 36.10
N PRO A 401 -43.83 -12.00 37.26
CA PRO A 401 -43.66 -12.69 38.53
C PRO A 401 -44.65 -13.82 38.72
N LYS A 402 -44.13 -14.93 39.22
CA LYS A 402 -44.93 -16.11 39.50
C LYS A 402 -45.90 -15.88 40.66
N GLU A 403 -45.54 -15.01 41.59
CA GLU A 403 -46.39 -14.79 42.76
C GLU A 403 -46.38 -13.39 43.36
N GLY A 404 -45.37 -12.57 43.05
CA GLY A 404 -45.27 -11.26 43.71
C GLY A 404 -46.13 -10.12 43.20
N GLN A 405 -45.73 -8.88 43.44
CA GLN A 405 -46.43 -7.78 42.80
C GLN A 405 -45.58 -6.78 42.01
N ILE A 406 -44.61 -6.14 42.66
CA ILE A 406 -43.93 -4.94 42.07
C ILE A 406 -44.88 -3.76 41.82
N LEU A 407 -44.95 -2.85 42.80
CA LEU A 407 -45.82 -1.68 42.70
C LEU A 407 -45.03 -0.43 42.38
N ILE A 408 -45.61 0.43 41.55
CA ILE A 408 -45.01 1.72 41.25
C ILE A 408 -45.89 2.88 41.74
N ASP A 409 -45.48 3.46 42.86
CA ASP A 409 -46.30 4.39 43.63
C ASP A 409 -47.64 3.76 44.06
N LYS A 410 -47.52 2.65 44.79
CA LYS A 410 -48.62 1.87 45.38
C LYS A 410 -49.55 1.25 44.32
N GLN A 411 -49.19 1.46 43.04
CA GLN A 411 -49.92 0.97 41.88
C GLN A 411 -49.24 -0.19 41.16
N GLU A 412 -50.00 -1.24 40.87
CA GLU A 412 -49.44 -2.47 40.33
C GLU A 412 -48.94 -2.34 38.91
N LEU A 413 -47.72 -2.82 38.66
CA LEU A 413 -47.19 -2.95 37.31
C LEU A 413 -47.78 -4.20 36.70
N ASN A 414 -48.36 -4.07 35.53
CA ASN A 414 -48.90 -5.23 34.82
C ASN A 414 -49.04 -5.04 33.30
N ALA A 415 -49.74 -5.99 32.70
CA ALA A 415 -49.92 -6.00 31.26
C ALA A 415 -50.44 -4.66 30.74
N SER A 416 -51.39 -4.08 31.48
CA SER A 416 -52.02 -2.83 31.06
C SER A 416 -51.03 -1.67 31.03
N ASN A 417 -50.10 -1.63 31.98
CA ASN A 417 -49.18 -0.49 32.03
C ASN A 417 -47.71 -0.75 31.66
N ALA A 418 -47.36 -2.00 31.36
CA ALA A 418 -45.94 -2.37 31.15
C ALA A 418 -45.18 -1.55 30.10
N LYS A 419 -45.85 -1.19 29.01
CA LYS A 419 -45.27 -0.34 27.96
C LYS A 419 -44.68 0.95 28.49
N ASN A 420 -45.49 1.69 29.22
CA ASN A 420 -45.07 2.99 29.70
C ASN A 420 -43.99 2.84 30.74
N TYR A 421 -43.99 1.69 31.41
CA TYR A 421 -43.00 1.47 32.46
C TYR A 421 -41.67 1.17 31.80
N ARG A 422 -41.67 0.19 30.92
CA ARG A 422 -40.49 -0.17 30.15
C ARG A 422 -39.91 1.09 29.53
N GLN A 423 -40.81 1.96 29.10
CA GLN A 423 -40.40 3.15 28.40
C GLN A 423 -39.53 4.05 29.24
N LYS A 424 -39.59 3.90 30.56
CA LYS A 424 -38.85 4.83 31.39
C LYS A 424 -37.59 4.23 32.01
N ILE A 425 -37.04 3.17 31.41
CA ILE A 425 -35.72 2.71 31.85
C ILE A 425 -34.68 2.60 30.73
N GLY A 426 -33.55 3.29 30.92
CA GLY A 426 -32.40 3.15 30.03
C GLY A 426 -31.69 1.86 30.36
N TYR A 427 -30.68 1.44 29.60
CA TYR A 427 -30.20 0.11 29.90
C TYR A 427 -28.70 -0.08 30.10
N ILE A 428 -27.84 0.43 29.22
CA ILE A 428 -26.39 0.38 29.49
C ILE A 428 -25.83 -1.00 29.90
N PRO A 429 -25.54 -1.90 28.94
CA PRO A 429 -25.08 -3.26 29.25
C PRO A 429 -23.55 -3.50 29.38
N GLN A 430 -22.74 -2.45 29.41
CA GLN A 430 -21.29 -2.62 29.58
C GLN A 430 -20.65 -3.46 28.46
N ASN A 431 -20.99 -4.74 28.35
CA ASN A 431 -20.54 -5.46 27.15
C ASN A 431 -21.63 -5.37 26.08
N ILE A 432 -21.46 -4.38 25.19
CA ILE A 432 -22.52 -3.92 24.31
C ILE A 432 -22.30 -4.31 22.85
N TYR A 433 -23.39 -4.62 22.16
CA TYR A 433 -23.36 -4.93 20.74
C TYR A 433 -23.83 -3.74 19.91
N LEU A 434 -22.88 -3.12 19.24
CA LEU A 434 -23.19 -2.04 18.31
C LEU A 434 -23.47 -2.62 16.93
N PHE A 435 -24.11 -1.84 16.08
CA PHE A 435 -24.19 -2.27 14.71
C PHE A 435 -23.40 -1.31 13.89
N ASN A 436 -23.08 -1.78 12.70
CA ASN A 436 -22.18 -1.17 11.76
C ASN A 436 -22.75 0.11 11.20
N ASP A 437 -22.57 1.23 11.89
CA ASP A 437 -23.19 2.44 11.42
C ASP A 437 -22.71 3.73 12.07
N SER A 438 -23.39 4.80 11.70
CA SER A 438 -22.97 6.17 11.94
C SER A 438 -23.26 6.58 13.35
N ILE A 439 -22.55 6.00 14.31
CA ILE A 439 -22.57 6.34 15.74
C ILE A 439 -23.79 7.18 16.25
N ALA A 440 -24.25 8.19 15.51
CA ALA A 440 -25.56 8.84 15.79
C ALA A 440 -26.63 7.75 15.95
N LYS A 441 -26.78 6.96 14.92
CA LYS A 441 -27.26 5.61 15.09
C LYS A 441 -25.95 4.81 15.03
N ASN A 442 -25.54 4.08 16.07
CA ASN A 442 -26.32 3.54 17.16
C ASN A 442 -27.10 4.50 18.06
N ILE A 443 -26.40 5.23 18.93
CA ILE A 443 -27.02 6.15 19.92
C ILE A 443 -28.55 6.44 19.83
N THR A 444 -29.09 6.77 18.67
CA THR A 444 -30.53 6.94 18.58
C THR A 444 -31.28 5.62 18.49
N PHE A 445 -30.54 4.54 18.18
CA PHE A 445 -31.07 3.19 17.97
C PHE A 445 -31.96 3.12 16.75
N GLY A 446 -31.57 3.82 15.69
CA GLY A 446 -32.34 3.87 14.46
C GLY A 446 -33.23 5.09 14.39
N ASP A 447 -34.07 5.25 15.41
CA ASP A 447 -35.12 6.27 15.45
C ASP A 447 -34.71 7.66 15.01
N ALA A 448 -34.55 7.83 13.70
CA ALA A 448 -34.14 9.11 13.13
C ALA A 448 -32.93 9.67 13.85
N VAL A 449 -32.91 10.99 14.00
CA VAL A 449 -32.01 11.66 14.93
C VAL A 449 -32.85 12.74 15.59
N ASP A 450 -32.20 13.63 16.31
CA ASP A 450 -32.88 14.76 16.93
C ASP A 450 -31.86 15.85 17.11
N GLU A 451 -30.66 15.55 16.61
CA GLU A 451 -29.46 16.39 16.70
C GLU A 451 -29.29 17.10 18.04
N GLU A 452 -30.21 18.01 18.38
CA GLU A 452 -30.14 18.71 19.65
C GLU A 452 -30.12 17.70 20.77
N LYS A 453 -31.12 16.81 20.83
CA LYS A 453 -31.13 15.78 21.86
C LYS A 453 -29.89 14.88 21.72
N LEU A 454 -29.51 14.56 20.48
CA LEU A 454 -28.33 13.75 20.21
C LEU A 454 -27.04 14.41 20.69
N ASN A 455 -26.85 15.68 20.38
CA ASN A 455 -25.65 16.37 20.81
C ASN A 455 -25.59 16.50 22.34
N LYS A 456 -26.72 16.88 22.94
CA LYS A 456 -26.81 17.04 24.39
C LYS A 456 -26.49 15.72 25.08
N VAL A 457 -27.05 14.66 24.54
CA VAL A 457 -26.79 13.33 25.07
C VAL A 457 -25.33 12.93 24.91
N ILE A 458 -24.72 13.28 23.78
CA ILE A 458 -23.32 12.93 23.56
C ILE A 458 -22.46 13.64 24.59
N LYS A 459 -22.83 14.88 24.90
CA LYS A 459 -22.11 15.66 25.91
C LYS A 459 -22.27 15.03 27.30
N GLN A 460 -23.49 14.59 27.63
CA GLN A 460 -23.81 13.93 28.90
C GLN A 460 -22.91 12.72 29.16
N ALA A 461 -22.74 11.89 28.15
CA ALA A 461 -21.95 10.67 28.25
C ALA A 461 -20.48 10.95 27.97
N ASN A 462 -20.10 12.21 28.11
CA ASN A 462 -18.75 12.72 27.81
C ASN A 462 -18.06 12.01 26.65
N LEU A 463 -18.54 12.25 25.43
CA LEU A 463 -17.92 11.68 24.28
C LEU A 463 -17.31 12.77 23.39
N GLU A 464 -17.39 14.02 23.85
CA GLU A 464 -16.99 15.18 23.05
C GLU A 464 -15.52 15.20 22.55
N HIS A 465 -14.56 14.86 23.41
CA HIS A 465 -13.16 14.83 22.98
C HIS A 465 -12.82 13.64 22.10
N PHE A 466 -13.81 12.78 21.90
CA PHE A 466 -13.67 11.64 21.00
C PHE A 466 -14.19 12.04 19.63
N ILE A 467 -15.32 12.76 19.61
CA ILE A 467 -15.96 13.17 18.37
C ILE A 467 -15.22 14.37 17.77
N LYS A 468 -14.27 14.91 18.51
CA LYS A 468 -13.40 15.96 17.99
C LYS A 468 -12.32 15.37 17.09
N ASN A 469 -11.70 14.30 17.57
CA ASN A 469 -10.59 13.63 16.89
C ASN A 469 -11.01 12.54 15.90
N LEU A 470 -12.26 12.61 15.45
CA LEU A 470 -12.80 11.70 14.43
C LEU A 470 -12.96 12.35 13.07
N PRO A 471 -12.65 11.60 12.00
CA PRO A 471 -12.78 12.08 10.62
C PRO A 471 -14.22 12.51 10.32
N GLN A 472 -15.11 11.56 10.01
CA GLN A 472 -16.51 11.88 9.77
C GLN A 472 -17.22 12.34 11.05
N GLY A 473 -16.71 11.91 12.20
CA GLY A 473 -17.25 12.36 13.47
C GLY A 473 -18.49 11.62 13.93
N VAL A 474 -19.61 12.34 14.02
CA VAL A 474 -20.86 11.75 14.49
C VAL A 474 -21.50 10.82 13.45
N GLN A 475 -20.96 10.85 12.23
CA GLN A 475 -21.50 10.04 11.17
C GLN A 475 -20.56 8.89 10.82
N THR A 476 -19.54 8.71 11.67
CA THR A 476 -18.55 7.66 11.47
C THR A 476 -19.14 6.27 11.61
N LYS A 477 -18.95 5.42 10.62
CA LYS A 477 -19.37 4.04 10.82
C LYS A 477 -18.48 3.48 11.91
N VAL A 478 -19.08 2.75 12.84
CA VAL A 478 -18.31 2.22 13.94
C VAL A 478 -17.81 0.81 13.68
N GLY A 479 -18.04 0.29 12.47
CA GLY A 479 -17.31 -0.88 12.01
C GLY A 479 -17.69 -2.17 12.71
N ASP A 480 -18.73 -2.84 12.25
CA ASP A 480 -19.20 -4.01 12.98
C ASP A 480 -19.52 -3.45 14.37
N GLY A 481 -19.16 -4.15 15.44
CA GLY A 481 -19.22 -3.57 16.78
C GLY A 481 -18.09 -2.58 16.98
N GLY A 482 -16.94 -2.90 16.39
CA GLY A 482 -15.72 -2.17 16.60
C GLY A 482 -14.73 -3.27 16.99
N SER A 483 -13.65 -3.53 16.23
CA SER A 483 -13.18 -2.78 15.07
C SER A 483 -13.00 -1.30 15.42
N ASN A 484 -13.78 -0.42 14.78
CA ASN A 484 -13.51 1.01 14.85
C ASN A 484 -13.47 1.57 16.29
N LEU A 485 -14.03 0.84 17.24
CA LEU A 485 -14.14 1.33 18.61
C LEU A 485 -13.44 0.47 19.67
N SER A 486 -12.91 1.11 20.71
CA SER A 486 -12.34 0.38 21.86
C SER A 486 -13.23 0.51 23.08
N GLY A 487 -13.15 -0.47 23.96
CA GLY A 487 -14.09 -0.67 25.06
C GLY A 487 -14.70 0.55 25.70
N GLY A 488 -13.87 1.56 25.95
CA GLY A 488 -14.31 2.78 26.60
C GLY A 488 -15.37 3.53 25.81
N GLN A 489 -15.13 3.68 24.51
CA GLN A 489 -16.08 4.35 23.63
C GLN A 489 -17.36 3.54 23.47
N LYS A 490 -17.24 2.22 23.34
CA LYS A 490 -18.41 1.34 23.33
C LYS A 490 -19.28 1.59 24.57
N GLN A 491 -18.65 1.55 25.74
CA GLN A 491 -19.33 1.80 27.01
C GLN A 491 -20.02 3.16 27.05
N ARG A 492 -19.31 4.21 26.62
CA ARG A 492 -19.88 5.54 26.65
C ARG A 492 -21.00 5.74 25.64
N ILE A 493 -20.84 5.15 24.45
CA ILE A 493 -21.85 5.21 23.42
C ILE A 493 -23.08 4.49 23.92
N ALA A 494 -22.88 3.41 24.68
CA ALA A 494 -24.01 2.67 25.27
C ALA A 494 -24.73 3.57 26.25
N ILE A 495 -23.96 4.25 27.09
CA ILE A 495 -24.49 5.24 28.04
C ILE A 495 -25.29 6.33 27.32
N ALA A 496 -24.80 6.73 26.15
CA ALA A 496 -25.46 7.74 25.33
C ALA A 496 -26.80 7.22 24.84
N ARG A 497 -26.74 6.07 24.20
CA ARG A 497 -27.89 5.39 23.68
C ARG A 497 -28.96 5.35 24.76
N ALA A 498 -28.54 5.03 25.97
CA ALA A 498 -29.46 4.96 27.10
C ALA A 498 -30.03 6.31 27.46
N LEU A 499 -29.16 7.30 27.57
CA LEU A 499 -29.57 8.64 27.92
C LEU A 499 -30.44 9.29 26.84
N TYR A 500 -30.48 8.68 25.66
CA TYR A 500 -31.22 9.21 24.54
C TYR A 500 -32.71 8.93 24.72
N LEU A 501 -33.03 7.81 25.35
CA LEU A 501 -34.40 7.50 25.74
C LEU A 501 -34.71 8.43 26.90
N GLU A 502 -33.62 8.79 27.58
CA GLU A 502 -33.56 9.60 28.78
C GLU A 502 -33.92 8.80 30.05
N PRO A 503 -35.13 8.98 30.59
CA PRO A 503 -35.25 8.84 32.04
C PRO A 503 -35.48 7.37 32.44
N GLU A 504 -35.97 7.03 33.64
CA GLU A 504 -35.89 7.83 34.87
C GLU A 504 -35.14 6.88 35.78
N ILE A 505 -35.10 5.65 35.30
CA ILE A 505 -34.37 4.58 35.92
C ILE A 505 -33.26 4.12 35.01
N LEU A 506 -32.01 4.24 35.44
CA LEU A 506 -30.90 3.69 34.68
C LEU A 506 -30.62 2.31 35.26
N VAL A 507 -30.65 1.28 34.42
CA VAL A 507 -30.07 0.01 34.83
C VAL A 507 -28.65 0.00 34.30
N LEU A 508 -27.70 -0.54 35.08
CA LEU A 508 -26.34 -0.73 34.58
C LEU A 508 -25.94 -2.18 34.80
N ASP A 509 -25.85 -2.94 33.73
CA ASP A 509 -25.53 -4.36 33.80
C ASP A 509 -24.05 -4.56 33.52
N GLN A 510 -23.22 -4.49 34.56
CA GLN A 510 -21.77 -4.63 34.37
C GLN A 510 -21.40 -6.07 34.08
N ALA A 511 -20.46 -6.25 33.16
CA ALA A 511 -20.01 -7.57 32.75
C ALA A 511 -19.10 -8.14 33.80
N THR A 512 -18.75 -9.41 33.65
CA THR A 512 -17.84 -10.03 34.60
C THR A 512 -16.42 -9.74 34.11
N SER A 513 -15.62 -9.11 34.96
CA SER A 513 -14.25 -8.69 34.63
C SER A 513 -14.20 -7.51 33.64
N ALA A 514 -13.27 -6.59 33.90
CA ALA A 514 -13.03 -5.41 33.05
C ALA A 514 -11.51 -5.22 32.99
N LEU A 515 -10.85 -5.65 34.07
CA LEU A 515 -9.39 -5.72 34.19
C LEU A 515 -8.61 -4.47 33.75
N ASP A 516 -8.62 -3.43 34.57
CA ASP A 516 -9.30 -3.46 35.86
C ASP A 516 -9.86 -2.08 36.20
N THR A 517 -9.49 -1.63 37.39
CA THR A 517 -9.99 -0.40 37.96
C THR A 517 -9.76 0.83 37.08
N GLN A 518 -8.64 0.85 36.36
CA GLN A 518 -8.26 2.06 35.62
C GLN A 518 -9.42 2.62 34.81
N SER A 519 -9.96 1.82 33.90
CA SER A 519 -11.06 2.27 33.06
C SER A 519 -12.42 2.27 33.78
N GLU A 520 -12.72 1.14 34.41
CA GLU A 520 -14.05 0.91 34.98
C GLU A 520 -14.40 1.85 36.14
N ALA A 521 -13.42 2.16 36.98
CA ALA A 521 -13.66 3.10 38.07
C ALA A 521 -14.03 4.45 37.47
N LYS A 522 -13.29 4.83 36.44
CA LYS A 522 -13.54 6.09 35.75
C LYS A 522 -14.98 6.14 35.21
N ILE A 523 -15.37 5.13 34.45
CA ILE A 523 -16.71 5.13 33.86
C ILE A 523 -17.79 5.05 34.96
N MET A 524 -17.52 4.29 36.02
CA MET A 524 -18.45 4.23 37.14
C MET A 524 -18.71 5.60 37.70
N ASP A 525 -17.65 6.37 37.93
CA ASP A 525 -17.83 7.72 38.45
C ASP A 525 -18.61 8.61 37.49
N GLU A 526 -18.33 8.50 36.19
CA GLU A 526 -19.08 9.30 35.20
C GLU A 526 -20.56 8.98 35.27
N ILE A 527 -20.84 7.68 35.37
CA ILE A 527 -22.20 7.18 35.48
C ILE A 527 -22.89 7.68 36.76
N TYR A 528 -22.19 7.63 37.88
CA TYR A 528 -22.78 8.12 39.13
C TYR A 528 -23.10 9.58 39.02
N LYS A 529 -22.22 10.35 38.39
CA LYS A 529 -22.52 11.76 38.24
C LYS A 529 -23.80 11.92 37.43
N ILE A 530 -23.91 11.20 36.31
CA ILE A 530 -25.06 11.41 35.44
C ILE A 530 -26.31 10.72 35.97
N SER A 531 -26.19 10.01 37.07
CA SER A 531 -27.39 9.38 37.60
C SER A 531 -27.95 10.14 38.80
N LYS A 532 -27.54 11.39 38.97
CA LYS A 532 -27.99 12.15 40.13
C LYS A 532 -29.48 12.48 40.12
N ASP A 533 -29.97 13.02 39.01
CA ASP A 533 -31.37 13.42 38.94
C ASP A 533 -32.25 12.22 38.61
N LYS A 534 -31.61 11.07 38.50
CA LYS A 534 -32.30 9.82 38.15
C LYS A 534 -32.23 8.85 39.31
N THR A 535 -32.85 7.69 39.13
CA THR A 535 -32.73 6.59 40.09
C THR A 535 -32.02 5.48 39.36
N MET A 536 -31.17 4.71 40.03
CA MET A 536 -30.33 3.77 39.28
C MET A 536 -30.19 2.39 39.90
N ILE A 537 -30.32 1.36 39.07
CA ILE A 537 -30.08 0.00 39.53
C ILE A 537 -28.82 -0.55 38.91
N ILE A 538 -27.90 -1.07 39.72
CA ILE A 538 -26.64 -1.63 39.21
C ILE A 538 -26.54 -3.13 39.47
N ILE A 539 -26.42 -3.90 38.41
CA ILE A 539 -26.23 -5.33 38.55
C ILE A 539 -24.74 -5.61 38.68
N ALA A 540 -24.21 -5.29 39.86
CA ALA A 540 -22.78 -5.31 40.14
C ALA A 540 -22.22 -6.71 40.23
N HIS A 541 -21.06 -6.95 39.62
CA HIS A 541 -20.49 -8.29 39.60
C HIS A 541 -19.33 -8.37 40.55
N ARG A 542 -18.94 -7.23 41.08
CA ARG A 542 -17.82 -7.23 42.01
C ARG A 542 -18.25 -6.86 43.42
N LEU A 543 -18.22 -5.55 43.63
CA LEU A 543 -18.20 -4.84 44.90
C LEU A 543 -17.30 -3.72 44.49
N SER A 544 -16.84 -2.91 45.42
CA SER A 544 -15.77 -1.95 45.13
C SER A 544 -16.04 -0.98 43.98
N THR A 545 -17.17 -1.14 43.32
CA THR A 545 -17.55 -0.30 42.19
C THR A 545 -18.83 0.37 42.56
N ILE A 546 -19.38 -0.09 43.68
CA ILE A 546 -20.69 0.30 44.19
C ILE A 546 -20.57 1.02 45.53
N THR A 547 -19.49 1.78 45.69
CA THR A 547 -19.24 2.54 46.92
C THR A 547 -20.27 3.65 47.13
N GLN A 548 -20.68 4.27 46.03
CA GLN A 548 -21.53 5.48 46.04
C GLN A 548 -23.02 5.16 45.98
N CYS A 549 -23.35 3.89 46.22
CA CYS A 549 -24.74 3.44 46.23
C CYS A 549 -25.38 3.66 47.59
N ASP A 550 -26.63 4.11 47.59
CA ASP A 550 -27.38 4.35 48.82
C ASP A 550 -27.75 3.03 49.47
N LYS A 551 -28.08 2.06 48.64
CA LYS A 551 -28.42 0.75 49.15
C LYS A 551 -27.69 -0.31 48.34
N VAL A 552 -27.33 -1.40 49.00
CA VAL A 552 -26.75 -2.55 48.32
C VAL A 552 -27.40 -3.85 48.79
N TYR A 553 -28.00 -4.62 47.90
CA TYR A 553 -28.54 -5.88 48.36
C TYR A 553 -27.73 -7.02 47.79
N ARG A 554 -27.41 -7.99 48.62
CA ARG A 554 -26.76 -9.21 48.18
C ARG A 554 -27.83 -10.27 48.13
N LEU A 555 -27.96 -10.92 46.99
CA LEU A 555 -28.94 -11.96 46.86
C LEU A 555 -28.27 -13.30 46.75
N GLU A 556 -28.36 -14.16 47.77
CA GLU A 556 -27.84 -15.51 47.54
C GLU A 556 -28.73 -16.67 47.99
N HIS A 557 -28.87 -17.58 47.01
CA HIS A 557 -29.64 -18.83 47.02
C HIS A 557 -30.40 -19.17 48.29
N GLY A 558 -31.61 -18.67 48.40
CA GLY A 558 -32.18 -17.72 47.44
C GLY A 558 -32.94 -16.63 48.21
N LYS A 559 -32.20 -15.96 49.10
CA LYS A 559 -32.78 -14.88 49.87
C LYS A 559 -32.06 -13.58 49.58
N LEU A 560 -32.72 -12.46 49.88
CA LEU A 560 -32.12 -11.15 49.68
C LEU A 560 -31.79 -10.50 51.01
N LYS A 561 -30.50 -10.22 51.22
CA LYS A 561 -30.02 -9.56 52.44
C LYS A 561 -29.51 -8.17 52.08
N GLU A 562 -29.72 -7.20 52.93
CA GLU A 562 -29.13 -5.89 52.71
C GLU A 562 -27.71 -5.82 53.28
N GLU A 563 -26.78 -5.18 52.58
CA GLU A 563 -25.43 -5.09 53.12
C GLU A 563 -25.15 -3.73 53.76
N LYS A 564 -25.15 -2.70 52.94
CA LYS A 564 -25.03 -1.32 53.40
C LYS A 564 -26.38 -0.84 53.92
N MET B 1 -8.75 53.05 11.63
CA MET B 1 -7.96 51.83 11.52
C MET B 1 -8.09 50.91 12.74
N VAL B 2 -8.81 51.36 13.76
CA VAL B 2 -9.16 50.50 14.88
C VAL B 2 -10.60 50.04 14.70
N LYS B 3 -11.36 50.93 14.06
CA LYS B 3 -12.75 50.67 13.68
C LYS B 3 -12.80 49.49 12.74
N LYS B 4 -11.87 49.51 11.79
CA LYS B 4 -11.64 48.40 10.88
C LYS B 4 -11.52 47.09 11.64
N LEU B 5 -10.55 47.02 12.53
CA LEU B 5 -10.20 45.78 13.22
C LEU B 5 -11.40 45.18 13.94
N PHE B 6 -12.21 46.00 14.59
CA PHE B 6 -13.36 45.43 15.31
C PHE B 6 -14.55 45.19 14.39
N PHE B 7 -14.51 45.76 13.18
CA PHE B 7 -15.49 45.39 12.17
C PHE B 7 -15.20 43.99 11.61
N ILE B 8 -13.94 43.71 11.35
CA ILE B 8 -13.50 42.41 10.84
C ILE B 8 -13.62 41.30 11.90
N LEU B 9 -13.22 41.60 13.13
CA LEU B 9 -13.33 40.63 14.24
C LEU B 9 -14.77 40.50 14.70
N SER B 10 -15.19 39.30 15.11
CA SER B 10 -16.55 39.10 15.64
C SER B 10 -16.69 39.59 17.10
N LYS B 11 -17.68 39.08 17.83
CA LYS B 11 -17.76 39.43 19.25
C LYS B 11 -16.88 38.50 20.07
N GLU B 12 -17.07 37.19 19.88
CA GLU B 12 -16.27 36.17 20.53
C GLU B 12 -14.79 36.39 20.26
N ASP B 13 -14.50 36.86 19.05
CA ASP B 13 -13.14 37.23 18.69
C ASP B 13 -12.62 38.35 19.59
N LYS B 14 -13.42 39.41 19.76
CA LYS B 14 -13.01 40.52 20.62
C LYS B 14 -12.73 40.02 22.03
N ASN B 15 -13.68 39.26 22.56
CA ASN B 15 -13.53 38.67 23.90
C ASN B 15 -12.28 37.83 24.07
N PHE B 16 -12.12 36.86 23.18
CA PHE B 16 -10.95 36.01 23.13
C PHE B 16 -9.69 36.86 23.13
N LEU B 17 -9.76 37.96 22.40
CA LEU B 17 -8.62 38.87 22.27
C LEU B 17 -8.32 39.48 23.64
N PHE B 18 -9.33 40.01 24.33
CA PHE B 18 -9.07 40.65 25.60
C PHE B 18 -8.56 39.64 26.63
N PHE B 19 -9.15 38.45 26.60
CA PHE B 19 -8.68 37.36 27.42
C PHE B 19 -7.18 37.20 27.19
N LEU B 20 -6.80 37.12 25.92
CA LEU B 20 -5.40 36.92 25.54
C LEU B 20 -4.52 38.09 26.00
N LEU B 21 -5.06 39.30 26.06
CA LEU B 21 -4.32 40.42 26.63
C LEU B 21 -4.00 40.20 28.09
N VAL B 22 -5.06 40.09 28.87
CA VAL B 22 -4.93 39.86 30.29
C VAL B 22 -3.90 38.75 30.53
N PHE B 23 -4.13 37.60 29.88
CA PHE B 23 -3.26 36.42 29.96
C PHE B 23 -1.79 36.79 29.66
N SER B 24 -1.58 37.60 28.63
CA SER B 24 -0.22 38.02 28.28
C SER B 24 0.43 38.66 29.50
N VAL B 25 -0.29 39.59 30.13
CA VAL B 25 0.25 40.27 31.30
C VAL B 25 0.47 39.29 32.46
N PHE B 26 -0.49 38.40 32.68
CA PHE B 26 -0.33 37.39 33.71
C PHE B 26 0.96 36.56 33.51
N VAL B 27 1.31 36.22 32.26
CA VAL B 27 2.55 35.48 32.11
C VAL B 27 3.72 36.42 32.31
N SER B 28 3.56 37.73 32.11
CA SER B 28 4.67 38.63 32.46
C SER B 28 5.01 38.49 33.93
N PHE B 29 3.96 38.47 34.76
CA PHE B 29 4.15 38.20 36.19
C PHE B 29 4.78 36.83 36.46
N ILE B 30 4.20 35.74 35.97
CA ILE B 30 4.78 34.43 36.26
C ILE B 30 6.23 34.34 35.76
N GLU B 31 6.56 35.05 34.70
CA GLU B 31 7.93 35.09 34.23
C GLU B 31 8.84 35.77 35.23
N THR B 32 8.47 36.97 35.66
CA THR B 32 9.34 37.65 36.64
C THR B 32 9.40 36.91 37.98
N PHE B 33 8.31 36.27 38.38
CA PHE B 33 8.32 35.40 39.53
C PHE B 33 9.40 34.36 39.36
N ALA B 34 9.33 33.63 38.25
CA ALA B 34 10.37 32.63 37.95
C ALA B 34 11.77 33.22 38.04
N ILE B 35 11.95 34.48 37.65
CA ILE B 35 13.29 35.04 37.75
C ILE B 35 13.70 35.27 39.20
N SER B 36 12.87 35.97 39.97
CA SER B 36 13.20 36.37 41.33
C SER B 36 13.18 35.23 42.38
N LEU B 37 12.34 34.21 42.19
CA LEU B 37 12.27 33.09 43.14
C LEU B 37 13.59 32.37 43.40
N VAL B 38 14.59 32.58 42.55
CA VAL B 38 15.87 31.96 42.76
C VAL B 38 16.55 32.61 43.96
N MET B 39 16.32 33.91 44.11
CA MET B 39 16.90 34.68 45.23
C MET B 39 16.55 34.11 46.61
N PRO B 40 15.24 34.02 46.97
CA PRO B 40 14.99 33.52 48.32
C PRO B 40 15.38 32.06 48.47
N PHE B 41 15.06 31.21 47.49
CA PHE B 41 15.36 29.79 47.63
C PHE B 41 16.86 29.55 47.82
N ILE B 42 17.68 30.31 47.10
CA ILE B 42 19.09 30.02 47.14
C ILE B 42 19.68 30.71 48.37
N THR B 43 19.02 31.75 48.84
CA THR B 43 19.55 32.49 49.99
C THR B 43 19.15 31.78 51.29
N LEU B 44 18.15 30.91 51.23
CA LEU B 44 17.66 30.21 52.41
C LEU B 44 18.17 28.79 52.47
N ALA B 45 18.70 28.29 51.37
CA ALA B 45 19.35 26.99 51.39
C ALA B 45 20.78 27.19 51.86
N SER B 46 21.12 28.46 52.05
CA SER B 46 22.42 28.86 52.56
C SER B 46 22.40 30.37 52.79
N ASP B 47 22.56 30.79 54.04
CA ASP B 47 22.81 29.86 55.15
C ASP B 47 21.52 29.32 55.76
N PHE B 48 21.64 28.15 56.38
CA PHE B 48 20.51 27.43 56.95
C PHE B 48 19.87 28.16 58.10
N SER B 49 20.44 29.32 58.48
CA SER B 49 20.00 30.09 59.64
C SER B 49 18.55 30.52 59.55
N TYR B 50 18.34 31.82 59.39
CA TYR B 50 17.04 32.40 59.05
C TYR B 50 15.76 31.81 59.67
N PHE B 51 15.74 30.53 59.98
CA PHE B 51 14.65 29.92 60.75
C PHE B 51 14.83 30.12 62.27
N ASP B 52 15.77 30.98 62.62
CA ASP B 52 16.05 31.27 64.02
C ASP B 52 15.85 32.74 64.25
N ARG B 53 15.70 33.46 63.15
CA ARG B 53 15.23 34.84 63.16
C ARG B 53 13.97 34.85 62.29
N ASN B 54 13.57 36.02 61.81
CA ASN B 54 12.47 36.12 60.83
C ASN B 54 11.12 35.60 61.30
N LYS B 55 10.22 36.50 61.66
CA LYS B 55 8.95 36.13 62.26
C LYS B 55 8.19 35.05 61.48
N TYR B 56 8.04 35.26 60.18
CA TYR B 56 7.25 34.37 59.32
C TYR B 56 7.94 33.01 59.18
N LEU B 57 9.23 33.06 58.86
CA LEU B 57 10.05 31.86 58.64
C LEU B 57 10.16 31.02 59.90
N ILE B 58 10.27 31.66 61.06
CA ILE B 58 10.44 30.95 62.32
C ILE B 58 9.09 30.41 62.80
N SER B 59 8.02 31.07 62.39
CA SER B 59 6.67 30.54 62.61
C SER B 59 6.46 29.26 61.80
N LEU B 60 6.89 29.31 60.53
CA LEU B 60 6.88 28.12 59.68
C LEU B 60 7.73 27.00 60.26
N LYS B 61 8.93 27.35 60.72
CA LYS B 61 9.87 26.41 61.31
C LYS B 61 9.24 25.73 62.50
N GLU B 62 8.58 26.54 63.32
CA GLU B 62 7.93 26.07 64.53
C GLU B 62 6.47 25.72 64.23
N TYR B 63 6.19 25.44 62.95
CA TYR B 63 5.06 24.62 62.57
C TYR B 63 5.53 23.17 62.64
N LEU B 64 6.83 23.01 62.86
CA LEU B 64 7.44 21.80 63.42
C LEU B 64 7.17 20.47 62.71
N ASN B 65 6.54 20.49 61.54
CA ASN B 65 6.30 19.24 60.82
C ASN B 65 7.59 18.51 60.46
N ILE B 66 8.70 19.22 60.50
CA ILE B 66 10.01 18.70 60.10
C ILE B 66 11.15 19.48 60.79
N PRO B 67 12.41 18.97 60.67
CA PRO B 67 13.59 19.75 61.07
C PRO B 67 13.79 20.98 60.19
N VAL B 68 14.89 21.03 59.42
CA VAL B 68 15.09 22.09 58.43
C VAL B 68 15.73 21.61 57.13
N PHE B 69 16.41 20.46 57.18
CA PHE B 69 16.79 19.71 55.98
C PHE B 69 15.58 19.65 55.07
N GLU B 70 14.48 19.28 55.70
CA GLU B 70 13.26 18.94 55.00
C GLU B 70 12.43 20.16 54.67
N ILE B 71 12.65 21.28 55.35
CA ILE B 71 11.93 22.49 54.95
C ILE B 71 12.52 22.95 53.62
N ILE B 72 13.85 22.93 53.53
CA ILE B 72 14.50 23.36 52.30
C ILE B 72 14.18 22.37 51.19
N VAL B 73 14.14 21.08 51.49
CA VAL B 73 13.70 20.13 50.46
C VAL B 73 12.27 20.44 50.01
N TYR B 74 11.37 20.69 50.95
CA TYR B 74 9.99 21.05 50.60
C TYR B 74 9.96 22.26 49.68
N PHE B 75 10.75 23.27 50.00
CA PHE B 75 10.82 24.44 49.15
C PHE B 75 11.33 24.06 47.77
N GLY B 76 12.29 23.16 47.70
CA GLY B 76 12.80 22.72 46.40
C GLY B 76 11.75 22.05 45.55
N VAL B 77 10.99 21.15 46.18
CA VAL B 77 9.84 20.49 45.56
C VAL B 77 8.76 21.47 45.10
N GLY B 78 8.42 22.44 45.97
CA GLY B 78 7.48 23.48 45.62
C GLY B 78 7.97 24.26 44.43
N LEU B 79 9.28 24.49 44.38
CA LEU B 79 9.89 25.21 43.29
C LEU B 79 9.82 24.47 41.98
N ILE B 80 10.16 23.18 41.96
CA ILE B 80 10.11 22.49 40.66
C ILE B 80 8.64 22.29 40.26
N VAL B 81 7.75 22.31 41.25
CA VAL B 81 6.34 22.40 40.90
C VAL B 81 6.03 23.72 40.20
N PHE B 82 6.46 24.83 40.78
CA PHE B 82 6.23 26.13 40.16
C PHE B 82 6.83 26.20 38.77
N TYR B 83 7.99 25.61 38.59
CA TYR B 83 8.68 25.72 37.32
C TYR B 83 8.02 24.86 36.25
N VAL B 84 7.64 23.65 36.63
CA VAL B 84 6.86 22.79 35.75
C VAL B 84 5.55 23.48 35.36
N PHE B 85 4.84 23.99 36.37
CA PHE B 85 3.60 24.72 36.14
C PHE B 85 3.81 25.86 35.16
N ARG B 86 4.88 26.63 35.36
CA ARG B 86 5.12 27.75 34.48
C ARG B 86 5.39 27.32 33.06
N ALA B 87 6.11 26.22 32.87
CA ALA B 87 6.29 25.71 31.51
C ALA B 87 4.94 25.37 30.88
N LEU B 88 4.06 24.72 31.66
CA LEU B 88 2.70 24.43 31.17
C LEU B 88 1.96 25.72 30.79
N LEU B 89 1.94 26.70 31.69
CA LEU B 89 1.32 28.01 31.43
C LEU B 89 1.84 28.67 30.15
N ASN B 90 3.15 28.59 29.93
CA ASN B 90 3.69 29.20 28.75
C ASN B 90 3.28 28.44 27.50
N ALA B 91 3.32 27.12 27.58
CA ALA B 91 2.88 26.34 26.44
C ALA B 91 1.43 26.68 26.11
N TYR B 92 0.56 26.71 27.12
CA TYR B 92 -0.87 27.01 26.92
C TYR B 92 -1.10 28.40 26.36
N TYR B 93 -0.28 29.33 26.80
CA TYR B 93 -0.34 30.69 26.28
C TYR B 93 -0.01 30.71 24.80
N PHE B 94 1.05 30.02 24.39
CA PHE B 94 1.37 30.11 22.98
C PHE B 94 0.39 29.34 22.15
N HIS B 95 -0.12 28.25 22.71
CA HIS B 95 -1.19 27.51 22.07
C HIS B 95 -2.46 28.36 21.85
N LEU B 96 -2.84 29.16 22.84
CA LEU B 96 -3.96 30.07 22.69
C LEU B 96 -3.64 31.18 21.70
N LEU B 97 -2.39 31.60 21.62
CA LEU B 97 -2.04 32.56 20.58
C LEU B 97 -2.29 31.94 19.21
N ALA B 98 -1.81 30.70 18.98
CA ALA B 98 -2.05 30.00 17.70
C ALA B 98 -3.54 29.84 17.44
N ARG B 99 -4.24 29.22 18.39
CA ARG B 99 -5.67 29.05 18.30
C ARG B 99 -6.39 30.33 17.89
N PHE B 100 -5.99 31.46 18.47
CA PHE B 100 -6.60 32.75 18.12
C PHE B 100 -6.26 33.14 16.68
N SER B 101 -4.98 33.21 16.37
CA SER B 101 -4.59 33.74 15.08
C SER B 101 -5.18 32.88 13.97
N LYS B 102 -4.96 31.57 14.02
CA LYS B 102 -5.43 30.68 12.98
C LYS B 102 -6.93 30.66 12.94
N GLY B 103 -7.56 30.74 14.10
CA GLY B 103 -9.01 30.79 14.14
C GLY B 103 -9.50 32.02 13.40
N ARG B 104 -8.80 33.12 13.57
CA ARG B 104 -9.22 34.35 12.94
C ARG B 104 -8.94 34.29 11.45
N LYS B 105 -7.86 33.62 11.06
CA LYS B 105 -7.59 33.39 9.63
C LYS B 105 -8.77 32.65 9.10
N HIS B 106 -9.08 31.52 9.71
CA HIS B 106 -10.19 30.69 9.27
C HIS B 106 -11.48 31.50 9.08
N ALA B 107 -11.88 32.22 10.11
CA ALA B 107 -13.09 33.04 10.05
C ALA B 107 -13.05 34.14 9.00
N ILE B 108 -11.95 34.89 8.93
CA ILE B 108 -11.91 36.03 8.04
C ILE B 108 -11.78 35.59 6.58
N ALA B 109 -10.99 34.55 6.33
CA ALA B 109 -10.95 33.95 5.00
C ALA B 109 -12.37 33.55 4.61
N TYR B 110 -13.08 32.83 5.47
CA TYR B 110 -14.42 32.41 5.09
C TYR B 110 -15.29 33.62 4.76
N LYS B 111 -15.22 34.65 5.58
CA LYS B 111 -15.98 35.85 5.25
C LYS B 111 -15.57 36.53 3.91
N VAL B 112 -14.28 36.63 3.61
CA VAL B 112 -13.88 37.29 2.35
C VAL B 112 -14.29 36.45 1.14
N PHE B 113 -13.96 35.16 1.16
CA PHE B 113 -14.36 34.25 0.09
C PHE B 113 -15.85 34.39 -0.19
N SER B 114 -16.65 34.34 0.87
CA SER B 114 -18.09 34.50 0.76
C SER B 114 -18.45 35.85 0.06
N LYS B 115 -17.78 36.91 0.51
CA LYS B 115 -17.98 38.24 -0.06
C LYS B 115 -17.78 38.23 -1.55
N PHE B 116 -16.70 37.60 -1.97
CA PHE B 116 -16.35 37.53 -3.39
C PHE B 116 -17.37 36.73 -4.20
N LEU B 117 -17.78 35.59 -3.68
CA LEU B 117 -18.74 34.76 -4.37
C LEU B 117 -20.03 35.53 -4.60
N ASN B 118 -20.30 36.53 -3.79
CA ASN B 118 -21.54 37.28 -4.02
C ASN B 118 -21.40 38.53 -4.95
N ILE B 119 -20.17 38.79 -5.38
CA ILE B 119 -19.83 39.88 -6.32
C ILE B 119 -20.46 39.62 -7.68
N ASN B 120 -20.61 40.63 -8.55
CA ASN B 120 -21.18 40.31 -9.87
C ASN B 120 -20.15 39.67 -10.79
N TYR B 121 -20.64 38.99 -11.82
CA TYR B 121 -19.78 38.10 -12.60
C TYR B 121 -18.72 38.81 -13.39
N GLU B 122 -19.05 39.96 -13.95
CA GLU B 122 -18.05 40.73 -14.67
C GLU B 122 -16.96 41.27 -13.74
N LYS B 123 -17.33 41.67 -12.54
CA LYS B 123 -16.35 42.18 -11.56
C LYS B 123 -15.33 41.11 -11.20
N PHE B 124 -15.82 39.94 -10.83
CA PHE B 124 -14.97 38.81 -10.53
C PHE B 124 -14.12 38.44 -11.71
N THR B 125 -14.79 38.28 -12.85
CA THR B 125 -14.14 37.91 -14.10
C THR B 125 -12.97 38.81 -14.45
N GLN B 126 -13.08 40.10 -14.19
CA GLN B 126 -12.12 41.06 -14.71
C GLN B 126 -10.84 41.20 -13.91
N LYS B 127 -10.65 40.40 -12.88
CA LYS B 127 -9.40 40.48 -12.13
C LYS B 127 -8.85 39.07 -12.04
N ASN B 128 -7.54 38.97 -11.80
CA ASN B 128 -6.85 37.67 -11.87
C ASN B 128 -6.96 36.84 -10.60
N GLN B 129 -7.12 35.53 -10.77
CA GLN B 129 -7.27 34.64 -9.62
C GLN B 129 -6.06 34.68 -8.71
N SER B 130 -4.93 35.16 -9.23
CA SER B 130 -3.74 35.44 -8.42
C SER B 130 -4.13 36.35 -7.28
N GLU B 131 -4.79 37.44 -7.65
CA GLU B 131 -5.09 38.54 -6.77
C GLU B 131 -6.25 38.24 -5.82
N ILE B 132 -7.19 37.42 -6.29
CA ILE B 132 -8.35 37.04 -5.49
C ILE B 132 -7.93 36.01 -4.46
N LEU B 133 -7.07 35.11 -4.88
CA LEU B 133 -6.46 34.16 -3.95
C LEU B 133 -5.65 34.93 -2.93
N LYS B 134 -4.80 35.87 -3.37
CA LYS B 134 -4.04 36.69 -2.43
C LYS B 134 -4.98 37.40 -1.47
N SER B 135 -6.13 37.82 -1.98
CA SER B 135 -7.08 38.56 -1.18
C SER B 135 -7.81 37.75 -0.14
N ILE B 136 -8.09 36.46 -0.38
CA ILE B 136 -8.81 35.71 0.66
C ILE B 136 -7.88 34.74 1.38
N THR B 137 -6.60 34.75 1.02
CA THR B 137 -5.65 33.85 1.62
C THR B 137 -4.47 34.61 2.27
N GLY B 138 -3.79 35.42 1.49
CA GLY B 138 -2.55 36.01 1.92
C GLY B 138 -2.79 37.16 2.88
N GLU B 139 -3.69 38.07 2.51
CA GLU B 139 -4.06 39.17 3.39
C GLU B 139 -4.57 38.66 4.73
N VAL B 140 -5.50 37.73 4.70
CA VAL B 140 -6.06 37.21 5.92
C VAL B 140 -4.96 36.61 6.79
N TYR B 141 -4.05 35.84 6.18
CA TYR B 141 -2.85 35.43 6.90
C TYR B 141 -2.16 36.63 7.58
N ASN B 142 -1.80 37.63 6.81
CA ASN B 142 -1.11 38.83 7.33
C ASN B 142 -1.80 39.40 8.57
N LEU B 143 -3.09 39.70 8.45
CA LEU B 143 -3.85 40.20 9.59
C LEU B 143 -3.75 39.27 10.79
N SER B 144 -3.93 37.97 10.57
CA SER B 144 -3.87 37.03 11.69
C SER B 144 -2.55 37.07 12.43
N THR B 145 -1.51 36.80 11.66
CA THR B 145 -0.19 36.65 12.20
C THR B 145 0.16 37.94 12.95
N MET B 146 -0.30 39.06 12.41
CA MET B 146 -0.04 40.38 12.96
C MET B 146 -0.76 40.58 14.30
N ILE B 147 -2.00 40.10 14.42
CA ILE B 147 -2.69 40.17 15.71
C ILE B 147 -1.99 39.37 16.81
N SER B 148 -1.63 38.13 16.47
CA SER B 148 -0.84 37.31 17.41
C SER B 148 0.42 38.07 17.82
N SER B 149 1.10 38.63 16.82
CA SER B 149 2.30 39.44 17.02
C SER B 149 2.08 40.55 18.05
N PHE B 150 0.92 41.20 17.99
CA PHE B 150 0.62 42.26 18.95
C PHE B 150 0.48 41.68 20.35
N LEU B 151 -0.25 40.59 20.48
CA LEU B 151 -0.35 39.97 21.82
C LEU B 151 1.02 39.63 22.41
N LEU B 152 1.88 39.02 21.60
CA LEU B 152 3.23 38.70 22.07
C LEU B 152 4.02 39.97 22.47
N LEU B 153 3.93 40.99 21.61
CA LEU B 153 4.55 42.31 21.83
C LEU B 153 4.16 42.86 23.18
N MET B 154 2.86 42.81 23.50
CA MET B 154 2.37 43.19 24.83
C MET B 154 3.05 42.41 25.95
N SER B 155 2.90 41.08 25.90
CA SER B 155 3.46 40.18 26.92
C SER B 155 4.92 40.48 27.20
N GLU B 156 5.67 40.74 26.14
CA GLU B 156 7.09 41.00 26.29
C GLU B 156 7.42 42.42 26.76
N ILE B 157 6.69 43.46 26.34
CA ILE B 157 7.05 44.78 26.89
C ILE B 157 6.70 44.75 28.38
N PHE B 158 5.76 43.91 28.79
CA PHE B 158 5.54 43.84 30.23
C PHE B 158 6.60 43.01 30.93
N VAL B 159 7.14 41.98 30.27
CA VAL B 159 8.29 41.31 30.89
C VAL B 159 9.41 42.29 31.09
N VAL B 160 9.73 43.07 30.08
CA VAL B 160 10.76 44.07 30.23
C VAL B 160 10.42 45.05 31.34
N LEU B 161 9.20 45.56 31.40
CA LEU B 161 8.90 46.53 32.46
C LEU B 161 9.07 45.91 33.85
N LEU B 162 8.36 44.82 34.15
CA LEU B 162 8.48 44.16 35.45
C LEU B 162 9.92 43.72 35.80
N LEU B 163 10.63 43.08 34.87
CA LEU B 163 12.03 42.68 35.13
C LEU B 163 12.86 43.90 35.45
N TYR B 164 12.62 44.97 34.71
CA TYR B 164 13.41 46.16 34.93
C TYR B 164 13.09 46.72 36.31
N ALA B 165 11.83 46.64 36.73
CA ALA B 165 11.45 47.07 38.08
C ALA B 165 12.13 46.22 39.16
N LEU B 166 12.06 44.90 39.03
CA LEU B 166 12.68 43.98 39.96
C LEU B 166 14.13 44.38 40.13
N MET B 167 14.85 44.47 39.02
CA MET B 167 16.24 44.91 39.06
C MET B 167 16.45 46.25 39.74
N LEU B 168 15.63 47.25 39.41
CA LEU B 168 15.74 48.59 40.02
C LEU B 168 15.54 48.55 41.53
N LEU B 169 14.55 47.80 41.99
CA LEU B 169 14.30 47.66 43.42
C LEU B 169 15.52 47.07 44.07
N ILE B 170 15.90 45.88 43.61
CA ILE B 170 17.06 45.21 44.18
C ILE B 170 18.34 46.05 44.18
N ASN B 171 18.70 46.70 43.08
CA ASN B 171 19.91 47.53 43.09
C ASN B 171 20.01 48.62 42.01
N TYR B 172 19.19 49.66 42.13
CA TYR B 172 19.13 50.76 41.15
C TYR B 172 20.49 51.23 40.63
N LYS B 173 21.52 51.25 41.47
CA LYS B 173 22.85 51.62 40.98
C LYS B 173 23.31 50.62 39.94
N ILE B 174 23.38 49.35 40.32
CA ILE B 174 23.84 48.33 39.39
C ILE B 174 22.99 48.31 38.12
N THR B 175 21.66 48.38 38.23
CA THR B 175 20.86 48.31 37.01
C THR B 175 21.09 49.54 36.13
N LEU B 176 21.25 50.71 36.74
CA LEU B 176 21.58 51.88 35.94
C LEU B 176 22.91 51.66 35.23
N PHE B 177 23.90 51.11 35.95
CA PHE B 177 25.23 50.86 35.41
C PHE B 177 25.15 49.92 34.21
N LEU B 178 24.41 48.85 34.39
CA LEU B 178 24.24 47.86 33.34
C LEU B 178 23.50 48.44 32.16
N SER B 179 22.59 49.37 32.39
CA SER B 179 21.88 49.96 31.27
C SER B 179 22.80 50.87 30.45
N ILE B 180 23.56 51.71 31.16
CA ILE B 180 24.56 52.54 30.49
C ILE B 180 25.51 51.64 29.69
N PHE B 181 25.93 50.55 30.33
CA PHE B 181 26.87 49.63 29.73
C PHE B 181 26.28 48.99 28.47
N MET B 182 25.00 48.70 28.55
CA MET B 182 24.27 48.05 27.47
C MET B 182 24.15 48.94 26.25
N VAL B 183 23.65 50.16 26.42
CA VAL B 183 23.56 51.04 25.25
C VAL B 183 24.95 51.39 24.75
N LEU B 184 25.94 51.39 25.64
CA LEU B 184 27.31 51.66 25.23
C LEU B 184 27.81 50.58 24.25
N ASN B 185 27.73 49.34 24.71
CA ASN B 185 28.06 48.17 23.90
C ASN B 185 27.28 48.16 22.60
N ALA B 186 26.00 48.54 22.70
CA ALA B 186 25.10 48.64 21.54
C ALA B 186 25.61 49.63 20.50
N PHE B 187 26.01 50.81 20.96
CA PHE B 187 26.56 51.80 20.07
C PHE B 187 27.82 51.27 19.43
N ILE B 188 28.67 50.65 20.23
CA ILE B 188 29.87 50.01 19.71
C ILE B 188 29.57 49.01 18.57
N LEU B 189 28.69 48.04 18.83
CA LEU B 189 28.32 47.10 17.78
C LEU B 189 27.75 47.79 16.56
N VAL B 190 26.55 48.34 16.71
CA VAL B 190 25.80 48.82 15.55
C VAL B 190 26.41 50.04 14.87
N LYS B 191 27.31 50.77 15.53
CA LYS B 191 27.85 51.99 14.95
C LYS B 191 29.36 51.99 14.77
N ILE B 192 30.03 50.98 15.30
CA ILE B 192 31.48 50.88 15.10
C ILE B 192 31.87 49.57 14.43
N LEU B 193 31.24 48.46 14.80
CA LEU B 193 31.66 47.22 14.17
C LEU B 193 30.88 46.95 12.91
N SER B 194 29.55 47.00 13.01
CA SER B 194 28.68 46.67 11.88
C SER B 194 29.00 47.39 10.55
N PRO B 195 29.32 48.71 10.59
CA PRO B 195 29.78 49.30 9.33
C PRO B 195 31.04 48.61 8.77
N ILE B 196 32.02 48.34 9.63
CA ILE B 196 33.25 47.64 9.22
C ILE B 196 33.00 46.28 8.61
N ILE B 197 32.14 45.49 9.25
CA ILE B 197 31.75 44.21 8.69
C ILE B 197 31.19 44.43 7.29
N LYS B 198 30.26 45.39 7.14
CA LYS B 198 29.64 45.63 5.83
C LYS B 198 30.67 45.94 4.78
N LYS B 199 31.55 46.88 5.07
CA LYS B 199 32.60 47.24 4.12
C LYS B 199 33.47 46.04 3.78
N ALA B 200 34.00 45.37 4.79
CA ALA B 200 34.85 44.18 4.61
C ALA B 200 34.20 43.18 3.67
N GLY B 201 32.91 42.97 3.88
CA GLY B 201 32.13 42.11 3.01
C GLY B 201 32.01 42.60 1.58
N LEU B 202 31.77 43.89 1.41
CA LEU B 202 31.65 44.44 0.06
C LEU B 202 32.97 44.34 -0.69
N ARG B 203 34.04 44.76 -0.02
CA ARG B 203 35.41 44.61 -0.51
C ARG B 203 35.68 43.16 -0.93
N ARG B 204 35.21 42.23 -0.11
CA ARG B 204 35.33 40.83 -0.46
C ARG B 204 34.58 40.49 -1.73
N GLU B 205 33.33 40.95 -1.83
CA GLU B 205 32.52 40.68 -3.00
C GLU B 205 33.22 41.16 -4.26
N GLU B 206 33.68 42.40 -4.23
CA GLU B 206 34.34 43.00 -5.36
C GLU B 206 35.59 42.18 -5.74
N ALA B 207 36.43 41.92 -4.74
CA ALA B 207 37.66 41.16 -4.96
C ALA B 207 37.41 39.77 -5.53
N MET B 208 36.35 39.12 -5.09
CA MET B 208 35.99 37.82 -5.60
C MET B 208 35.66 37.96 -7.07
N LYS B 209 34.78 38.91 -7.35
CA LYS B 209 34.42 39.22 -8.73
C LYS B 209 35.66 39.35 -9.59
N ASN B 210 36.59 40.21 -9.22
CA ASN B 210 37.78 40.46 -10.05
C ASN B 210 38.71 39.27 -10.26
N PHE B 211 38.92 38.52 -9.18
CA PHE B 211 39.63 37.26 -9.24
C PHE B 211 39.02 36.33 -10.29
N PHE B 212 37.75 35.99 -10.10
CA PHE B 212 37.09 35.11 -11.06
C PHE B 212 37.06 35.69 -12.48
N GLU B 213 36.94 36.99 -12.61
CA GLU B 213 36.92 37.61 -13.93
C GLU B 213 38.21 37.21 -14.62
N ILE B 214 39.35 37.49 -14.01
CA ILE B 214 40.62 37.26 -14.74
C ILE B 214 40.94 35.78 -14.85
N LEU B 215 40.45 34.96 -13.93
CA LEU B 215 40.53 33.51 -14.08
C LEU B 215 39.75 33.00 -15.29
N ASN B 216 38.53 33.49 -15.43
CA ASN B 216 37.69 33.05 -16.50
C ASN B 216 38.17 33.49 -17.85
N THR B 217 38.59 34.74 -17.98
CA THR B 217 39.05 35.11 -19.31
C THR B 217 40.37 34.35 -19.63
N ASN B 218 41.23 34.16 -18.63
CA ASN B 218 42.44 33.37 -18.88
C ASN B 218 42.13 31.97 -19.35
N LEU B 219 41.18 31.30 -18.70
CA LEU B 219 40.73 30.00 -19.15
C LEU B 219 40.16 30.08 -20.54
N ASN B 220 39.54 31.22 -20.90
CA ASN B 220 39.00 31.41 -22.26
C ASN B 220 40.07 31.68 -23.32
N ASN B 221 41.26 32.07 -22.89
CA ASN B 221 42.35 32.25 -23.83
C ASN B 221 43.37 31.10 -23.87
N PHE B 222 42.93 29.87 -23.59
CA PHE B 222 43.87 28.77 -23.46
C PHE B 222 44.66 28.60 -24.71
N LYS B 223 43.98 28.60 -25.84
CA LYS B 223 44.68 28.47 -27.12
C LYS B 223 45.70 29.58 -27.32
N PHE B 224 45.35 30.82 -27.01
CA PHE B 224 46.34 31.84 -27.26
C PHE B 224 47.55 31.69 -26.36
N ILE B 225 47.33 31.34 -25.10
CA ILE B 225 48.43 31.13 -24.17
C ILE B 225 49.33 29.98 -24.64
N LYS B 226 48.70 28.89 -25.05
CA LYS B 226 49.39 27.68 -25.44
C LYS B 226 50.23 27.90 -26.68
N LEU B 227 49.82 28.83 -27.52
CA LEU B 227 50.59 29.10 -28.71
C LEU B 227 51.76 30.02 -28.35
N LYS B 228 51.80 30.53 -27.12
CA LYS B 228 52.89 31.40 -26.72
C LYS B 228 54.12 30.60 -26.32
N THR B 229 53.86 29.38 -25.84
CA THR B 229 54.76 28.60 -24.99
C THR B 229 54.70 29.12 -23.57
N LYS B 230 55.15 30.36 -23.38
CA LYS B 230 55.25 30.96 -22.06
C LYS B 230 53.90 31.23 -21.37
N GLU B 231 53.83 30.97 -20.07
CA GLU B 231 52.57 31.10 -19.35
C GLU B 231 52.76 32.04 -18.16
N ASP B 232 53.92 32.68 -18.07
CA ASP B 232 54.22 33.48 -16.87
C ASP B 232 53.43 34.78 -16.76
N GLY B 233 53.04 35.32 -17.90
CA GLY B 233 52.36 36.61 -17.88
C GLY B 233 50.99 36.55 -17.26
N VAL B 234 50.16 35.67 -17.80
CA VAL B 234 48.81 35.56 -17.32
C VAL B 234 48.86 35.10 -15.86
N LEU B 235 49.80 34.22 -15.55
CA LEU B 235 49.97 33.74 -14.18
C LEU B 235 50.32 34.90 -13.26
N SER B 236 50.99 35.89 -13.82
CA SER B 236 51.32 37.08 -13.08
C SER B 236 50.05 37.88 -12.76
N LEU B 237 49.26 38.23 -13.79
CA LEU B 237 48.01 38.96 -13.56
C LEU B 237 47.07 38.22 -12.61
N PHE B 238 46.99 36.91 -12.84
CA PHE B 238 46.20 36.04 -12.00
C PHE B 238 46.69 35.99 -10.57
N LYS B 239 48.00 35.89 -10.38
CA LYS B 239 48.51 35.82 -9.03
C LYS B 239 48.09 37.07 -8.33
N ALA B 240 48.29 38.22 -8.95
CA ALA B 240 47.93 39.48 -8.30
C ALA B 240 46.43 39.54 -7.90
N GLN B 241 45.53 39.18 -8.81
CA GLN B 241 44.11 39.24 -8.43
C GLN B 241 43.78 38.27 -7.31
N SER B 242 44.41 37.10 -7.37
CA SER B 242 44.21 36.03 -6.38
C SER B 242 44.75 36.46 -5.01
N GLU B 243 45.85 37.21 -5.01
CA GLU B 243 46.35 37.77 -3.78
C GLU B 243 45.35 38.76 -3.22
N ALA B 244 44.77 39.57 -4.09
CA ALA B 244 43.73 40.50 -3.63
C ALA B 244 42.54 39.78 -2.96
N PHE B 245 41.99 38.81 -3.66
CA PHE B 245 40.86 38.02 -3.17
C PHE B 245 41.23 37.37 -1.86
N SER B 246 42.46 36.89 -1.77
CA SER B 246 42.90 36.19 -0.59
C SER B 246 42.90 37.15 0.58
N LYS B 247 43.55 38.29 0.41
CA LYS B 247 43.62 39.30 1.45
C LYS B 247 42.24 39.72 1.95
N ALA B 248 41.40 40.20 1.04
CA ALA B 248 40.06 40.66 1.38
C ALA B 248 39.30 39.58 2.10
N ASN B 249 39.53 38.33 1.67
CA ASN B 249 38.94 37.18 2.32
C ASN B 249 39.38 36.98 3.77
N ILE B 250 40.69 37.05 4.02
CA ILE B 250 41.20 36.83 5.38
C ILE B 250 40.73 37.94 6.29
N THR B 251 40.54 39.16 5.79
CA THR B 251 40.15 40.21 6.74
C THR B 251 38.63 40.31 6.89
N ASN B 252 37.87 39.92 5.88
CA ASN B 252 36.44 39.84 6.13
C ASN B 252 36.21 38.73 7.16
N GLU B 253 36.85 37.56 6.97
CA GLU B 253 36.67 36.46 7.92
C GLU B 253 37.22 36.86 9.30
N SER B 254 38.32 37.59 9.29
CA SER B 254 38.92 38.03 10.55
C SER B 254 38.02 38.99 11.34
N VAL B 255 37.60 40.07 10.68
CA VAL B 255 36.77 41.08 11.32
C VAL B 255 35.42 40.49 11.72
N ALA B 256 34.98 39.47 11.00
CA ALA B 256 33.69 38.89 11.30
C ALA B 256 33.57 38.37 12.73
N ALA B 257 34.68 37.89 13.30
CA ALA B 257 34.62 37.21 14.61
C ALA B 257 34.64 38.16 15.80
N VAL B 258 35.17 39.36 15.60
CA VAL B 258 35.36 40.34 16.66
C VAL B 258 34.07 40.56 17.46
N PRO B 259 32.91 40.64 16.80
CA PRO B 259 31.74 40.89 17.66
C PRO B 259 31.45 39.88 18.78
N ARG B 260 31.50 38.57 18.53
CA ARG B 260 31.23 37.62 19.60
C ARG B 260 32.36 37.57 20.63
N ILE B 261 33.60 37.59 20.16
CA ILE B 261 34.76 37.60 21.03
C ILE B 261 34.64 38.77 22.00
N TYR B 262 34.29 39.92 21.43
CA TYR B 262 34.00 41.11 22.20
C TYR B 262 32.91 40.87 23.24
N LEU B 263 31.87 40.14 22.86
CA LEU B 263 30.81 39.91 23.83
C LEU B 263 31.28 39.02 25.00
N GLU B 264 32.02 37.94 24.70
CA GLU B 264 32.60 37.09 25.75
C GLU B 264 33.39 37.91 26.76
N GLY B 265 34.44 38.54 26.23
CA GLY B 265 35.34 39.34 27.05
C GLY B 265 34.60 40.37 27.87
N ILE B 266 33.71 41.12 27.24
CA ILE B 266 33.06 42.21 27.96
C ILE B 266 32.12 41.67 29.02
N GLY B 267 31.60 40.47 28.79
CA GLY B 267 30.73 39.84 29.76
C GLY B 267 31.49 39.59 31.06
N PHE B 268 32.55 38.80 30.94
CA PHE B 268 33.38 38.51 32.12
C PHE B 268 33.85 39.80 32.77
N CYS B 269 34.27 40.74 31.94
CA CYS B 269 34.78 42.02 32.41
C CYS B 269 33.76 42.75 33.25
N VAL B 270 32.54 42.89 32.75
CA VAL B 270 31.57 43.66 33.51
C VAL B 270 31.20 42.90 34.80
N LEU B 271 31.28 41.57 34.78
CA LEU B 271 31.08 40.80 36.00
C LEU B 271 32.13 41.12 37.08
N VAL B 272 33.40 40.97 36.72
CA VAL B 272 34.50 41.29 37.63
C VAL B 272 34.39 42.74 38.11
N PHE B 273 34.19 43.65 37.16
CA PHE B 273 34.05 45.08 37.43
C PHE B 273 32.96 45.33 38.46
N ILE B 274 31.85 44.62 38.31
CA ILE B 274 30.76 44.69 39.29
C ILE B 274 31.17 44.21 40.68
N VAL B 275 31.92 43.11 40.77
CA VAL B 275 32.37 42.68 42.10
C VAL B 275 33.41 43.63 42.77
N VAL B 276 34.35 44.20 42.00
CA VAL B 276 35.27 45.16 42.61
C VAL B 276 34.47 46.41 42.99
N PHE B 277 33.38 46.67 42.26
CA PHE B 277 32.49 47.79 42.61
C PHE B 277 31.56 47.45 43.80
N LEU B 278 31.19 46.18 43.95
CA LEU B 278 30.37 45.74 45.09
C LEU B 278 31.10 45.13 46.24
N VAL B 279 32.37 45.48 46.41
CA VAL B 279 33.02 45.34 47.69
C VAL B 279 33.73 46.65 47.99
N LEU B 280 33.73 47.59 47.06
CA LEU B 280 34.31 48.91 47.32
C LEU B 280 33.37 49.71 48.23
N LYS B 281 32.09 49.34 48.18
CA LYS B 281 31.05 49.84 49.08
C LYS B 281 30.65 48.70 50.00
N ASN B 282 31.52 48.39 50.96
CA ASN B 282 31.39 47.22 51.84
C ASN B 282 29.98 46.90 52.26
N GLU B 283 29.69 45.59 52.20
CA GLU B 283 28.46 44.97 52.68
C GLU B 283 28.49 43.58 52.08
N SER B 284 29.72 43.13 51.80
CA SER B 284 30.01 41.80 51.26
C SER B 284 29.03 40.81 51.83
N ASP B 285 27.89 40.70 51.17
CA ASP B 285 26.78 39.86 51.61
C ASP B 285 27.17 38.38 51.51
N ILE B 286 28.46 38.16 51.26
CA ILE B 286 29.05 36.84 51.05
C ILE B 286 28.28 36.16 49.92
N SER B 287 27.46 35.15 50.26
CA SER B 287 26.77 34.37 49.23
C SER B 287 25.67 35.27 48.68
N GLY B 288 25.22 36.16 49.57
CA GLY B 288 24.28 37.20 49.27
C GLY B 288 24.73 38.11 48.15
N ILE B 289 26.04 38.36 48.02
CA ILE B 289 26.48 39.24 46.95
C ILE B 289 26.04 38.58 45.65
N LEU B 290 26.16 37.26 45.59
CA LEU B 290 25.84 36.59 44.36
C LEU B 290 24.33 36.65 44.13
N SER B 291 23.56 36.76 45.22
CA SER B 291 22.12 36.89 45.04
C SER B 291 21.88 38.11 44.17
N THR B 292 22.47 39.24 44.55
CA THR B 292 22.18 40.47 43.85
C THR B 292 22.79 40.37 42.46
N ILE B 293 23.74 39.46 42.28
CA ILE B 293 24.30 39.24 40.97
C ILE B 293 23.41 38.30 40.18
N SER B 294 23.04 37.18 40.81
CA SER B 294 22.30 36.11 40.14
C SER B 294 21.05 36.63 39.45
N ILE B 295 20.23 37.34 40.22
CA ILE B 295 19.04 37.98 39.70
C ILE B 295 19.38 38.66 38.41
N PHE B 296 20.30 39.62 38.48
CA PHE B 296 20.70 40.38 37.30
C PHE B 296 21.02 39.48 36.13
N VAL B 297 21.88 38.48 36.37
CA VAL B 297 22.23 37.53 35.31
C VAL B 297 20.96 36.93 34.71
N LEU B 298 20.18 36.28 35.58
CA LEU B 298 18.89 35.72 35.20
C LEU B 298 18.14 36.78 34.41
N ALA B 299 17.92 37.93 35.03
CA ALA B 299 17.13 39.00 34.42
C ALA B 299 17.65 39.33 33.05
N LEU B 300 18.96 39.57 32.98
CA LEU B 300 19.54 40.00 31.72
C LEU B 300 19.26 38.93 30.70
N TYR B 301 19.51 37.67 31.07
CA TYR B 301 19.27 36.60 30.11
C TYR B 301 17.81 36.48 29.72
N ARG B 302 16.88 36.57 30.68
CA ARG B 302 15.48 36.46 30.29
C ARG B 302 15.09 37.69 29.44
N LEU B 303 15.76 38.81 29.67
CA LEU B 303 15.42 39.99 28.92
C LEU B 303 15.94 39.91 27.52
N MET B 304 16.93 39.05 27.27
CA MET B 304 17.50 38.99 25.93
C MET B 304 16.46 38.55 24.89
N PRO B 305 15.76 37.43 25.11
CA PRO B 305 14.69 37.09 24.16
C PRO B 305 13.61 38.14 24.11
N SER B 306 13.26 38.73 25.25
CA SER B 306 12.24 39.77 25.29
C SER B 306 12.55 40.88 24.31
N ALA B 307 13.83 41.21 24.19
CA ALA B 307 14.24 42.16 23.17
C ALA B 307 13.84 41.68 21.79
N ASN B 308 14.33 40.50 21.40
CA ASN B 308 14.10 39.99 20.05
C ASN B 308 12.61 39.97 19.68
N ARG B 309 11.83 39.32 20.53
CA ARG B 309 10.38 39.22 20.35
C ARG B 309 9.75 40.59 20.17
N ILE B 310 10.21 41.57 20.94
CA ILE B 310 9.65 42.91 20.84
C ILE B 310 10.01 43.54 19.52
N ILE B 311 11.23 43.31 19.06
CA ILE B 311 11.67 43.84 17.77
C ILE B 311 10.88 43.23 16.64
N THR B 312 11.03 41.92 16.50
CA THR B 312 10.38 41.15 15.45
C THR B 312 8.91 41.50 15.31
N SER B 313 8.16 41.33 16.39
CA SER B 313 6.73 41.58 16.32
C SER B 313 6.43 43.05 15.98
N TYR B 314 7.27 44.00 16.41
CA TYR B 314 7.05 45.38 16.00
C TYR B 314 7.12 45.49 14.49
N HIS B 315 8.12 44.85 13.91
CA HIS B 315 8.25 44.82 12.46
C HIS B 315 7.00 44.20 11.84
N ASP B 316 6.41 43.22 12.50
CA ASP B 316 5.23 42.59 11.94
C ASP B 316 4.06 43.53 11.97
N LEU B 317 4.03 44.44 12.92
CA LEU B 317 2.95 45.39 12.89
C LEU B 317 3.30 46.42 11.84
N LEU B 318 4.57 46.55 11.48
CA LEU B 318 4.88 47.49 10.41
C LEU B 318 4.54 46.90 9.07
N TYR B 319 5.28 45.88 8.67
CA TYR B 319 5.19 45.30 7.34
C TYR B 319 3.75 44.95 6.93
N TYR B 320 2.97 44.37 7.85
CA TYR B 320 1.56 44.05 7.61
C TYR B 320 0.65 45.22 8.04
N HIS B 321 -0.32 44.95 8.92
CA HIS B 321 -1.10 46.01 9.58
C HIS B 321 -1.50 47.12 8.66
N SER B 322 -0.76 48.22 8.81
CA SER B 322 -0.95 49.45 8.07
C SER B 322 -1.43 49.12 6.67
N SER B 323 -0.59 48.42 5.93
CA SER B 323 -0.92 48.03 4.58
C SER B 323 -2.16 47.13 4.52
N LEU B 324 -2.25 46.18 5.44
CA LEU B 324 -3.29 45.15 5.35
C LEU B 324 -4.67 45.44 5.89
N ASN B 325 -4.78 46.01 7.08
CA ASN B 325 -6.08 46.13 7.75
C ASN B 325 -7.09 46.84 6.85
N ILE B 326 -6.61 47.88 6.17
CA ILE B 326 -7.44 48.68 5.26
C ILE B 326 -8.07 47.79 4.20
N ILE B 327 -7.25 46.89 3.65
CA ILE B 327 -7.66 45.99 2.58
C ILE B 327 -8.59 44.88 3.03
N TYR B 328 -9.25 45.01 4.17
CA TYR B 328 -10.26 44.01 4.44
C TYR B 328 -11.56 44.72 4.46
N GLN B 329 -11.62 45.82 5.19
CA GLN B 329 -12.73 46.75 5.03
C GLN B 329 -12.97 47.03 3.53
N ASN B 330 -11.98 47.57 2.83
CA ASN B 330 -12.12 47.86 1.39
C ASN B 330 -12.18 46.62 0.51
N LEU B 331 -12.49 45.49 1.12
CA LEU B 331 -12.71 44.23 0.40
C LEU B 331 -13.92 43.51 0.96
N ARG B 332 -14.61 44.12 1.92
CA ARG B 332 -15.79 43.47 2.49
C ARG B 332 -16.88 44.47 2.81
N GLN B 333 -16.59 45.74 2.58
CA GLN B 333 -17.62 46.74 2.42
C GLN B 333 -17.90 46.78 0.92
N GLU B 334 -17.24 45.87 0.20
CA GLU B 334 -17.50 45.57 -1.21
C GLU B 334 -18.99 45.28 -1.39
N GLU B 335 -19.60 45.77 -2.46
CA GLU B 335 -21.05 45.59 -2.65
C GLU B 335 -21.34 44.35 -3.51
N GLU B 336 -22.51 43.74 -3.30
CA GLU B 336 -22.87 42.49 -3.96
C GLU B 336 -23.78 42.73 -5.16
N ASN B 337 -24.31 41.67 -5.78
CA ASN B 337 -25.19 41.86 -6.94
C ASN B 337 -26.60 42.44 -6.53
N LEU B 338 -27.70 41.82 -6.95
CA LEU B 338 -29.07 42.20 -6.55
C LEU B 338 -30.16 41.21 -7.02
N GLY B 339 -31.41 41.57 -6.77
CA GLY B 339 -32.54 41.00 -7.48
C GLY B 339 -33.35 40.01 -6.69
N GLU B 340 -34.65 39.88 -7.02
CA GLU B 340 -35.57 38.92 -6.39
C GLU B 340 -36.96 38.97 -7.02
N GLY B 341 -37.50 37.85 -7.48
CA GLY B 341 -38.70 37.91 -8.31
C GLY B 341 -38.53 37.22 -9.67
N LYS B 342 -39.62 36.66 -10.18
CA LYS B 342 -39.58 35.58 -11.18
C LYS B 342 -39.74 35.99 -12.65
N LEU B 343 -39.69 34.97 -13.52
CA LEU B 343 -39.60 35.13 -14.98
C LEU B 343 -39.73 33.77 -15.71
N SER B 344 -40.69 33.65 -16.61
CA SER B 344 -41.06 32.35 -17.18
C SER B 344 -40.70 32.18 -18.65
N PHE B 345 -40.32 30.96 -19.05
CA PHE B 345 -39.77 30.73 -20.38
C PHE B 345 -40.51 29.63 -21.15
N ASN B 346 -41.47 30.02 -21.99
CA ASN B 346 -42.31 29.05 -22.71
C ASN B 346 -42.29 29.22 -24.21
N GLN B 347 -41.92 30.40 -24.68
CA GLN B 347 -41.91 30.65 -26.12
C GLN B 347 -40.52 30.87 -26.64
N GLU B 348 -40.05 32.11 -26.55
CA GLU B 348 -38.76 32.45 -27.13
C GLU B 348 -37.93 33.35 -26.25
N LEU B 349 -36.60 33.24 -26.39
CA LEU B 349 -35.69 34.27 -25.92
C LEU B 349 -35.43 35.21 -27.09
N LYS B 350 -35.95 36.43 -27.04
CA LYS B 350 -35.63 37.41 -28.06
C LYS B 350 -34.40 38.16 -27.59
N ILE B 351 -33.56 38.65 -28.50
CA ILE B 351 -32.37 39.36 -28.07
C ILE B 351 -32.46 40.90 -28.17
N CYS B 352 -32.53 41.47 -29.37
CA CYS B 352 -32.83 42.93 -29.57
C CYS B 352 -31.71 43.92 -29.31
N ASN B 353 -31.03 44.30 -30.36
CA ASN B 353 -30.13 45.43 -30.33
C ASN B 353 -29.03 45.34 -29.27
N LEU B 354 -28.44 44.15 -29.12
CA LEU B 354 -27.65 43.83 -27.93
C LEU B 354 -26.51 44.79 -27.55
N SER B 355 -25.53 45.01 -28.43
CA SER B 355 -24.39 45.91 -28.10
C SER B 355 -23.74 45.71 -26.70
N PHE B 356 -22.57 45.06 -26.62
CA PHE B 356 -21.86 44.90 -25.33
C PHE B 356 -20.38 45.18 -25.41
N GLY B 357 -19.89 45.75 -24.32
CA GLY B 357 -18.47 45.90 -24.09
C GLY B 357 -18.18 45.56 -22.64
N TYR B 358 -16.99 45.03 -22.39
CA TYR B 358 -16.47 44.88 -21.04
C TYR B 358 -16.03 46.26 -20.56
N GLU B 359 -15.92 46.44 -19.24
CA GLU B 359 -15.70 47.77 -18.63
C GLU B 359 -14.61 48.58 -19.30
N GLY B 360 -13.77 47.92 -20.08
CA GLY B 360 -12.68 48.56 -20.79
C GLY B 360 -13.16 49.67 -21.68
N LYS B 361 -13.35 49.53 -23.00
CA LYS B 361 -12.92 48.51 -23.98
C LYS B 361 -13.99 48.65 -25.05
N LYS B 362 -13.57 48.92 -26.29
CA LYS B 362 -14.49 49.01 -27.43
C LYS B 362 -15.45 47.82 -27.45
N TYR B 363 -16.69 48.06 -27.90
CA TYR B 363 -17.75 47.04 -27.89
C TYR B 363 -17.38 45.83 -28.77
N LEU B 364 -17.96 44.69 -28.47
CA LEU B 364 -17.77 43.51 -29.30
C LEU B 364 -18.90 43.36 -30.34
N PHE B 365 -20.05 43.99 -30.10
CA PHE B 365 -21.21 43.78 -30.97
C PHE B 365 -21.71 45.02 -31.70
N LYS B 366 -22.37 45.92 -30.97
CA LYS B 366 -23.24 46.97 -31.57
C LYS B 366 -24.35 46.36 -32.43
N ASN B 367 -25.57 46.43 -31.92
CA ASN B 367 -26.81 46.04 -32.62
C ASN B 367 -26.96 44.60 -32.96
N LEU B 368 -26.39 43.71 -32.16
CA LEU B 368 -26.69 42.29 -32.27
C LEU B 368 -28.20 42.08 -32.13
N ASN B 369 -28.75 41.17 -32.92
CA ASN B 369 -30.19 40.96 -32.99
C ASN B 369 -30.37 39.50 -33.30
N LEU B 370 -31.07 38.77 -32.45
CA LEU B 370 -31.34 37.36 -32.73
C LEU B 370 -32.47 36.83 -31.84
N ASN B 371 -33.05 35.68 -32.17
CA ASN B 371 -33.80 35.00 -31.13
C ASN B 371 -33.88 33.49 -31.25
N ILE B 372 -34.21 32.89 -30.10
CA ILE B 372 -34.20 31.46 -29.86
C ILE B 372 -35.59 30.92 -29.49
N LYS B 373 -36.18 30.10 -30.35
CA LYS B 373 -37.42 29.42 -30.01
C LYS B 373 -37.12 28.41 -28.91
N LYS B 374 -38.02 28.25 -27.96
CA LYS B 374 -37.80 27.30 -26.86
C LYS B 374 -37.65 25.87 -27.33
N GLY B 375 -36.45 25.34 -27.17
CA GLY B 375 -36.14 23.97 -27.55
C GLY B 375 -35.14 23.94 -28.69
N GLU B 376 -34.69 25.11 -29.11
CA GLU B 376 -34.09 25.25 -30.43
C GLU B 376 -32.75 24.59 -30.62
N LYS B 377 -31.96 24.37 -29.59
CA LYS B 377 -30.62 23.81 -29.83
C LYS B 377 -29.83 24.60 -30.88
N ILE B 378 -29.26 25.74 -30.51
CA ILE B 378 -28.50 26.54 -31.45
C ILE B 378 -27.02 26.53 -31.08
N ALA B 379 -26.13 26.91 -31.98
CA ALA B 379 -24.70 26.88 -31.69
C ALA B 379 -24.04 28.18 -32.14
N PHE B 380 -23.00 28.59 -31.43
CA PHE B 380 -22.29 29.78 -31.86
C PHE B 380 -20.92 29.42 -32.39
N ILE B 381 -20.86 29.40 -33.72
CA ILE B 381 -19.65 29.33 -34.50
C ILE B 381 -18.90 30.65 -34.42
N GLY B 382 -17.58 30.60 -34.23
CA GLY B 382 -16.83 31.84 -34.17
C GLY B 382 -15.34 31.61 -34.04
N GLU B 383 -14.60 32.71 -33.98
CA GLU B 383 -13.15 32.67 -33.89
C GLU B 383 -12.59 32.73 -32.48
N SER B 384 -13.30 32.13 -31.51
CA SER B 384 -12.73 31.86 -30.20
C SER B 384 -12.17 33.13 -29.54
N GLY B 385 -12.99 33.85 -28.79
CA GLY B 385 -12.60 35.18 -28.37
C GLY B 385 -12.99 36.13 -29.48
N CYS B 386 -13.83 35.64 -30.38
CA CYS B 386 -14.43 36.51 -31.37
C CYS B 386 -15.61 37.22 -30.73
N GLY B 387 -16.07 36.68 -29.61
CA GLY B 387 -17.12 37.30 -28.80
C GLY B 387 -18.25 36.36 -28.47
N LYS B 388 -18.22 35.17 -29.07
CA LYS B 388 -19.32 34.22 -28.95
C LYS B 388 -19.53 33.77 -27.50
N SER B 389 -18.44 33.57 -26.76
CA SER B 389 -18.57 33.17 -25.37
C SER B 389 -19.22 34.31 -24.57
N THR B 390 -18.70 35.53 -24.73
CA THR B 390 -19.33 36.75 -24.20
C THR B 390 -20.80 36.95 -24.59
N LEU B 391 -21.13 36.65 -25.84
CA LEU B 391 -22.49 36.74 -26.31
C LEU B 391 -23.36 35.84 -25.45
N VAL B 392 -22.94 34.59 -25.35
CA VAL B 392 -23.66 33.62 -24.56
C VAL B 392 -23.78 34.14 -23.12
N ASP B 393 -22.69 34.73 -22.63
CA ASP B 393 -22.66 35.27 -21.28
C ASP B 393 -23.77 36.28 -21.10
N LEU B 394 -24.15 36.98 -22.16
CA LEU B 394 -25.26 37.93 -22.06
C LEU B 394 -26.59 37.22 -22.10
N ILE B 395 -26.73 36.28 -23.04
CA ILE B 395 -27.97 35.51 -23.20
C ILE B 395 -28.37 34.76 -21.95
N ILE B 396 -27.41 34.10 -21.30
CA ILE B 396 -27.65 33.62 -19.93
C ILE B 396 -27.57 34.80 -18.95
N GLY B 397 -27.66 34.54 -17.67
CA GLY B 397 -27.82 35.69 -16.79
C GLY B 397 -26.76 36.77 -16.71
N LEU B 398 -25.50 36.36 -16.52
CA LEU B 398 -24.33 37.20 -16.21
C LEU B 398 -24.13 38.27 -17.26
N LEU B 399 -23.45 39.37 -16.95
CA LEU B 399 -23.21 40.51 -17.91
C LEU B 399 -24.42 41.39 -18.24
N LYS B 400 -24.30 42.67 -17.90
CA LYS B 400 -25.35 43.62 -18.23
C LYS B 400 -25.07 44.20 -19.61
N PRO B 401 -26.02 44.03 -20.55
CA PRO B 401 -25.86 44.61 -21.89
C PRO B 401 -25.76 46.12 -21.84
N LYS B 402 -24.86 46.64 -22.67
CA LYS B 402 -24.63 48.07 -22.79
C LYS B 402 -25.80 48.81 -23.43
N GLU B 403 -26.55 48.13 -24.30
CA GLU B 403 -27.66 48.80 -24.98
C GLU B 403 -28.91 47.97 -25.32
N GLY B 404 -28.77 46.67 -25.43
CA GLY B 404 -29.88 45.86 -25.87
C GLY B 404 -30.89 45.49 -24.79
N GLN B 405 -31.64 44.41 -25.01
CA GLN B 405 -32.55 43.98 -23.97
C GLN B 405 -32.42 42.55 -23.51
N ILE B 406 -32.58 41.59 -24.43
CA ILE B 406 -32.80 40.18 -24.02
C ILE B 406 -34.18 39.99 -23.31
N LEU B 407 -35.18 39.57 -24.07
CA LEU B 407 -36.50 39.36 -23.53
C LEU B 407 -36.87 37.87 -23.39
N ILE B 408 -37.57 37.53 -22.32
CA ILE B 408 -38.04 36.16 -22.12
C ILE B 408 -39.58 36.11 -22.06
N ASP B 409 -40.17 35.65 -23.17
CA ASP B 409 -41.61 35.75 -23.44
C ASP B 409 -42.03 37.21 -23.38
N LYS B 410 -41.33 38.02 -24.17
CA LYS B 410 -41.54 39.46 -24.30
C LYS B 410 -41.29 40.25 -23.00
N GLN B 411 -40.81 39.57 -21.97
CA GLN B 411 -40.53 40.20 -20.69
C GLN B 411 -39.04 40.38 -20.49
N GLU B 412 -38.65 41.59 -20.10
CA GLU B 412 -37.24 41.95 -20.02
C GLU B 412 -36.50 41.22 -18.91
N LEU B 413 -35.33 40.69 -19.26
CA LEU B 413 -34.41 40.15 -18.28
C LEU B 413 -33.68 41.34 -17.70
N ASN B 414 -33.68 41.44 -16.37
CA ASN B 414 -32.95 42.51 -15.68
C ASN B 414 -32.59 42.14 -14.23
N ALA B 415 -32.14 43.13 -13.47
CA ALA B 415 -31.70 42.87 -12.10
C ALA B 415 -32.77 42.15 -11.30
N SER B 416 -34.02 42.57 -11.44
CA SER B 416 -35.09 42.00 -10.63
C SER B 416 -35.30 40.52 -10.91
N ASN B 417 -35.18 40.07 -12.14
CA ASN B 417 -35.45 38.66 -12.43
C ASN B 417 -34.23 37.78 -12.76
N ALA B 418 -33.05 38.38 -12.80
CA ALA B 418 -31.87 37.64 -13.22
C ALA B 418 -31.62 36.41 -12.35
N LYS B 419 -31.92 36.50 -11.06
CA LYS B 419 -31.80 35.34 -10.18
C LYS B 419 -32.59 34.17 -10.73
N ASN B 420 -33.86 34.40 -10.99
CA ASN B 420 -34.73 33.32 -11.40
C ASN B 420 -34.34 32.80 -12.78
N TYR B 421 -33.76 33.68 -13.59
CA TYR B 421 -33.37 33.31 -14.94
C TYR B 421 -32.10 32.46 -14.89
N ARG B 422 -31.09 32.96 -14.19
CA ARG B 422 -29.85 32.23 -13.93
C ARG B 422 -30.16 30.86 -13.41
N GLN B 423 -31.19 30.80 -12.58
CA GLN B 423 -31.59 29.56 -11.93
C GLN B 423 -31.96 28.47 -12.91
N LYS B 424 -32.31 28.85 -14.13
CA LYS B 424 -32.76 27.84 -15.07
C LYS B 424 -31.77 27.52 -16.21
N ILE B 425 -30.45 27.74 -16.02
CA ILE B 425 -29.50 27.23 -17.02
C ILE B 425 -28.42 26.32 -16.45
N GLY B 426 -28.29 25.12 -17.03
CA GLY B 426 -27.21 24.20 -16.70
C GLY B 426 -25.97 24.73 -17.39
N TYR B 427 -24.81 24.15 -17.17
CA TYR B 427 -23.67 24.81 -17.77
C TYR B 427 -22.71 23.93 -18.57
N ILE B 428 -22.24 22.80 -18.05
CA ILE B 428 -21.45 21.84 -18.89
C ILE B 428 -20.28 22.43 -19.70
N PRO B 429 -19.11 22.65 -19.04
CA PRO B 429 -17.91 23.29 -19.58
C PRO B 429 -16.81 22.42 -20.25
N GLN B 430 -17.02 21.13 -20.50
CA GLN B 430 -16.03 20.35 -21.26
C GLN B 430 -14.63 20.29 -20.61
N ASN B 431 -13.89 21.41 -20.51
CA ASN B 431 -12.68 21.39 -19.69
C ASN B 431 -13.02 21.90 -18.28
N ILE B 432 -13.32 20.93 -17.42
CA ILE B 432 -13.99 21.20 -16.18
C ILE B 432 -13.07 20.98 -14.97
N TYR B 433 -13.25 21.79 -13.94
CA TYR B 433 -12.50 21.68 -12.69
C TYR B 433 -13.37 21.01 -11.63
N LEU B 434 -13.02 19.77 -11.30
CA LEU B 434 -13.68 19.08 -10.20
C LEU B 434 -12.91 19.34 -8.89
N PHE B 435 -13.53 19.11 -7.75
CA PHE B 435 -12.74 19.12 -6.54
C PHE B 435 -12.71 17.74 -5.95
N ASN B 436 -11.74 17.57 -5.08
CA ASN B 436 -11.39 16.30 -4.48
C ASN B 436 -12.45 15.81 -3.51
N ASP B 437 -13.46 15.11 -4.03
CA ASP B 437 -14.52 14.58 -3.17
C ASP B 437 -15.37 13.54 -3.88
N SER B 438 -16.38 13.04 -3.18
CA SER B 438 -17.03 11.80 -3.55
C SER B 438 -18.03 11.93 -4.66
N ILE B 439 -17.56 12.20 -5.88
CA ILE B 439 -18.39 12.20 -7.11
C ILE B 439 -19.83 12.71 -6.95
N ALA B 440 -20.62 12.09 -6.06
CA ALA B 440 -21.95 12.57 -5.68
C ALA B 440 -21.88 14.07 -5.44
N LYS B 441 -21.01 14.46 -4.53
CA LYS B 441 -20.41 15.77 -4.58
C LYS B 441 -19.06 15.48 -5.21
N ASN B 442 -18.73 15.99 -6.40
CA ASN B 442 -19.31 17.16 -7.07
C ASN B 442 -20.79 17.18 -7.42
N ILE B 443 -21.17 16.44 -8.46
CA ILE B 443 -22.53 16.41 -9.04
C ILE B 443 -23.64 17.21 -8.32
N THR B 444 -23.71 17.19 -7.00
CA THR B 444 -24.66 18.06 -6.32
C THR B 444 -24.12 19.48 -6.15
N PHE B 445 -22.80 19.63 -6.28
CA PHE B 445 -22.08 20.91 -6.08
C PHE B 445 -22.18 21.38 -4.65
N GLY B 446 -22.11 20.45 -3.69
CA GLY B 446 -22.27 20.75 -2.28
C GLY B 446 -23.69 20.51 -1.76
N ASP B 447 -24.68 21.15 -2.39
CA ASP B 447 -26.06 21.19 -1.87
C ASP B 447 -26.67 19.85 -1.45
N ALA B 448 -26.34 19.41 -0.23
CA ALA B 448 -26.86 18.14 0.31
C ALA B 448 -26.69 16.97 -0.66
N VAL B 449 -27.63 16.03 -0.63
CA VAL B 449 -27.83 15.10 -1.74
C VAL B 449 -29.32 14.87 -1.89
N ASP B 450 -29.67 13.92 -2.76
CA ASP B 450 -31.06 13.58 -2.99
C ASP B 450 -31.15 12.14 -3.46
N GLU B 451 -29.99 11.48 -3.52
CA GLU B 451 -29.87 10.09 -3.97
C GLU B 451 -30.71 9.78 -5.20
N GLU B 452 -32.04 9.83 -5.06
CA GLU B 452 -32.92 9.61 -6.20
C GLU B 452 -32.56 10.56 -7.32
N LYS B 453 -32.59 11.86 -7.06
CA LYS B 453 -32.25 12.84 -8.10
C LYS B 453 -30.81 12.60 -8.53
N LEU B 454 -29.95 12.31 -7.55
CA LEU B 454 -28.55 12.03 -7.85
C LEU B 454 -28.38 10.83 -8.77
N ASN B 455 -29.04 9.73 -8.43
CA ASN B 455 -28.93 8.50 -9.22
C ASN B 455 -29.49 8.68 -10.62
N LYS B 456 -30.69 9.28 -10.69
CA LYS B 456 -31.39 9.49 -11.96
C LYS B 456 -30.58 10.40 -12.87
N VAL B 457 -30.03 11.44 -12.30
CA VAL B 457 -29.19 12.35 -13.04
C VAL B 457 -27.96 11.61 -13.54
N ILE B 458 -27.42 10.71 -12.73
CA ILE B 458 -26.26 9.95 -13.17
C ILE B 458 -26.64 9.05 -14.35
N LYS B 459 -27.85 8.48 -14.29
CA LYS B 459 -28.34 7.63 -15.37
C LYS B 459 -28.50 8.42 -16.67
N GLN B 460 -29.07 9.63 -16.58
CA GLN B 460 -29.22 10.49 -17.76
C GLN B 460 -27.92 10.77 -18.50
N ALA B 461 -26.89 11.14 -17.74
CA ALA B 461 -25.59 11.46 -18.33
C ALA B 461 -24.79 10.21 -18.54
N ASN B 462 -25.50 9.06 -18.52
CA ASN B 462 -24.94 7.71 -18.66
C ASN B 462 -23.52 7.53 -18.10
N LEU B 463 -23.43 7.57 -16.76
CA LEU B 463 -22.18 7.38 -16.03
C LEU B 463 -22.20 6.07 -15.26
N GLU B 464 -23.32 5.36 -15.37
CA GLU B 464 -23.56 4.15 -14.61
C GLU B 464 -22.52 3.06 -14.89
N HIS B 465 -22.08 2.93 -16.14
CA HIS B 465 -21.07 1.92 -16.48
C HIS B 465 -19.71 2.27 -15.91
N PHE B 466 -19.60 3.47 -15.35
CA PHE B 466 -18.37 3.90 -14.70
C PHE B 466 -18.49 3.70 -13.20
N ILE B 467 -19.66 4.06 -12.67
CA ILE B 467 -19.92 3.99 -11.23
C ILE B 467 -20.17 2.52 -10.86
N LYS B 468 -20.31 1.68 -11.87
CA LYS B 468 -20.42 0.23 -11.69
C LYS B 468 -19.04 -0.33 -11.38
N ASN B 469 -18.05 0.11 -12.14
CA ASN B 469 -16.69 -0.39 -11.99
C ASN B 469 -15.94 0.35 -10.91
N LEU B 470 -16.66 1.07 -10.07
CA LEU B 470 -16.02 1.75 -8.95
C LEU B 470 -16.38 1.06 -7.64
N PRO B 471 -15.38 0.88 -6.77
CA PRO B 471 -15.52 0.22 -5.46
C PRO B 471 -16.52 0.95 -4.56
N GLN B 472 -16.12 2.15 -4.14
CA GLN B 472 -16.97 3.01 -3.34
C GLN B 472 -18.17 3.44 -4.18
N GLY B 473 -18.00 3.43 -5.49
CA GLY B 473 -19.10 3.71 -6.38
C GLY B 473 -19.30 5.20 -6.44
N VAL B 474 -20.45 5.65 -5.96
CA VAL B 474 -20.81 7.07 -5.97
C VAL B 474 -20.03 7.85 -4.93
N GLN B 475 -19.29 7.15 -4.08
CA GLN B 475 -18.54 7.78 -3.01
C GLN B 475 -17.06 7.86 -3.31
N THR B 476 -16.67 7.51 -4.54
CA THR B 476 -15.26 7.56 -4.91
C THR B 476 -14.73 8.99 -4.92
N LYS B 477 -13.69 9.23 -4.14
CA LYS B 477 -13.03 10.52 -4.21
C LYS B 477 -12.38 10.64 -5.59
N VAL B 478 -12.46 11.82 -6.20
CA VAL B 478 -11.90 11.99 -7.53
C VAL B 478 -10.46 12.51 -7.51
N GLY B 479 -9.84 12.50 -6.34
CA GLY B 479 -8.39 12.67 -6.20
C GLY B 479 -7.79 14.06 -6.30
N ASP B 480 -8.48 14.93 -7.02
CA ASP B 480 -8.07 16.30 -7.31
C ASP B 480 -9.06 16.71 -8.37
N GLY B 481 -8.61 17.30 -9.47
CA GLY B 481 -9.50 17.44 -10.61
C GLY B 481 -9.69 16.05 -11.18
N GLY B 482 -8.64 15.25 -11.11
CA GLY B 482 -8.57 13.95 -11.73
C GLY B 482 -7.31 14.05 -12.55
N SER B 483 -6.25 13.28 -12.32
CA SER B 483 -6.13 12.15 -11.38
C SER B 483 -7.15 11.05 -11.65
N ASN B 484 -8.00 10.77 -10.66
CA ASN B 484 -8.83 9.57 -10.69
C ASN B 484 -9.71 9.43 -11.92
N LEU B 485 -9.92 10.55 -12.61
CA LEU B 485 -10.88 10.59 -13.70
C LEU B 485 -10.20 10.88 -15.02
N SER B 486 -10.69 10.25 -16.09
CA SER B 486 -10.20 10.51 -17.44
C SER B 486 -11.22 11.34 -18.18
N GLY B 487 -10.74 12.15 -19.12
CA GLY B 487 -11.52 13.23 -19.72
C GLY B 487 -13.01 13.01 -19.90
N GLY B 488 -13.37 11.84 -20.43
CA GLY B 488 -14.75 11.48 -20.70
C GLY B 488 -15.63 11.44 -19.46
N GLN B 489 -15.12 10.82 -18.39
CA GLN B 489 -15.85 10.71 -17.13
C GLN B 489 -16.00 12.07 -16.47
N LYS B 490 -14.94 12.87 -16.51
CA LYS B 490 -15.04 14.26 -16.07
C LYS B 490 -16.18 14.96 -16.78
N GLN B 491 -16.21 14.86 -18.10
CA GLN B 491 -17.23 15.49 -18.92
C GLN B 491 -18.65 15.01 -18.61
N ARG B 492 -18.82 13.69 -18.47
CA ARG B 492 -20.15 13.17 -18.18
C ARG B 492 -20.58 13.56 -16.78
N ILE B 493 -19.62 13.63 -15.86
CA ILE B 493 -19.85 14.11 -14.50
C ILE B 493 -20.26 15.58 -14.50
N ALA B 494 -19.63 16.38 -15.35
CA ALA B 494 -20.00 17.78 -15.44
C ALA B 494 -21.43 17.90 -15.98
N ILE B 495 -21.74 17.12 -17.02
CA ILE B 495 -23.12 17.01 -17.55
C ILE B 495 -24.14 16.59 -16.46
N ALA B 496 -23.70 15.68 -15.61
CA ALA B 496 -24.53 15.21 -14.52
C ALA B 496 -24.79 16.34 -13.57
N ARG B 497 -23.71 16.96 -13.17
CA ARG B 497 -23.74 18.09 -12.28
C ARG B 497 -24.79 19.09 -12.78
N ALA B 498 -24.77 19.33 -14.09
CA ALA B 498 -25.71 20.25 -14.74
C ALA B 498 -27.16 19.77 -14.65
N LEU B 499 -27.33 18.50 -14.97
CA LEU B 499 -28.63 17.90 -14.94
C LEU B 499 -29.17 17.86 -13.50
N TYR B 500 -28.29 18.09 -12.53
CA TYR B 500 -28.67 18.03 -11.13
C TYR B 500 -29.45 19.28 -10.73
N LEU B 501 -29.10 20.42 -11.34
CA LEU B 501 -29.89 21.63 -11.16
C LEU B 501 -31.20 21.43 -11.93
N GLU B 502 -31.07 20.59 -12.95
CA GLU B 502 -32.10 20.23 -13.93
C GLU B 502 -32.18 21.24 -15.10
N PRO B 503 -33.21 22.08 -15.14
CA PRO B 503 -33.70 22.51 -16.46
C PRO B 503 -32.90 23.72 -16.96
N GLU B 504 -33.34 24.55 -17.91
CA GLU B 504 -34.30 24.29 -18.98
C GLU B 504 -33.51 24.66 -20.21
N ILE B 505 -32.45 25.41 -19.95
CA ILE B 505 -31.50 25.81 -20.97
C ILE B 505 -30.12 25.23 -20.70
N LEU B 506 -29.60 24.41 -21.62
CA LEU B 506 -28.26 23.90 -21.43
C LEU B 506 -27.28 24.74 -22.21
N VAL B 507 -26.29 25.26 -21.54
CA VAL B 507 -25.16 25.82 -22.25
C VAL B 507 -24.10 24.72 -22.35
N LEU B 508 -23.41 24.63 -23.47
CA LEU B 508 -22.29 23.72 -23.55
C LEU B 508 -21.11 24.54 -24.00
N ASP B 509 -20.17 24.75 -23.12
CA ASP B 509 -19.05 25.58 -23.50
C ASP B 509 -17.94 24.65 -23.90
N GLN B 510 -17.88 24.30 -25.17
CA GLN B 510 -16.88 23.32 -25.55
C GLN B 510 -15.49 23.95 -25.55
N ALA B 511 -14.52 23.16 -25.14
CA ALA B 511 -13.14 23.60 -25.05
C ALA B 511 -12.50 23.59 -26.41
N THR B 512 -11.32 24.18 -26.47
CA THR B 512 -10.57 24.18 -27.71
C THR B 512 -9.75 22.90 -27.69
N SER B 513 -9.87 22.11 -28.76
CA SER B 513 -9.19 20.81 -28.91
C SER B 513 -9.77 19.73 -27.99
N ALA B 514 -9.85 18.51 -28.51
CA ALA B 514 -10.32 17.34 -27.76
C ALA B 514 -9.44 16.18 -28.18
N LEU B 515 -8.98 16.22 -29.44
CA LEU B 515 -7.96 15.33 -29.99
C LEU B 515 -8.20 13.85 -29.62
N ASP B 516 -9.18 13.23 -30.27
CA ASP B 516 -9.74 13.78 -31.50
C ASP B 516 -11.24 13.52 -31.56
N THR B 517 -11.72 13.24 -32.77
CA THR B 517 -13.14 13.05 -33.01
C THR B 517 -13.78 11.91 -32.18
N GLN B 518 -13.06 10.80 -31.96
CA GLN B 518 -13.66 9.61 -31.34
C GLN B 518 -14.45 9.86 -30.06
N SER B 519 -13.85 10.50 -29.07
CA SER B 519 -14.58 10.72 -27.81
C SER B 519 -15.65 11.83 -27.90
N GLU B 520 -15.25 12.96 -28.48
CA GLU B 520 -16.09 14.16 -28.50
C GLU B 520 -17.36 13.93 -29.28
N ALA B 521 -17.27 13.15 -30.36
CA ALA B 521 -18.47 12.84 -31.13
C ALA B 521 -19.50 12.09 -30.27
N LYS B 522 -19.02 11.12 -29.52
CA LYS B 522 -19.86 10.34 -28.62
C LYS B 522 -20.53 11.23 -27.59
N ILE B 523 -19.74 12.07 -26.92
CA ILE B 523 -20.32 12.95 -25.90
C ILE B 523 -21.30 13.98 -26.49
N MET B 524 -20.97 14.53 -27.66
CA MET B 524 -21.88 15.47 -28.35
C MET B 524 -23.23 14.83 -28.61
N ASP B 525 -23.20 13.63 -29.16
CA ASP B 525 -24.45 12.92 -29.41
C ASP B 525 -25.22 12.60 -28.12
N GLU B 526 -24.53 12.22 -27.05
CA GLU B 526 -25.26 12.00 -25.81
C GLU B 526 -25.97 13.27 -25.36
N ILE B 527 -25.23 14.38 -25.42
CA ILE B 527 -25.72 15.69 -25.02
C ILE B 527 -26.97 16.07 -25.84
N TYR B 528 -26.90 15.84 -27.15
CA TYR B 528 -28.06 16.10 -28.02
C TYR B 528 -29.23 15.21 -27.59
N LYS B 529 -28.93 13.97 -27.19
CA LYS B 529 -29.99 13.08 -26.72
C LYS B 529 -30.69 13.65 -25.49
N ILE B 530 -29.92 14.08 -24.50
CA ILE B 530 -30.49 14.56 -23.23
C ILE B 530 -31.03 15.99 -23.32
N SER B 531 -30.83 16.63 -24.46
CA SER B 531 -31.36 17.98 -24.61
C SER B 531 -32.64 18.01 -25.44
N LYS B 532 -33.31 16.87 -25.56
CA LYS B 532 -34.54 16.84 -26.34
C LYS B 532 -35.66 17.65 -25.69
N ASP B 533 -35.88 17.46 -24.39
CA ASP B 533 -36.94 18.19 -23.71
C ASP B 533 -36.48 19.58 -23.31
N LYS B 534 -35.23 19.90 -23.61
CA LYS B 534 -34.64 21.18 -23.20
C LYS B 534 -34.25 22.02 -24.39
N THR B 535 -33.80 23.24 -24.11
CA THR B 535 -33.30 24.11 -25.17
C THR B 535 -31.80 24.31 -24.92
N MET B 536 -30.99 24.36 -25.98
CA MET B 536 -29.56 24.28 -25.74
C MET B 536 -28.73 25.26 -26.54
N ILE B 537 -27.77 25.88 -25.88
CA ILE B 537 -26.81 26.74 -26.56
C ILE B 537 -25.45 26.05 -26.52
N ILE B 538 -24.77 26.01 -27.66
CA ILE B 538 -23.43 25.43 -27.72
C ILE B 538 -22.39 26.44 -28.17
N ILE B 539 -21.41 26.71 -27.34
CA ILE B 539 -20.31 27.59 -27.75
C ILE B 539 -19.27 26.76 -28.51
N ALA B 540 -19.64 26.42 -29.73
CA ALA B 540 -18.89 25.47 -30.52
C ALA B 540 -17.56 26.04 -31.02
N HIS B 541 -16.49 25.27 -30.91
CA HIS B 541 -15.15 25.75 -31.29
C HIS B 541 -14.68 25.16 -32.57
N ARG B 542 -15.43 24.20 -33.08
CA ARG B 542 -15.08 23.60 -34.33
C ARG B 542 -16.14 23.93 -35.38
N LEU B 543 -17.18 23.11 -35.33
CA LEU B 543 -18.18 22.87 -36.37
C LEU B 543 -18.26 21.40 -36.17
N SER B 544 -18.83 20.68 -37.11
CA SER B 544 -18.72 19.21 -37.12
C SER B 544 -19.19 18.54 -35.84
N THR B 545 -19.54 19.34 -34.86
CA THR B 545 -19.99 18.90 -33.57
C THR B 545 -21.36 19.50 -33.44
N ILE B 546 -21.63 20.43 -34.35
CA ILE B 546 -22.86 21.19 -34.34
C ILE B 546 -23.65 21.17 -35.62
N THR B 547 -23.46 20.16 -36.45
CA THR B 547 -24.22 20.08 -37.69
C THR B 547 -25.68 19.84 -37.35
N GLN B 548 -25.90 19.19 -36.21
CA GLN B 548 -27.21 18.74 -35.79
C GLN B 548 -27.99 19.82 -35.02
N CYS B 549 -27.49 21.06 -35.08
CA CYS B 549 -28.14 22.22 -34.48
C CYS B 549 -29.19 22.86 -35.38
N ASP B 550 -30.30 23.29 -34.78
CA ASP B 550 -31.42 23.90 -35.50
C ASP B 550 -31.06 25.27 -36.05
N LYS B 551 -30.17 25.95 -35.36
CA LYS B 551 -29.59 27.18 -35.87
C LYS B 551 -28.13 27.14 -35.60
N VAL B 552 -27.34 27.72 -36.49
CA VAL B 552 -25.93 27.95 -36.22
C VAL B 552 -25.62 29.36 -36.62
N TYR B 553 -25.17 30.17 -35.67
CA TYR B 553 -24.79 31.53 -36.02
C TYR B 553 -23.30 31.65 -35.95
N ARG B 554 -22.74 32.32 -36.94
CA ARG B 554 -21.34 32.65 -36.92
C ARG B 554 -21.21 34.10 -36.53
N LEU B 555 -20.38 34.36 -35.54
CA LEU B 555 -20.15 35.74 -35.15
C LEU B 555 -18.77 36.13 -35.59
N GLU B 556 -18.61 36.97 -36.61
CA GLU B 556 -17.26 37.44 -36.92
C GLU B 556 -17.20 38.97 -37.06
N HIS B 557 -16.21 39.53 -36.37
CA HIS B 557 -15.87 40.96 -36.29
C HIS B 557 -16.68 41.91 -37.15
N GLY B 558 -17.82 42.35 -36.66
CA GLY B 558 -18.40 41.88 -35.41
C GLY B 558 -19.91 41.77 -35.60
N LYS B 559 -20.33 40.99 -36.58
CA LYS B 559 -21.74 40.75 -36.84
C LYS B 559 -22.08 39.27 -36.64
N LEU B 560 -23.37 39.01 -36.47
CA LEU B 560 -23.86 37.64 -36.33
C LEU B 560 -24.59 37.30 -37.61
N LYS B 561 -24.11 36.31 -38.35
CA LYS B 561 -24.81 35.87 -39.54
C LYS B 561 -25.27 34.44 -39.27
N GLU B 562 -26.38 34.03 -39.85
CA GLU B 562 -26.78 32.64 -39.74
C GLU B 562 -26.12 31.75 -40.82
N GLU B 563 -25.80 30.51 -40.48
CA GLU B 563 -25.23 29.58 -41.45
C GLU B 563 -26.32 28.65 -42.01
N LYS B 564 -26.90 27.90 -41.08
CA LYS B 564 -28.04 27.04 -41.39
C LYS B 564 -28.99 26.98 -40.18
N MET C 1 47.33 9.03 2.54
CA MET C 1 46.35 10.10 2.34
C MET C 1 46.72 11.34 3.17
N VAL C 2 47.77 11.23 3.98
CA VAL C 2 48.31 12.39 4.69
C VAL C 2 49.53 12.89 3.96
N LYS C 3 50.19 11.97 3.27
CA LYS C 3 51.31 12.29 2.40
C LYS C 3 50.84 13.27 1.32
N LYS C 4 49.66 13.02 0.79
CA LYS C 4 48.96 13.93 -0.11
C LYS C 4 49.01 15.36 0.42
N LEU C 5 48.46 15.51 1.62
CA LEU C 5 48.29 16.81 2.27
C LEU C 5 49.61 17.57 2.39
N PHE C 6 50.70 16.86 2.72
CA PHE C 6 52.00 17.50 2.93
C PHE C 6 52.78 17.69 1.62
N PHE C 7 52.34 17.00 0.57
CA PHE C 7 52.84 17.22 -0.77
C PHE C 7 52.25 18.53 -1.33
N ILE C 8 50.95 18.70 -1.15
CA ILE C 8 50.29 19.89 -1.65
C ILE C 8 50.74 21.15 -0.91
N LEU C 9 50.89 21.05 0.41
CA LEU C 9 51.35 22.16 1.26
C LEU C 9 52.87 22.38 1.10
N SER C 10 53.31 23.64 1.18
CA SER C 10 54.74 23.95 1.07
C SER C 10 55.48 23.67 2.38
N LYS C 11 56.61 24.34 2.59
CA LYS C 11 57.30 24.27 3.87
C LYS C 11 56.69 25.30 4.83
N GLU C 12 56.57 26.56 4.38
CA GLU C 12 55.95 27.62 5.19
C GLU C 12 54.57 27.17 5.62
N ASP C 13 53.88 26.49 4.71
CA ASP C 13 52.57 25.96 4.97
C ASP C 13 52.56 24.98 6.13
N LYS C 14 53.43 23.98 6.06
CA LYS C 14 53.49 22.98 7.12
C LYS C 14 53.83 23.63 8.45
N ASN C 15 54.84 24.51 8.44
CA ASN C 15 55.27 25.22 9.64
C ASN C 15 54.08 25.89 10.33
N PHE C 16 53.41 26.71 9.53
CA PHE C 16 52.20 27.40 9.95
C PHE C 16 51.16 26.44 10.54
N LEU C 17 51.01 25.27 9.92
CA LEU C 17 50.05 24.26 10.34
C LEU C 17 50.34 23.69 11.73
N PHE C 18 51.58 23.31 11.96
CA PHE C 18 51.89 22.75 13.26
C PHE C 18 51.75 23.81 14.33
N PHE C 19 52.25 25.00 14.02
CA PHE C 19 52.07 26.16 14.90
C PHE C 19 50.61 26.33 15.28
N LEU C 20 49.73 26.32 14.28
CA LEU C 20 48.31 26.52 14.51
C LEU C 20 47.69 25.42 15.36
N LEU C 21 48.21 24.20 15.26
CA LEU C 21 47.76 23.16 16.16
C LEU C 21 48.04 23.56 17.60
N VAL C 22 49.34 23.72 17.88
CA VAL C 22 49.78 24.11 19.22
C VAL C 22 48.90 25.25 19.73
N PHE C 23 48.78 26.29 18.92
CA PHE C 23 47.98 27.47 19.23
C PHE C 23 46.57 27.04 19.62
N SER C 24 46.00 26.12 18.86
CA SER C 24 44.64 25.66 19.16
C SER C 24 44.53 25.12 20.58
N VAL C 25 45.48 24.25 20.94
CA VAL C 25 45.48 23.69 22.31
C VAL C 25 45.73 24.79 23.37
N PHE C 26 46.67 25.68 23.09
CA PHE C 26 46.95 26.80 23.98
C PHE C 26 45.66 27.61 24.29
N VAL C 27 44.83 27.85 23.28
CA VAL C 27 43.61 28.58 23.59
C VAL C 27 42.63 27.68 24.34
N SER C 28 42.72 26.36 24.19
CA SER C 28 41.87 25.48 25.03
C SER C 28 42.14 25.66 26.51
N PHE C 29 43.42 25.66 26.83
CA PHE C 29 43.82 25.98 28.20
C PHE C 29 43.29 27.35 28.59
N ILE C 30 43.62 28.38 27.83
CA ILE C 30 43.18 29.72 28.22
C ILE C 30 41.67 29.83 28.43
N GLU C 31 40.89 29.03 27.71
CA GLU C 31 39.44 28.98 27.93
C GLU C 31 39.10 28.40 29.29
N THR C 32 39.70 27.25 29.59
CA THR C 32 39.38 26.65 30.88
C THR C 32 39.87 27.54 32.02
N PHE C 33 40.97 28.23 31.79
CA PHE C 33 41.43 29.25 32.71
C PHE C 33 40.39 30.33 32.96
N ALA C 34 39.95 30.99 31.88
CA ALA C 34 38.94 32.05 31.97
C ALA C 34 37.72 31.60 32.76
N ILE C 35 37.32 30.34 32.58
CA ILE C 35 36.18 29.82 33.33
C ILE C 35 36.52 29.63 34.83
N SER C 36 37.62 28.95 35.08
CA SER C 36 37.96 28.57 36.44
C SER C 36 38.39 29.74 37.34
N LEU C 37 39.06 30.76 36.78
CA LEU C 37 39.50 31.91 37.59
C LEU C 37 38.35 32.63 38.28
N VAL C 38 37.11 32.35 37.87
CA VAL C 38 35.97 32.99 38.53
C VAL C 38 35.81 32.41 39.93
N MET C 39 36.12 31.13 40.08
CA MET C 39 36.04 30.44 41.37
C MET C 39 36.90 31.10 42.49
N PRO C 40 38.23 31.25 42.29
CA PRO C 40 38.97 31.90 43.37
C PRO C 40 38.59 33.35 43.54
N PHE C 41 38.39 34.08 42.44
CA PHE C 41 38.04 35.49 42.54
C PHE C 41 36.77 35.69 43.33
N ILE C 42 35.80 34.81 43.14
CA ILE C 42 34.51 35.00 43.77
C ILE C 42 34.54 34.43 45.19
N THR C 43 35.41 33.46 45.43
CA THR C 43 35.47 32.88 46.75
C THR C 43 36.37 33.72 47.69
N LEU C 44 37.23 34.57 47.13
CA LEU C 44 38.15 35.38 47.92
C LEU C 44 37.66 36.82 48.03
N ALA C 45 36.71 37.18 47.18
CA ALA C 45 36.08 38.48 47.30
C ALA C 45 34.98 38.31 48.33
N SER C 46 34.78 37.07 48.73
CA SER C 46 33.81 36.70 49.74
C SER C 46 33.94 35.21 50.00
N ASP C 47 34.26 34.84 51.24
CA ASP C 47 34.42 35.80 52.32
C ASP C 47 35.85 36.37 52.39
N PHE C 48 35.95 37.57 52.95
CA PHE C 48 37.18 38.33 53.04
C PHE C 48 38.26 37.72 53.93
N SER C 49 37.96 36.59 54.57
CA SER C 49 38.89 36.03 55.55
C SER C 49 40.17 35.51 54.88
N TYR C 50 40.40 34.20 54.93
CA TYR C 50 41.48 33.56 54.15
C TYR C 50 42.88 34.18 54.27
N PHE C 51 42.95 35.52 54.32
CA PHE C 51 44.19 36.25 54.58
C PHE C 51 44.48 36.23 56.07
N ASP C 52 43.76 35.38 56.79
CA ASP C 52 43.86 35.29 58.23
C ASP C 52 44.37 33.90 58.60
N ARG C 53 44.32 33.00 57.63
CA ARG C 53 45.01 31.72 57.68
C ARG C 53 45.85 31.64 56.41
N ASN C 54 46.30 30.45 56.04
CA ASN C 54 46.99 30.22 54.76
C ASN C 54 48.28 31.01 54.54
N LYS C 55 49.39 30.30 54.39
CA LYS C 55 50.70 30.93 54.23
C LYS C 55 50.72 32.01 53.16
N TYR C 56 50.21 31.65 51.99
CA TYR C 56 50.29 32.49 50.80
C TYR C 56 49.49 33.78 50.88
N LEU C 57 48.21 33.66 51.28
CA LEU C 57 47.32 34.81 51.35
C LEU C 57 47.77 35.83 52.39
N ILE C 58 48.24 35.35 53.53
CA ILE C 58 48.65 36.26 54.59
C ILE C 58 50.07 36.79 54.33
N SER C 59 50.88 36.04 53.59
CA SER C 59 52.17 36.55 53.15
C SER C 59 51.97 37.69 52.15
N LEU C 60 51.06 37.47 51.20
CA LEU C 60 50.67 38.49 50.23
C LEU C 60 50.13 39.71 50.97
N LYS C 61 49.29 39.45 51.97
CA LYS C 61 48.73 40.50 52.82
C LYS C 61 49.86 41.30 53.44
N GLU C 62 50.89 40.59 53.93
CA GLU C 62 52.04 41.24 54.56
C GLU C 62 53.18 41.51 53.58
N TYR C 63 52.85 41.62 52.30
CA TYR C 63 53.71 42.35 51.38
C TYR C 63 53.32 43.82 51.51
N LEU C 64 52.27 44.05 52.28
CA LEU C 64 51.94 45.32 52.93
C LEU C 64 51.84 46.54 52.02
N ASN C 65 51.93 46.33 50.71
CA ASN C 65 51.74 47.45 49.78
C ASN C 65 50.30 47.95 49.92
N ILE C 66 49.44 47.11 50.47
CA ILE C 66 48.01 47.40 50.63
C ILE C 66 47.40 46.58 51.79
N PRO C 67 46.18 46.95 52.25
CA PRO C 67 45.38 46.14 53.17
C PRO C 67 44.72 44.91 52.51
N VAL C 68 43.39 44.91 52.37
CA VAL C 68 42.66 43.87 51.61
C VAL C 68 41.52 44.49 50.81
N PHE C 69 41.10 45.68 51.22
CA PHE C 69 40.24 46.53 50.41
C PHE C 69 40.79 46.52 48.99
N GLU C 70 42.09 46.78 48.93
CA GLU C 70 42.79 46.95 47.68
C GLU C 70 43.33 45.64 47.11
N ILE C 71 43.42 44.58 47.92
CA ILE C 71 43.92 43.30 47.39
C ILE C 71 42.91 42.68 46.40
N ILE C 72 41.62 42.70 46.76
CA ILE C 72 40.60 42.15 45.88
C ILE C 72 40.45 43.04 44.66
N VAL C 73 40.57 44.35 44.86
CA VAL C 73 40.54 45.30 43.76
C VAL C 73 41.66 45.01 42.75
N TYR C 74 42.87 44.81 43.25
CA TYR C 74 43.98 44.43 42.39
C TYR C 74 43.66 43.12 41.67
N PHE C 75 43.15 42.14 42.40
CA PHE C 75 42.84 40.84 41.81
C PHE C 75 41.84 40.99 40.67
N GLY C 76 40.85 41.86 40.87
CA GLY C 76 39.86 42.16 39.85
C GLY C 76 40.51 42.81 38.64
N VAL C 77 41.43 43.74 38.90
CA VAL C 77 42.17 44.39 37.82
C VAL C 77 42.96 43.37 36.99
N GLY C 78 43.68 42.48 37.68
CA GLY C 78 44.41 41.40 37.05
C GLY C 78 43.49 40.50 36.26
N LEU C 79 42.28 40.29 36.77
CA LEU C 79 41.30 39.48 36.09
C LEU C 79 40.79 40.14 34.81
N ILE C 80 40.43 41.42 34.82
CA ILE C 80 39.93 41.99 33.57
C ILE C 80 41.09 42.22 32.61
N VAL C 81 42.30 42.38 33.12
CA VAL C 81 43.44 42.37 32.21
C VAL C 81 43.48 41.01 31.55
N PHE C 82 43.35 39.95 32.33
CA PHE C 82 43.36 38.62 31.75
C PHE C 82 42.29 38.48 30.70
N TYR C 83 41.12 39.02 30.95
CA TYR C 83 40.01 38.82 30.03
C TYR C 83 40.18 39.60 28.75
N VAL C 84 40.62 40.85 28.87
CA VAL C 84 40.95 41.63 27.68
C VAL C 84 41.99 40.89 26.86
N PHE C 85 43.04 40.44 27.56
CA PHE C 85 44.06 39.64 26.91
C PHE C 85 43.45 38.47 26.18
N ARG C 86 42.53 37.74 26.81
CA ARG C 86 41.97 36.55 26.18
C ARG C 86 41.16 36.90 24.94
N ALA C 87 40.46 38.03 24.99
CA ALA C 87 39.72 38.49 23.83
C ALA C 87 40.71 38.69 22.67
N LEU C 88 41.82 39.36 22.97
CA LEU C 88 42.86 39.55 21.96
C LEU C 88 43.41 38.22 21.44
N LEU C 89 43.79 37.32 22.34
CA LEU C 89 44.26 35.99 21.95
C LEU C 89 43.28 35.26 21.06
N ASN C 90 42.00 35.36 21.38
CA ASN C 90 41.02 34.66 20.60
C ASN C 90 40.84 35.25 19.19
N ALA C 91 40.80 36.59 19.12
CA ALA C 91 40.70 37.24 17.84
C ALA C 91 41.88 36.83 17.00
N TYR C 92 43.06 36.85 17.59
CA TYR C 92 44.26 36.50 16.85
C TYR C 92 44.22 35.07 16.37
N TYR C 93 43.70 34.16 17.19
CA TYR C 93 43.59 32.77 16.76
C TYR C 93 42.64 32.57 15.58
N PHE C 94 41.50 33.26 15.59
CA PHE C 94 40.59 33.04 14.48
C PHE C 94 41.09 33.75 13.23
N HIS C 95 41.73 34.89 13.43
CA HIS C 95 42.40 35.57 12.34
C HIS C 95 43.53 34.76 11.73
N LEU C 96 44.33 34.09 12.55
CA LEU C 96 45.33 33.18 12.01
C LEU C 96 44.68 31.97 11.31
N LEU C 97 43.54 31.49 11.80
CA LEU C 97 42.86 30.44 11.07
C LEU C 97 42.48 30.95 9.66
N ALA C 98 41.95 32.17 9.57
CA ALA C 98 41.65 32.78 8.26
C ALA C 98 42.91 32.91 7.40
N ARG C 99 43.95 33.50 7.95
CA ARG C 99 45.21 33.63 7.25
C ARG C 99 45.68 32.31 6.68
N PHE C 100 45.58 31.25 7.45
CA PHE C 100 46.02 29.95 6.96
C PHE C 100 45.14 29.49 5.82
N SER C 101 43.83 29.37 6.07
CA SER C 101 42.93 28.81 5.08
C SER C 101 42.92 29.61 3.76
N LYS C 102 42.75 30.93 3.84
CA LYS C 102 42.75 31.75 2.65
C LYS C 102 44.10 31.79 1.97
N GLY C 103 45.17 31.82 2.75
CA GLY C 103 46.49 31.82 2.16
C GLY C 103 46.74 30.56 1.37
N ARG C 104 46.28 29.43 1.91
CA ARG C 104 46.48 28.14 1.26
C ARG C 104 45.56 28.03 0.06
N LYS C 105 44.37 28.63 0.13
CA LYS C 105 43.52 28.68 -1.06
C LYS C 105 44.30 29.41 -2.11
N HIS C 106 44.77 30.63 -1.83
CA HIS C 106 45.55 31.35 -2.83
C HIS C 106 46.71 30.52 -3.42
N ALA C 107 47.60 30.02 -2.58
CA ALA C 107 48.75 29.26 -3.06
C ALA C 107 48.39 28.00 -3.85
N ILE C 108 47.45 27.21 -3.34
CA ILE C 108 47.12 25.96 -4.01
C ILE C 108 46.36 26.19 -5.31
N ALA C 109 45.48 27.17 -5.30
CA ALA C 109 44.81 27.58 -6.51
C ALA C 109 45.85 27.89 -7.54
N TYR C 110 46.80 28.77 -7.21
CA TYR C 110 47.84 29.19 -8.17
C TYR C 110 48.61 28.00 -8.70
N LYS C 111 48.96 27.07 -7.82
CA LYS C 111 49.59 25.87 -8.35
C LYS C 111 48.70 25.09 -9.35
N VAL C 112 47.41 24.94 -9.05
CA VAL C 112 46.53 24.21 -9.97
C VAL C 112 46.33 24.97 -11.28
N PHE C 113 46.01 26.24 -11.20
CA PHE C 113 45.89 27.03 -12.43
C PHE C 113 47.13 26.80 -13.29
N SER C 114 48.32 26.94 -12.70
CA SER C 114 49.55 26.68 -13.46
C SER C 114 49.66 25.23 -14.05
N LYS C 115 49.36 24.23 -13.23
CA LYS C 115 49.40 22.85 -13.69
C LYS C 115 48.53 22.75 -14.91
N PHE C 116 47.36 23.34 -14.86
CA PHE C 116 46.45 23.29 -15.98
C PHE C 116 46.99 23.97 -17.22
N LEU C 117 47.52 25.17 -17.06
CA LEU C 117 48.03 25.89 -18.21
C LEU C 117 49.16 25.12 -18.90
N ASN C 118 49.85 24.23 -18.21
CA ASN C 118 50.91 23.50 -18.89
C ASN C 118 50.47 22.15 -19.50
N ILE C 119 49.22 21.78 -19.27
CA ILE C 119 48.66 20.57 -19.85
C ILE C 119 48.60 20.73 -21.36
N ASN C 120 48.47 19.64 -22.12
CA ASN C 120 48.45 19.80 -23.60
C ASN C 120 47.10 20.28 -24.10
N TYR C 121 47.07 20.81 -25.32
CA TYR C 121 45.91 21.56 -25.78
C TYR C 121 44.64 20.75 -25.94
N GLU C 122 44.77 19.55 -26.46
CA GLU C 122 43.62 18.68 -26.60
C GLU C 122 43.03 18.29 -25.25
N LYS C 123 43.90 18.07 -24.28
CA LYS C 123 43.51 17.73 -22.93
C LYS C 123 42.72 18.83 -22.25
N PHE C 124 43.21 20.06 -22.33
CA PHE C 124 42.46 21.18 -21.79
C PHE C 124 41.12 21.26 -22.47
N THR C 125 41.19 21.30 -23.81
CA THR C 125 40.05 21.36 -24.71
C THR C 125 38.98 20.31 -24.47
N GLN C 126 39.37 19.09 -24.16
CA GLN C 126 38.43 17.98 -24.14
C GLN C 126 37.54 17.93 -22.91
N LYS C 127 37.69 18.88 -22.00
CA LYS C 127 36.86 18.93 -20.79
C LYS C 127 36.28 20.30 -20.61
N ASN C 128 35.18 20.39 -19.88
CA ASN C 128 34.49 21.68 -19.78
C ASN C 128 35.01 22.63 -18.72
N GLN C 129 35.10 23.90 -19.10
CA GLN C 129 35.66 24.93 -18.21
C GLN C 129 34.90 25.06 -16.91
N SER C 130 33.67 24.58 -16.88
CA SER C 130 32.91 24.47 -15.65
C SER C 130 33.75 23.67 -14.68
N GLU C 131 34.22 22.54 -15.18
CA GLU C 131 34.88 21.56 -14.34
C GLU C 131 36.31 21.98 -14.01
N ILE C 132 36.97 22.69 -14.93
CA ILE C 132 38.35 23.15 -14.69
C ILE C 132 38.33 24.33 -13.71
N LEU C 133 37.34 25.20 -13.86
CA LEU C 133 37.12 26.24 -12.89
C LEU C 133 36.85 25.66 -11.54
N LYS C 134 35.92 24.71 -11.44
CA LYS C 134 35.67 24.09 -10.14
C LYS C 134 36.94 23.44 -9.59
N SER C 135 37.76 22.87 -10.47
CA SER C 135 38.96 22.18 -10.03
C SER C 135 40.03 23.10 -9.47
N ILE C 136 40.13 24.34 -9.97
CA ILE C 136 41.16 25.21 -9.40
C ILE C 136 40.57 26.21 -8.47
N THR C 137 39.26 26.17 -8.28
CA THR C 137 38.61 27.18 -7.47
C THR C 137 37.86 26.55 -6.31
N GLY C 138 36.93 25.67 -6.63
CA GLY C 138 36.02 25.13 -5.64
C GLY C 138 36.69 24.08 -4.81
N GLU C 139 37.39 23.15 -5.46
CA GLU C 139 38.15 22.18 -4.72
C GLU C 139 39.11 22.88 -3.79
N VAL C 140 39.85 23.85 -4.31
CA VAL C 140 40.82 24.52 -3.45
C VAL C 140 40.12 25.19 -2.26
N TYR C 141 39.01 25.90 -2.51
CA TYR C 141 38.20 26.38 -1.40
C TYR C 141 37.97 25.29 -0.36
N ASN C 142 37.44 24.17 -0.79
CA ASN C 142 37.19 23.03 0.11
C ASN C 142 38.40 22.58 0.95
N LEU C 143 39.53 22.30 0.31
CA LEU C 143 40.68 21.93 1.13
C LEU C 143 40.96 22.99 2.19
N SER C 144 40.99 24.27 1.77
CA SER C 144 41.32 25.37 2.68
C SER C 144 40.43 25.45 3.89
N THR C 145 39.14 25.59 3.59
CA THR C 145 38.12 25.71 4.60
C THR C 145 38.18 24.48 5.51
N MET C 146 38.47 23.35 4.92
CA MET C 146 38.46 22.12 5.66
C MET C 146 39.58 22.06 6.68
N ILE C 147 40.79 22.44 6.29
CA ILE C 147 41.94 22.45 7.22
C ILE C 147 41.71 23.40 8.38
N SER C 148 41.23 24.61 8.05
CA SER C 148 40.88 25.53 9.11
C SER C 148 39.93 24.84 10.09
N SER C 149 38.90 24.20 9.54
CA SER C 149 37.94 23.45 10.36
C SER C 149 38.57 22.40 11.23
N PHE C 150 39.57 21.70 10.72
CA PHE C 150 40.27 20.69 11.53
C PHE C 150 40.98 21.31 12.74
N LEU C 151 41.70 22.40 12.50
CA LEU C 151 42.37 23.09 13.60
C LEU C 151 41.36 23.51 14.68
N LEU C 152 40.25 24.11 14.26
CA LEU C 152 39.20 24.51 15.21
C LEU C 152 38.67 23.30 15.95
N LEU C 153 38.44 22.22 15.21
CA LEU C 153 38.01 20.94 15.78
C LEU C 153 38.95 20.48 16.92
N MET C 154 40.25 20.55 16.69
CA MET C 154 41.24 20.30 17.73
C MET C 154 41.05 21.18 18.97
N SER C 155 41.11 22.50 18.76
CA SER C 155 40.93 23.47 19.86
C SER C 155 39.68 23.21 20.69
N GLU C 156 38.57 22.89 20.04
CA GLU C 156 37.33 22.70 20.79
C GLU C 156 37.27 21.35 21.48
N ILE C 157 37.81 20.27 20.89
CA ILE C 157 37.78 19.02 21.65
C ILE C 157 38.71 19.13 22.89
N PHE C 158 39.72 20.00 22.82
CA PHE C 158 40.56 20.19 24.01
C PHE C 158 39.91 21.12 25.03
N VAL C 159 39.14 22.09 24.57
CA VAL C 159 38.32 22.86 25.48
C VAL C 159 37.34 21.92 26.20
N VAL C 160 36.68 21.05 25.46
CA VAL C 160 35.78 20.07 26.08
C VAL C 160 36.52 19.18 27.06
N LEU C 161 37.67 18.62 26.66
CA LEU C 161 38.39 17.73 27.58
C LEU C 161 38.78 18.45 28.87
N LEU C 162 39.56 19.52 28.75
CA LEU C 162 40.02 20.23 29.92
C LEU C 162 38.86 20.70 30.80
N LEU C 163 37.83 21.29 30.22
CA LEU C 163 36.69 21.72 31.06
C LEU C 163 36.07 20.55 31.78
N TYR C 164 35.95 19.44 31.08
CA TYR C 164 35.31 18.32 31.70
C TYR C 164 36.19 17.86 32.86
N ALA C 165 37.51 18.02 32.71
CA ALA C 165 38.40 17.74 33.82
C ALA C 165 38.09 18.68 34.97
N LEU C 166 38.00 19.99 34.68
CA LEU C 166 37.71 21.02 35.68
C LEU C 166 36.50 20.64 36.51
N MET C 167 35.38 20.41 35.82
CA MET C 167 34.13 19.99 36.44
C MET C 167 34.28 18.72 37.27
N LEU C 168 34.96 17.72 36.71
CA LEU C 168 35.16 16.46 37.38
C LEU C 168 35.91 16.63 38.70
N LEU C 169 36.95 17.46 38.66
CA LEU C 169 37.75 17.77 39.84
C LEU C 169 36.86 18.42 40.89
N ILE C 170 36.25 19.53 40.50
CA ILE C 170 35.36 20.29 41.38
C ILE C 170 34.20 19.51 42.02
N ASN C 171 33.47 18.72 41.25
CA ASN C 171 32.44 17.87 41.84
C ASN C 171 32.01 16.68 40.99
N TYR C 172 32.87 15.68 40.89
CA TYR C 172 32.61 14.51 40.05
C TYR C 172 31.15 13.99 40.13
N LYS C 173 30.56 14.02 41.33
CA LYS C 173 29.18 13.57 41.53
C LYS C 173 28.26 14.38 40.65
N ILE C 174 28.31 15.70 40.86
CA ILE C 174 27.48 16.59 40.10
C ILE C 174 27.74 16.45 38.63
N THR C 175 29.00 16.40 38.21
CA THR C 175 29.23 16.39 36.76
C THR C 175 28.66 15.10 36.16
N LEU C 176 28.77 14.00 36.90
CA LEU C 176 28.18 12.75 36.46
C LEU C 176 26.69 12.94 36.30
N PHE C 177 26.08 13.59 37.28
CA PHE C 177 24.63 13.82 37.22
C PHE C 177 24.25 14.61 36.02
N LEU C 178 24.96 15.71 35.78
CA LEU C 178 24.67 16.59 34.67
C LEU C 178 24.87 15.87 33.36
N SER C 179 25.82 14.96 33.31
CA SER C 179 26.05 14.22 32.08
C SER C 179 24.96 13.19 31.79
N ILE C 180 24.60 12.41 32.79
CA ILE C 180 23.48 11.49 32.61
C ILE C 180 22.27 12.32 32.17
N PHE C 181 22.11 13.45 32.85
CA PHE C 181 21.01 14.34 32.55
C PHE C 181 21.07 14.84 31.12
N MET C 182 22.29 15.05 30.65
CA MET C 182 22.51 15.64 29.35
C MET C 182 22.03 14.68 28.29
N VAL C 183 22.50 13.42 28.35
CA VAL C 183 22.02 12.52 27.31
C VAL C 183 20.51 12.35 27.52
N LEU C 184 20.02 12.47 28.75
CA LEU C 184 18.58 12.33 28.94
C LEU C 184 17.81 13.41 28.16
N ASN C 185 18.16 14.68 28.34
CA ASN C 185 17.58 15.72 27.49
C ASN C 185 17.74 15.46 26.01
N ALA C 186 18.93 15.03 25.59
CA ALA C 186 19.18 14.79 24.18
C ALA C 186 18.19 13.81 23.63
N PHE C 187 18.00 12.72 24.37
CA PHE C 187 17.04 11.71 23.97
C PHE C 187 15.61 12.23 23.97
N ILE C 188 15.24 12.97 25.01
CA ILE C 188 13.91 13.59 25.05
C ILE C 188 13.61 14.45 23.83
N LEU C 189 14.44 15.44 23.58
CA LEU C 189 14.30 16.27 22.38
C LEU C 189 14.28 15.42 21.12
N VAL C 190 15.44 14.84 20.79
CA VAL C 190 15.61 14.23 19.46
C VAL C 190 14.80 12.96 19.23
N LYS C 191 14.29 12.32 20.27
CA LYS C 191 13.59 11.08 20.02
C LYS C 191 12.14 11.08 20.50
N ILE C 192 11.72 12.10 21.23
CA ILE C 192 10.31 12.15 21.63
C ILE C 192 9.61 13.42 21.10
N LEU C 193 10.30 14.55 21.08
CA LEU C 193 9.63 15.74 20.64
C LEU C 193 9.76 15.85 19.14
N SER C 194 10.97 15.74 18.63
CA SER C 194 11.19 15.90 17.19
C SER C 194 10.26 15.11 16.25
N PRO C 195 9.99 13.81 16.55
CA PRO C 195 9.02 13.11 15.69
C PRO C 195 7.65 13.77 15.65
N ILE C 196 7.14 14.15 16.82
CA ILE C 196 5.86 14.83 16.93
C ILE C 196 5.87 16.16 16.15
N ILE C 197 6.92 16.94 16.33
CA ILE C 197 7.07 18.17 15.59
C ILE C 197 7.00 17.89 14.09
N LYS C 198 7.75 16.88 13.63
CA LYS C 198 7.81 16.53 12.21
C LYS C 198 6.45 16.25 11.61
N LYS C 199 5.72 15.40 12.32
CA LYS C 199 4.38 15.00 11.97
C LYS C 199 3.46 16.21 11.91
N ALA C 200 3.42 17.00 12.98
CA ALA C 200 2.63 18.22 12.99
C ALA C 200 2.89 19.03 11.74
N GLY C 201 4.17 19.14 11.38
CA GLY C 201 4.56 19.86 10.17
C GLY C 201 4.03 19.28 8.87
N LEU C 202 4.11 17.97 8.71
CA LEU C 202 3.57 17.34 7.52
C LEU C 202 2.04 17.46 7.45
N ARG C 203 1.36 17.14 8.54
CA ARG C 203 -0.09 17.34 8.66
C ARG C 203 -0.47 18.75 8.22
N ARG C 204 0.31 19.73 8.65
CA ARG C 204 0.10 21.09 8.19
C ARG C 204 0.25 21.22 6.67
N GLU C 205 1.30 20.63 6.12
CA GLU C 205 1.49 20.70 4.67
C GLU C 205 0.30 20.13 3.91
N GLU C 206 -0.13 18.93 4.30
CA GLU C 206 -1.24 18.25 3.65
C GLU C 206 -2.54 19.05 3.75
N ALA C 207 -2.89 19.46 4.97
CA ALA C 207 -4.11 20.25 5.16
C ALA C 207 -4.09 21.52 4.35
N MET C 208 -2.91 22.13 4.27
CA MET C 208 -2.77 23.33 3.45
C MET C 208 -3.02 23.05 1.99
N LYS C 209 -2.36 22.03 1.48
CA LYS C 209 -2.56 21.60 0.11
C LYS C 209 -4.05 21.46 -0.16
N ASN C 210 -4.76 20.71 0.66
CA ASN C 210 -6.20 20.47 0.43
C ASN C 210 -7.09 21.70 0.47
N PHE C 211 -6.83 22.54 1.47
CA PHE C 211 -7.47 23.84 1.59
C PHE C 211 -7.32 24.61 0.31
N PHE C 212 -6.08 24.87 -0.08
CA PHE C 212 -5.83 25.59 -1.33
C PHE C 212 -6.38 24.91 -2.55
N GLU C 213 -6.41 23.59 -2.56
CA GLU C 213 -6.93 22.87 -3.69
C GLU C 213 -8.37 23.32 -3.88
N ILE C 214 -9.20 23.18 -2.86
CA ILE C 214 -10.61 23.48 -3.11
C ILE C 214 -10.94 24.97 -3.16
N LEU C 215 -10.08 25.80 -2.58
CA LEU C 215 -10.23 27.24 -2.84
C LEU C 215 -9.98 27.52 -4.29
N ASN C 216 -8.94 26.92 -4.84
CA ASN C 216 -8.57 27.21 -6.21
C ASN C 216 -9.63 26.73 -7.19
N THR C 217 -10.13 25.50 -7.00
CA THR C 217 -11.16 25.06 -7.94
C THR C 217 -12.46 25.85 -7.71
N ASN C 218 -12.79 26.20 -6.47
CA ASN C 218 -13.97 27.03 -6.28
C ASN C 218 -13.84 28.33 -7.05
N LEU C 219 -12.68 28.97 -7.04
CA LEU C 219 -12.50 30.16 -7.88
C LEU C 219 -12.67 29.80 -9.36
N ASN C 220 -12.24 28.60 -9.74
CA ASN C 220 -12.37 28.19 -11.15
C ASN C 220 -13.76 27.84 -11.58
N ASN C 221 -14.64 27.56 -10.64
CA ASN C 221 -16.01 27.26 -10.99
C ASN C 221 -16.92 28.45 -10.73
N PHE C 222 -16.38 29.67 -10.79
CA PHE C 222 -17.15 30.86 -10.41
C PHE C 222 -18.44 31.05 -11.20
N LYS C 223 -18.37 30.91 -12.52
CA LYS C 223 -19.54 31.05 -13.35
C LYS C 223 -20.62 30.03 -12.95
N PHE C 224 -20.22 28.79 -12.67
CA PHE C 224 -21.22 27.77 -12.34
C PHE C 224 -21.91 28.13 -11.04
N ILE C 225 -21.14 28.70 -10.12
CA ILE C 225 -21.65 29.23 -8.86
C ILE C 225 -22.62 30.38 -9.07
N LYS C 226 -22.21 31.31 -9.91
CA LYS C 226 -22.96 32.54 -10.12
C LYS C 226 -24.27 32.19 -10.74
N LEU C 227 -24.28 31.12 -11.53
CA LEU C 227 -25.50 30.73 -12.19
C LEU C 227 -26.41 29.92 -11.27
N LYS C 228 -25.94 29.56 -10.08
CA LYS C 228 -26.80 28.86 -9.13
C LYS C 228 -27.68 29.78 -8.35
N THR C 229 -27.19 31.00 -8.16
CA THR C 229 -27.64 31.90 -7.11
C THR C 229 -27.01 31.43 -5.80
N LYS C 230 -27.44 30.26 -5.32
CA LYS C 230 -26.99 29.74 -4.04
C LYS C 230 -25.50 29.43 -3.97
N GLU C 231 -24.86 29.79 -2.87
CA GLU C 231 -23.43 29.57 -2.73
C GLU C 231 -23.13 28.77 -1.46
N ASP C 232 -24.18 28.26 -0.82
CA ASP C 232 -24.02 27.61 0.47
C ASP C 232 -23.30 26.25 0.40
N GLY C 233 -23.42 25.56 -0.74
CA GLY C 233 -22.80 24.25 -0.88
C GLY C 233 -21.29 24.34 -0.92
N VAL C 234 -20.79 25.16 -1.83
CA VAL C 234 -19.36 25.33 -1.94
C VAL C 234 -18.78 25.96 -0.67
N LEU C 235 -19.49 26.94 -0.10
CA LEU C 235 -19.05 27.57 1.12
C LEU C 235 -18.98 26.55 2.23
N SER C 236 -19.84 25.55 2.15
CA SER C 236 -19.81 24.48 3.12
C SER C 236 -18.52 23.69 2.94
N LEU C 237 -18.27 23.24 1.72
CA LEU C 237 -17.06 22.46 1.45
C LEU C 237 -15.76 23.17 1.87
N PHE C 238 -15.74 24.46 1.53
CA PHE C 238 -14.65 25.34 1.88
C PHE C 238 -14.52 25.48 3.36
N LYS C 239 -15.65 25.63 4.05
CA LYS C 239 -15.55 25.79 5.48
C LYS C 239 -14.88 24.56 6.06
N ALA C 240 -15.33 23.37 5.68
CA ALA C 240 -14.74 22.13 6.20
C ALA C 240 -13.23 22.02 5.94
N GLN C 241 -12.82 22.31 4.71
CA GLN C 241 -11.40 22.24 4.35
C GLN C 241 -10.56 23.25 5.12
N SER C 242 -11.15 24.44 5.28
CA SER C 242 -10.54 25.55 5.99
C SER C 242 -10.38 25.27 7.48
N GLU C 243 -11.39 24.62 8.09
CA GLU C 243 -11.35 24.24 9.47
C GLU C 243 -10.26 23.20 9.69
N ALA C 244 -10.20 22.21 8.79
CA ALA C 244 -9.12 21.20 8.86
C ALA C 244 -7.73 21.83 8.84
N PHE C 245 -7.51 22.72 7.88
CA PHE C 245 -6.24 23.44 7.77
C PHE C 245 -5.98 24.18 9.02
N SER C 246 -7.05 24.75 9.58
CA SER C 246 -6.93 25.59 10.77
C SER C 246 -6.45 24.74 11.92
N LYS C 247 -7.11 23.62 12.17
CA LYS C 247 -6.70 22.71 13.22
C LYS C 247 -5.23 22.33 13.07
N ALA C 248 -4.85 21.80 11.91
CA ALA C 248 -3.46 21.39 11.68
C ALA C 248 -2.48 22.54 11.92
N ASN C 249 -2.86 23.72 11.49
CA ASN C 249 -2.06 24.90 11.73
C ASN C 249 -1.88 25.26 13.20
N ILE C 250 -2.97 25.28 13.96
CA ILE C 250 -2.87 25.65 15.36
C ILE C 250 -2.07 24.59 16.09
N THR C 251 -2.14 23.32 15.71
CA THR C 251 -1.42 22.35 16.55
C THR C 251 0.03 22.20 16.09
N ASN C 252 0.35 22.45 14.83
CA ASN C 252 1.75 22.51 14.46
C ASN C 252 2.41 23.72 15.17
N GLU C 253 1.75 24.87 15.16
CA GLU C 253 2.32 26.03 15.83
C GLU C 253 2.42 25.76 17.32
N SER C 254 1.40 25.09 17.85
CA SER C 254 1.35 24.79 19.27
C SER C 254 2.47 23.87 19.70
N VAL C 255 2.59 22.73 19.04
CA VAL C 255 3.61 21.76 19.39
C VAL C 255 5.01 22.36 19.13
N ALA C 256 5.10 23.30 18.18
CA ALA C 256 6.39 23.89 17.83
C ALA C 256 7.14 24.54 18.99
N ALA C 257 6.41 25.08 19.96
CA ALA C 257 7.05 25.84 21.04
C ALA C 257 7.60 24.96 22.14
N VAL C 258 7.05 23.77 22.26
CA VAL C 258 7.35 22.89 23.39
C VAL C 258 8.84 22.70 23.68
N PRO C 259 9.69 22.48 22.66
CA PRO C 259 11.08 22.27 23.06
C PRO C 259 11.76 23.43 23.82
N ARG C 260 11.59 24.69 23.43
CA ARG C 260 12.29 25.74 24.19
C ARG C 260 11.65 25.95 25.57
N ILE C 261 10.32 25.90 25.63
CA ILE C 261 9.60 26.00 26.89
C ILE C 261 10.09 24.93 27.86
N TYR C 262 10.19 23.71 27.34
CA TYR C 262 10.78 22.60 28.05
C TYR C 262 12.17 22.93 28.50
N LEU C 263 12.93 23.60 27.65
CA LEU C 263 14.29 23.92 28.05
C LEU C 263 14.35 24.93 29.22
N GLU C 264 13.59 26.03 29.12
CA GLU C 264 13.49 27.03 30.20
C GLU C 264 13.18 26.30 31.54
N GLY C 265 12.04 25.61 31.54
CA GLY C 265 11.61 24.86 32.72
C GLY C 265 12.68 23.90 33.26
N ILE C 266 13.31 23.16 32.37
CA ILE C 266 14.28 22.17 32.84
C ILE C 266 15.55 22.79 33.42
N GLY C 267 15.92 23.96 32.91
CA GLY C 267 17.09 24.66 33.42
C GLY C 267 16.89 25.02 34.88
N PHE C 268 15.82 25.77 35.13
CA PHE C 268 15.53 26.11 36.51
C PHE C 268 15.40 24.86 37.36
N CYS C 269 14.73 23.83 36.84
CA CYS C 269 14.52 22.61 37.62
C CYS C 269 15.79 21.94 38.07
N VAL C 270 16.70 21.72 37.12
CA VAL C 270 17.94 21.03 37.44
C VAL C 270 18.76 21.88 38.41
N LEU C 271 18.61 23.20 38.32
CA LEU C 271 19.25 24.06 39.30
C LEU C 271 18.75 23.73 40.71
N VAL C 272 17.43 23.76 40.87
CA VAL C 272 16.82 23.42 42.15
C VAL C 272 17.22 22.01 42.67
N PHE C 273 17.13 21.01 41.80
CA PHE C 273 17.51 19.66 42.17
C PHE C 273 18.94 19.62 42.69
N ILE C 274 19.83 20.29 41.97
CA ILE C 274 21.25 20.36 42.34
C ILE C 274 21.40 20.99 43.71
N VAL C 275 20.60 22.01 44.00
CA VAL C 275 20.66 22.62 45.32
C VAL C 275 20.11 21.75 46.47
N VAL C 276 18.99 21.04 46.29
CA VAL C 276 18.55 20.18 47.40
C VAL C 276 19.57 19.07 47.60
N PHE C 277 20.29 18.70 46.55
CA PHE C 277 21.37 17.72 46.70
C PHE C 277 22.56 18.35 47.40
N LEU C 278 22.72 19.66 47.24
CA LEU C 278 23.83 20.36 47.90
C LEU C 278 23.37 21.04 49.21
N VAL C 279 22.26 20.57 49.77
CA VAL C 279 21.98 20.81 51.17
C VAL C 279 21.63 19.49 51.83
N LEU C 280 21.45 18.45 51.02
CA LEU C 280 21.26 17.10 51.53
C LEU C 280 22.63 16.58 51.96
N LYS C 281 23.66 17.23 51.40
CA LYS C 281 25.04 17.02 51.79
C LYS C 281 25.48 18.25 52.56
N ASN C 282 24.73 18.57 53.62
CA ASN C 282 24.95 19.78 54.43
C ASN C 282 26.43 20.06 54.74
N GLU C 283 26.80 21.35 54.74
CA GLU C 283 28.18 21.87 54.60
C GLU C 283 28.17 23.10 53.70
N SER C 284 27.00 23.74 53.58
CA SER C 284 26.82 24.90 52.72
C SER C 284 27.81 26.01 53.05
N ASP C 285 28.96 25.98 52.38
CA ASP C 285 30.03 26.94 52.66
C ASP C 285 29.66 28.34 52.21
N ILE C 286 28.55 28.86 52.73
CA ILE C 286 27.99 30.17 52.31
C ILE C 286 28.27 30.41 50.83
N SER C 287 29.07 31.43 50.54
CA SER C 287 29.37 31.78 49.16
C SER C 287 30.00 30.60 48.44
N GLY C 288 30.65 29.74 49.23
CA GLY C 288 31.26 28.54 48.68
C GLY C 288 30.33 27.65 47.88
N ILE C 289 29.09 27.44 48.33
CA ILE C 289 28.23 26.55 47.56
C ILE C 289 28.00 27.14 46.17
N LEU C 290 27.86 28.46 46.10
CA LEU C 290 27.56 29.11 44.84
C LEU C 290 28.77 28.97 43.91
N SER C 291 29.96 28.87 44.50
CA SER C 291 31.16 28.71 43.69
C SER C 291 30.98 27.48 42.83
N THR C 292 30.60 26.36 43.45
CA THR C 292 30.57 25.11 42.70
C THR C 292 29.48 25.13 41.64
N ILE C 293 28.52 26.03 41.76
CA ILE C 293 27.51 26.12 40.72
C ILE C 293 28.05 26.94 39.58
N SER C 294 28.61 28.09 39.94
CA SER C 294 29.03 29.05 38.94
C SER C 294 29.90 28.39 37.89
N ILE C 295 30.96 27.73 38.33
CA ILE C 295 31.82 27.01 37.40
C ILE C 295 31.00 26.20 36.44
N PHE C 296 30.21 25.27 36.97
CA PHE C 296 29.39 24.41 36.14
C PHE C 296 28.63 25.24 35.13
N VAL C 297 27.91 26.24 35.61
CA VAL C 297 27.14 27.07 34.69
C VAL C 297 28.02 27.59 33.59
N LEU C 298 29.04 28.34 33.98
CA LEU C 298 29.99 28.86 33.01
C LEU C 298 30.43 27.74 32.08
N ALA C 299 30.99 26.67 32.66
CA ALA C 299 31.52 25.57 31.87
C ALA C 299 30.47 25.07 30.94
N LEU C 300 29.25 24.83 31.45
CA LEU C 300 28.20 24.30 30.58
C LEU C 300 27.90 25.23 29.43
N TYR C 301 27.73 26.52 29.70
CA TYR C 301 27.47 27.40 28.59
C TYR C 301 28.65 27.41 27.66
N ARG C 302 29.86 27.38 28.20
CA ARG C 302 31.03 27.37 27.33
C ARG C 302 31.09 26.09 26.49
N LEU C 303 30.54 25.01 27.03
CA LEU C 303 30.62 23.75 26.33
C LEU C 303 29.64 23.74 25.20
N MET C 304 28.62 24.61 25.26
CA MET C 304 27.62 24.60 24.21
C MET C 304 28.23 24.93 22.84
N PRO C 305 28.96 26.07 22.73
CA PRO C 305 29.56 26.30 21.41
C PRO C 305 30.52 25.21 21.02
N SER C 306 31.32 24.71 21.96
CA SER C 306 32.27 23.66 21.67
C SER C 306 31.59 22.48 21.04
N ALA C 307 30.39 22.18 21.53
CA ALA C 307 29.59 21.13 20.89
C ALA C 307 29.38 21.48 19.43
N ASN C 308 28.77 22.62 19.17
CA ASN C 308 28.45 23.00 17.81
C ASN C 308 29.65 23.02 16.86
N ARG C 309 30.70 23.73 17.26
CA ARG C 309 31.93 23.81 16.50
C ARG C 309 32.47 22.44 16.20
N ILE C 310 32.36 21.53 17.16
CA ILE C 310 32.88 20.19 16.96
C ILE C 310 32.04 19.46 15.94
N ILE C 311 30.73 19.63 15.98
CA ILE C 311 29.91 19.03 14.97
C ILE C 311 30.20 19.60 13.59
N THR C 312 29.94 20.89 13.43
CA THR C 312 30.12 21.57 12.15
C THR C 312 31.44 21.22 11.49
N SER C 313 32.55 21.48 12.17
CA SER C 313 33.85 21.26 11.55
C SER C 313 34.07 19.78 11.21
N TYR C 314 33.55 18.87 12.05
CA TYR C 314 33.65 17.45 11.72
C TYR C 314 32.94 17.17 10.39
N HIS C 315 31.74 17.72 10.23
CA HIS C 315 30.99 17.59 8.98
C HIS C 315 31.79 18.14 7.80
N ASP C 316 32.58 19.17 8.03
CA ASP C 316 33.34 19.77 6.94
C ASP C 316 34.44 18.79 6.53
N LEU C 317 34.86 17.96 7.47
CA LEU C 317 35.80 16.90 7.18
C LEU C 317 35.05 15.76 6.52
N LEU C 318 33.73 15.71 6.67
CA LEU C 318 32.97 14.73 5.91
C LEU C 318 32.76 15.21 4.49
N TYR C 319 31.91 16.23 4.35
CA TYR C 319 31.49 16.72 3.04
C TYR C 319 32.68 17.03 2.14
N TYR C 320 33.67 17.71 2.71
CA TYR C 320 34.89 18.04 1.97
C TYR C 320 35.96 16.94 2.13
N HIS C 321 37.16 17.32 2.56
CA HIS C 321 38.24 16.40 2.96
C HIS C 321 38.40 15.21 2.05
N SER C 322 37.89 14.07 2.54
CA SER C 322 37.94 12.79 1.84
C SER C 322 37.75 12.97 0.32
N SER C 323 36.59 13.47 -0.08
CA SER C 323 36.28 13.62 -1.50
C SER C 323 37.27 14.53 -2.17
N LEU C 324 37.65 15.60 -1.49
CA LEU C 324 38.46 16.61 -2.12
C LEU C 324 39.95 16.31 -2.19
N ASN C 325 40.54 15.81 -1.12
CA ASN C 325 42.00 15.75 -1.01
C ASN C 325 42.66 14.97 -2.15
N ILE C 326 42.09 13.81 -2.51
CA ILE C 326 42.68 12.99 -3.57
C ILE C 326 42.77 13.83 -4.82
N ILE C 327 41.67 14.53 -5.10
CA ILE C 327 41.54 15.36 -6.30
C ILE C 327 42.60 16.48 -6.39
N TYR C 328 43.65 16.47 -5.59
CA TYR C 328 44.67 17.45 -5.87
C TYR C 328 45.90 16.74 -6.33
N GLN C 329 46.30 15.70 -5.59
CA GLN C 329 47.34 14.82 -6.10
C GLN C 329 47.01 14.44 -7.54
N ASN C 330 45.84 13.84 -7.77
CA ASN C 330 45.42 13.43 -9.11
C ASN C 330 45.06 14.61 -10.02
N LEU C 331 45.51 15.81 -9.64
CA LEU C 331 45.35 17.02 -10.45
C LEU C 331 46.61 17.85 -10.52
N ARG C 332 47.68 17.39 -9.90
CA ARG C 332 48.89 18.18 -9.97
C ARG C 332 50.09 17.28 -10.11
N GLN C 333 49.81 15.98 -10.05
CA GLN C 333 50.74 14.99 -10.55
C GLN C 333 50.37 14.70 -12.00
N GLU C 334 49.39 15.47 -12.50
CA GLU C 334 49.02 15.58 -13.91
C GLU C 334 50.22 15.89 -14.80
N GLU C 335 50.32 15.28 -15.98
CA GLU C 335 51.55 15.45 -16.76
C GLU C 335 51.45 16.64 -17.71
N GLU C 336 52.58 17.28 -18.04
CA GLU C 336 52.53 18.50 -18.86
C GLU C 336 52.91 18.23 -20.34
N ASN C 337 53.02 19.26 -21.20
CA ASN C 337 53.40 19.04 -22.63
C ASN C 337 54.91 18.61 -22.65
N LEU C 338 55.65 18.98 -23.69
CA LEU C 338 57.09 18.71 -23.79
C LEU C 338 57.78 19.57 -24.85
N GLY C 339 59.08 19.33 -25.05
CA GLY C 339 59.81 19.79 -26.22
C GLY C 339 60.79 20.93 -26.09
N GLU C 340 61.81 20.97 -26.94
CA GLU C 340 62.81 22.05 -26.94
C GLU C 340 63.84 21.95 -28.06
N GLY C 341 64.06 23.03 -28.79
CA GLY C 341 64.88 23.01 -30.01
C GLY C 341 64.14 23.48 -31.26
N LYS C 342 64.88 24.13 -32.17
CA LYS C 342 64.28 25.03 -33.16
C LYS C 342 63.92 24.46 -34.55
N LEU C 343 63.41 25.37 -35.39
CA LEU C 343 62.73 25.03 -36.66
C LEU C 343 62.43 26.24 -37.55
N SER C 344 62.88 26.20 -38.80
CA SER C 344 62.86 27.39 -39.65
C SER C 344 61.84 27.35 -40.78
N PHE C 345 61.24 28.50 -41.09
CA PHE C 345 60.12 28.51 -42.03
C PHE C 345 60.38 29.46 -43.17
N ASN C 346 60.92 28.95 -44.25
CA ASN C 346 61.33 29.80 -45.36
C ASN C 346 60.77 29.38 -46.70
N GLN C 347 60.31 28.14 -46.77
CA GLN C 347 59.81 27.60 -48.02
C GLN C 347 58.33 27.27 -47.95
N GLU C 348 58.00 26.07 -47.49
CA GLU C 348 56.62 25.61 -47.47
C GLU C 348 56.27 24.90 -46.16
N LEU C 349 54.99 24.96 -45.79
CA LEU C 349 54.42 24.03 -44.83
C LEU C 349 53.83 22.87 -45.60
N LYS C 350 54.43 21.70 -45.59
CA LYS C 350 53.84 20.53 -46.26
C LYS C 350 52.96 19.81 -45.25
N ILE C 351 51.85 19.21 -45.67
CA ILE C 351 51.01 18.61 -44.64
C ILE C 351 51.13 17.07 -44.58
N CYS C 352 50.60 16.35 -45.59
CA CYS C 352 50.83 14.87 -45.77
C CYS C 352 49.97 13.89 -44.96
N ASN C 353 48.94 13.33 -45.57
CA ASN C 353 48.24 12.19 -45.01
C ASN C 353 47.72 12.43 -43.63
N LEU C 354 47.15 13.61 -43.39
CA LEU C 354 46.94 14.09 -42.05
C LEU C 354 46.13 13.21 -41.10
N SER C 355 44.86 12.95 -41.38
CA SER C 355 44.00 12.21 -40.43
C SER C 355 44.05 12.62 -38.92
N PHE C 356 42.95 13.16 -38.40
CA PHE C 356 42.87 13.41 -36.99
C PHE C 356 41.50 13.06 -36.41
N GLY C 357 41.49 12.57 -35.19
CA GLY C 357 40.25 12.38 -34.48
C GLY C 357 40.51 12.89 -33.10
N TYR C 358 39.44 13.36 -32.45
CA TYR C 358 39.49 13.60 -31.00
C TYR C 358 39.41 12.22 -30.35
N GLU C 359 39.80 12.13 -29.08
CA GLU C 359 39.99 10.86 -28.39
C GLU C 359 38.85 9.85 -28.51
N GLY C 360 37.65 10.35 -28.82
CA GLY C 360 36.46 9.52 -28.97
C GLY C 360 36.66 8.35 -29.91
N LYS C 361 36.41 8.42 -31.23
CA LYS C 361 35.66 9.40 -32.05
C LYS C 361 36.18 9.18 -33.48
N LYS C 362 35.30 8.85 -34.43
CA LYS C 362 35.68 8.71 -35.84
C LYS C 362 36.52 9.90 -36.30
N TYR C 363 37.44 9.69 -37.23
CA TYR C 363 38.28 10.79 -37.67
C TYR C 363 37.42 11.89 -38.27
N LEU C 364 37.93 13.12 -38.28
CA LEU C 364 37.28 14.15 -39.05
C LEU C 364 37.91 14.13 -40.43
N PHE C 365 39.13 13.62 -40.57
CA PHE C 365 39.75 13.73 -41.88
C PHE C 365 40.01 12.39 -42.55
N LYS C 366 41.04 11.69 -42.07
CA LYS C 366 41.70 10.62 -42.85
C LYS C 366 42.31 11.10 -44.19
N ASN C 367 43.63 11.18 -44.18
CA ASN C 367 44.49 11.44 -45.32
C ASN C 367 44.31 12.80 -45.99
N LEU C 368 43.99 13.79 -45.18
CA LEU C 368 44.03 15.18 -45.63
C LEU C 368 45.39 15.49 -46.22
N ASN C 369 45.42 16.29 -47.28
CA ASN C 369 46.67 16.55 -47.97
C ASN C 369 46.72 17.92 -48.58
N LEU C 370 47.70 18.72 -48.19
CA LEU C 370 47.90 20.04 -48.79
C LEU C 370 49.27 20.58 -48.43
N ASN C 371 49.66 21.69 -49.06
CA ASN C 371 50.74 22.49 -48.52
C ASN C 371 50.60 23.99 -48.82
N ILE C 372 51.27 24.77 -47.98
CA ILE C 372 51.18 26.23 -47.94
C ILE C 372 52.53 26.90 -48.25
N LYS C 373 52.63 27.61 -49.36
CA LYS C 373 53.82 28.40 -49.66
C LYS C 373 53.98 29.58 -48.70
N LYS C 374 55.20 29.89 -48.28
CA LYS C 374 55.42 30.99 -47.35
C LYS C 374 54.90 32.29 -47.93
N GLY C 375 53.85 32.82 -47.36
CA GLY C 375 53.29 34.06 -47.84
C GLY C 375 51.91 33.86 -48.41
N GLU C 376 51.41 32.64 -48.36
CA GLU C 376 50.32 32.28 -49.23
C GLU C 376 48.95 32.89 -48.95
N LYS C 377 48.64 33.28 -47.73
CA LYS C 377 47.27 33.78 -47.47
C LYS C 377 46.16 32.83 -47.96
N ILE C 378 45.87 31.77 -47.22
CA ILE C 378 44.83 30.83 -47.65
C ILE C 378 43.59 30.85 -46.77
N ALA C 379 42.49 30.25 -47.22
CA ALA C 379 41.29 30.24 -46.40
C ALA C 379 40.61 28.85 -46.36
N PHE C 380 40.01 28.51 -45.22
CA PHE C 380 39.25 27.28 -45.09
C PHE C 380 37.75 27.55 -44.99
N ILE C 381 37.13 27.39 -46.13
CA ILE C 381 35.70 27.29 -46.34
C ILE C 381 35.25 25.95 -45.82
N GLY C 382 34.12 25.89 -45.14
CA GLY C 382 33.66 24.57 -44.73
C GLY C 382 32.35 24.60 -43.99
N GLU C 383 31.79 23.45 -43.66
CA GLU C 383 30.44 23.46 -43.13
C GLU C 383 30.38 23.52 -41.61
N SER C 384 31.34 24.19 -40.99
CA SER C 384 31.29 24.56 -39.55
C SER C 384 31.16 23.35 -38.64
N GLY C 385 32.28 22.84 -38.18
CA GLY C 385 32.29 21.54 -37.52
C GLY C 385 32.44 20.40 -38.51
N CYS C 386 32.79 20.72 -39.75
CA CYS C 386 33.18 19.70 -40.69
C CYS C 386 34.66 19.43 -40.44
N GLY C 387 35.28 20.33 -39.67
CA GLY C 387 36.65 20.12 -39.20
C GLY C 387 37.67 21.23 -39.45
N LYS C 388 37.28 22.26 -40.17
CA LYS C 388 38.25 23.25 -40.60
C LYS C 388 38.95 23.87 -39.42
N SER C 389 38.22 24.12 -38.33
CA SER C 389 38.87 24.68 -37.17
C SER C 389 39.86 23.70 -36.55
N THR C 390 39.42 22.46 -36.35
CA THR C 390 40.32 21.38 -35.95
C THR C 390 41.54 21.24 -36.90
N LEU C 391 41.30 21.32 -38.20
CA LEU C 391 42.37 21.18 -39.18
C LEU C 391 43.42 22.21 -38.92
N VAL C 392 42.98 23.46 -38.85
CA VAL C 392 43.89 24.56 -38.58
C VAL C 392 44.63 24.33 -37.27
N ASP C 393 43.92 23.81 -36.27
CA ASP C 393 44.54 23.50 -34.97
C ASP C 393 45.67 22.51 -35.10
N LEU C 394 45.62 21.61 -36.09
CA LEU C 394 46.74 20.71 -36.37
C LEU C 394 47.83 21.39 -37.17
N ILE C 395 47.47 22.18 -38.18
CA ILE C 395 48.47 22.88 -39.01
C ILE C 395 49.34 23.81 -38.18
N ILE C 396 48.73 24.55 -37.27
CA ILE C 396 49.49 25.27 -36.26
C ILE C 396 49.94 24.25 -35.20
N GLY C 397 50.64 24.65 -34.17
CA GLY C 397 51.24 23.66 -33.29
C GLY C 397 50.39 22.61 -32.54
N LEU C 398 49.31 23.05 -31.88
CA LEU C 398 48.48 22.26 -30.96
C LEU C 398 47.97 20.99 -31.62
N LEU C 399 47.48 19.99 -30.88
CA LEU C 399 46.94 18.72 -31.51
C LEU C 399 47.95 17.79 -32.24
N LYS C 400 48.05 16.54 -31.80
CA LYS C 400 48.92 15.57 -32.45
C LYS C 400 48.14 14.79 -33.48
N PRO C 401 48.60 14.82 -34.75
CA PRO C 401 47.90 14.07 -35.78
C PRO C 401 47.82 12.58 -35.53
N LYS C 402 46.65 12.01 -35.79
CA LYS C 402 46.41 10.59 -35.68
C LYS C 402 47.20 9.86 -36.74
N GLU C 403 47.45 10.53 -37.87
CA GLU C 403 48.14 9.87 -38.97
C GLU C 403 49.06 10.71 -39.84
N GLY C 404 48.98 12.03 -39.81
CA GLY C 404 49.81 12.77 -40.77
C GLY C 404 51.29 13.04 -40.51
N GLN C 405 51.84 14.07 -41.16
CA GLN C 405 53.15 14.53 -40.76
C GLN C 405 53.18 16.01 -40.43
N ILE C 406 52.92 16.86 -41.41
CA ILE C 406 53.24 18.30 -41.31
C ILE C 406 54.75 18.57 -41.26
N LEU C 407 55.32 18.87 -42.42
CA LEU C 407 56.73 19.22 -42.55
C LEU C 407 56.86 20.72 -42.72
N ILE C 408 57.91 21.27 -42.12
CA ILE C 408 58.23 22.67 -42.28
C ILE C 408 59.61 22.79 -42.93
N ASP C 409 59.62 23.12 -44.22
CA ASP C 409 60.85 23.04 -45.00
C ASP C 409 61.36 21.61 -44.92
N LYS C 410 60.54 20.64 -45.30
CA LYS C 410 60.93 19.23 -45.30
C LYS C 410 61.32 18.66 -43.94
N GLN C 411 61.16 19.48 -42.89
CA GLN C 411 61.49 19.06 -41.51
C GLN C 411 60.26 18.76 -40.70
N GLU C 412 60.22 17.57 -40.10
CA GLU C 412 59.00 17.14 -39.44
C GLU C 412 58.72 17.97 -38.21
N LEU C 413 57.50 18.47 -38.10
CA LEU C 413 57.06 19.14 -36.89
C LEU C 413 56.69 18.09 -35.88
N ASN C 414 57.23 18.20 -34.68
CA ASN C 414 56.90 17.24 -33.64
C ASN C 414 57.11 17.76 -32.22
N ALA C 415 57.09 16.83 -31.27
CA ALA C 415 57.23 17.18 -29.87
C ALA C 415 58.46 18.02 -29.59
N SER C 416 59.60 17.68 -30.17
CA SER C 416 60.82 18.40 -29.86
C SER C 416 60.80 19.87 -30.30
N ASN C 417 60.19 20.17 -31.45
CA ASN C 417 60.20 21.55 -31.97
C ASN C 417 58.88 22.31 -31.88
N ALA C 418 57.84 21.66 -31.38
CA ALA C 418 56.50 22.27 -31.39
C ALA C 418 56.51 23.62 -30.69
N LYS C 419 57.31 23.74 -29.64
CA LYS C 419 57.50 25.00 -28.93
C LYS C 419 57.93 26.13 -29.89
N ASN C 420 58.98 25.90 -30.65
CA ASN C 420 59.48 26.93 -31.54
C ASN C 420 58.51 27.19 -32.69
N TYR C 421 57.70 26.20 -33.01
CA TYR C 421 56.76 26.37 -34.09
C TYR C 421 55.57 27.20 -33.64
N ARG C 422 54.96 26.76 -32.53
CA ARG C 422 53.88 27.48 -31.86
C ARG C 422 54.27 28.93 -31.69
N GLN C 423 55.55 29.15 -31.39
CA GLN C 423 56.00 30.48 -31.13
C GLN C 423 55.82 31.43 -32.30
N LYS C 424 55.74 30.91 -33.52
CA LYS C 424 55.76 31.84 -34.64
C LYS C 424 54.43 32.08 -35.31
N ILE C 425 53.31 31.89 -34.59
CA ILE C 425 52.01 32.26 -35.16
C ILE C 425 51.14 33.21 -34.31
N GLY C 426 50.70 34.33 -34.90
CA GLY C 426 49.75 35.21 -34.23
C GLY C 426 48.37 34.60 -34.31
N TYR C 427 47.38 35.15 -33.62
CA TYR C 427 46.12 34.40 -33.54
C TYR C 427 44.82 35.12 -33.92
N ILE C 428 44.54 36.35 -33.45
CA ILE C 428 43.37 37.09 -34.00
C ILE C 428 42.04 36.31 -34.12
N PRO C 429 41.30 36.16 -33.00
CA PRO C 429 40.07 35.37 -32.87
C PRO C 429 38.69 36.07 -33.10
N GLN C 430 38.65 37.29 -33.59
CA GLN C 430 37.36 37.92 -33.90
C GLN C 430 36.39 38.05 -32.71
N ASN C 431 35.91 36.95 -32.13
CA ASN C 431 35.19 37.06 -30.85
C ASN C 431 36.21 36.85 -29.70
N ILE C 432 36.72 37.95 -29.18
CA ILE C 432 37.96 37.89 -28.45
C ILE C 432 37.70 38.07 -26.98
N TYR C 433 38.50 37.44 -26.13
CA TYR C 433 38.33 37.68 -24.70
C TYR C 433 39.41 38.59 -24.12
N LEU C 434 39.03 39.82 -23.82
CA LEU C 434 39.93 40.72 -23.13
C LEU C 434 39.74 40.54 -21.63
N PHE C 435 40.73 40.93 -20.85
CA PHE C 435 40.54 41.00 -19.42
C PHE C 435 40.63 42.42 -18.97
N ASN C 436 40.10 42.65 -17.78
CA ASN C 436 39.96 43.98 -17.26
C ASN C 436 41.27 44.61 -16.87
N ASP C 437 41.93 45.25 -17.82
CA ASP C 437 43.21 45.90 -17.57
C ASP C 437 43.63 46.84 -18.69
N SER C 438 44.84 47.37 -18.59
CA SER C 438 45.22 48.54 -19.35
C SER C 438 45.57 48.28 -20.81
N ILE C 439 44.58 47.92 -21.64
CA ILE C 439 44.79 47.76 -23.09
C ILE C 439 46.15 47.19 -23.52
N ALA C 440 47.24 47.92 -23.19
CA ALA C 440 48.62 47.44 -23.38
C ALA C 440 48.72 45.98 -22.90
N LYS C 441 48.42 45.76 -21.64
CA LYS C 441 47.92 44.47 -21.28
C LYS C 441 46.42 44.79 -21.26
N ASN C 442 45.60 44.21 -22.13
CA ASN C 442 45.79 42.99 -22.91
C ASN C 442 46.95 42.91 -23.92
N ILE C 443 46.85 43.60 -25.07
CA ILE C 443 47.84 43.57 -26.17
C ILE C 443 49.22 42.88 -25.96
N THR C 444 49.91 43.18 -24.86
CA THR C 444 51.17 42.49 -24.58
C THR C 444 50.90 41.14 -23.95
N PHE C 445 49.67 40.94 -23.49
CA PHE C 445 49.24 39.70 -22.84
C PHE C 445 49.96 39.48 -21.53
N GLY C 446 50.14 40.55 -20.76
CA GLY C 446 50.87 40.49 -19.51
C GLY C 446 52.33 40.92 -19.68
N ASP C 447 53.04 40.24 -20.57
CA ASP C 447 54.50 40.39 -20.75
C ASP C 447 55.08 41.80 -20.67
N ALA C 448 55.13 42.36 -19.48
CA ALA C 448 55.64 43.71 -19.29
C ALA C 448 54.93 44.65 -20.26
N VAL C 449 55.67 45.60 -20.80
CA VAL C 449 55.28 46.33 -22.01
C VAL C 449 56.55 46.47 -22.82
N ASP C 450 56.51 47.30 -23.85
CA ASP C 450 57.72 47.52 -24.60
C ASP C 450 57.66 48.88 -25.20
N GLU C 451 56.57 49.57 -24.93
CA GLU C 451 56.33 50.93 -25.40
C GLU C 451 56.66 51.07 -26.90
N GLU C 452 57.91 50.81 -27.29
CA GLU C 452 58.33 50.77 -28.69
C GLU C 452 57.53 49.77 -29.51
N LYS C 453 57.65 48.49 -29.16
CA LYS C 453 56.93 47.43 -29.87
C LYS C 453 55.44 47.62 -29.76
N LEU C 454 54.98 48.02 -28.57
CA LEU C 454 53.56 48.25 -28.32
C LEU C 454 53.02 49.32 -29.28
N ASN C 455 53.77 50.41 -29.43
CA ASN C 455 53.38 51.48 -30.33
C ASN C 455 53.39 51.03 -31.79
N LYS C 456 54.44 50.33 -32.23
CA LYS C 456 54.49 49.86 -33.63
C LYS C 456 53.33 48.93 -33.93
N VAL C 457 53.05 48.07 -32.97
CA VAL C 457 51.95 47.12 -33.09
C VAL C 457 50.62 47.83 -33.15
N ILE C 458 50.45 48.87 -32.35
CA ILE C 458 49.22 49.64 -32.40
C ILE C 458 49.09 50.34 -33.75
N LYS C 459 50.21 50.82 -34.28
CA LYS C 459 50.20 51.43 -35.59
C LYS C 459 49.79 50.44 -36.67
N GLN C 460 50.39 49.26 -36.66
CA GLN C 460 50.08 48.23 -37.67
C GLN C 460 48.60 47.93 -37.71
N ALA C 461 48.01 47.68 -36.56
CA ALA C 461 46.60 47.31 -36.51
C ALA C 461 45.73 48.54 -36.50
N ASN C 462 46.36 49.65 -36.90
CA ASN C 462 45.73 50.97 -36.92
C ASN C 462 44.69 51.22 -35.84
N LEU C 463 45.19 51.37 -34.62
CA LEU C 463 44.41 51.73 -33.45
C LEU C 463 44.83 53.10 -32.98
N GLU C 464 45.76 53.72 -33.71
CA GLU C 464 46.39 54.97 -33.27
C GLU C 464 45.41 56.08 -32.98
N HIS C 465 44.43 56.25 -33.86
CA HIS C 465 43.44 57.31 -33.69
C HIS C 465 42.42 56.97 -32.61
N PHE C 466 42.54 55.80 -32.03
CA PHE C 466 41.67 55.39 -30.93
C PHE C 466 42.33 55.70 -29.59
N ILE C 467 43.63 55.40 -29.49
CA ILE C 467 44.38 55.57 -28.25
C ILE C 467 44.73 57.05 -28.05
N LYS C 468 44.47 57.86 -29.06
CA LYS C 468 44.60 59.31 -28.94
C LYS C 468 43.41 59.92 -28.22
N ASN C 469 42.21 59.47 -28.56
CA ASN C 469 41.00 60.04 -27.95
C ASN C 469 40.66 59.45 -26.60
N LEU C 470 41.65 58.82 -25.97
CA LEU C 470 41.47 58.27 -24.64
C LEU C 470 42.26 59.13 -23.64
N PRO C 471 41.67 59.42 -22.47
CA PRO C 471 42.39 60.21 -21.47
C PRO C 471 43.63 59.51 -20.91
N GLN C 472 43.48 58.40 -20.19
CA GLN C 472 44.66 57.67 -19.72
C GLN C 472 45.39 57.07 -20.91
N GLY C 473 44.64 56.85 -21.97
CA GLY C 473 45.23 56.40 -23.22
C GLY C 473 45.50 54.92 -23.28
N VAL C 474 46.77 54.57 -23.39
CA VAL C 474 47.16 53.16 -23.53
C VAL C 474 46.96 52.44 -22.19
N GLN C 475 46.65 53.19 -21.14
CA GLN C 475 46.48 52.65 -19.79
C GLN C 475 45.00 52.55 -19.40
N THR C 476 44.11 52.71 -20.37
CA THR C 476 42.69 52.60 -20.12
C THR C 476 42.28 51.19 -19.75
N LYS C 477 41.62 51.00 -18.61
CA LYS C 477 41.09 49.68 -18.31
C LYS C 477 39.99 49.46 -19.33
N VAL C 478 39.91 48.26 -19.90
CA VAL C 478 38.91 47.96 -20.92
C VAL C 478 37.67 47.35 -20.28
N GLY C 479 37.61 47.43 -18.95
CA GLY C 479 36.39 47.18 -18.21
C GLY C 479 35.99 45.74 -18.00
N ASP C 480 36.43 44.87 -18.89
CA ASP C 480 36.09 43.45 -18.87
C ASP C 480 36.50 43.03 -20.25
N GLY C 481 35.64 42.32 -20.96
CA GLY C 481 35.90 42.16 -22.37
C GLY C 481 35.71 43.54 -22.95
N GLY C 482 34.76 44.27 -22.37
CA GLY C 482 34.31 45.54 -22.91
C GLY C 482 32.82 45.29 -22.99
N SER C 483 31.95 46.03 -22.29
CA SER C 483 32.17 47.25 -21.51
C SER C 483 32.84 48.38 -22.32
N ASN C 484 34.01 48.84 -21.89
CA ASN C 484 34.57 50.08 -22.42
C ASN C 484 34.82 50.09 -23.93
N LEU C 485 34.82 48.91 -24.54
CA LEU C 485 35.18 48.77 -25.95
C LEU C 485 34.04 48.24 -26.82
N SER C 486 33.98 48.72 -28.07
CA SER C 486 33.01 48.19 -29.03
C SER C 486 33.70 47.32 -30.07
N GLY C 487 32.95 46.38 -30.63
CA GLY C 487 33.48 45.28 -31.43
C GLY C 487 34.69 45.57 -32.29
N GLY C 488 34.66 46.69 -33.00
CA GLY C 488 35.74 47.07 -33.91
C GLY C 488 37.03 47.22 -33.15
N GLN C 489 36.96 47.91 -32.01
CA GLN C 489 38.12 48.09 -31.16
C GLN C 489 38.58 46.81 -30.47
N LYS C 490 37.63 45.99 -29.99
CA LYS C 490 38.01 44.69 -29.44
C LYS C 490 38.85 43.97 -30.48
N GLN C 491 38.32 43.88 -31.69
CA GLN C 491 38.96 43.24 -32.84
C GLN C 491 40.31 43.75 -33.23
N ARG C 492 40.44 45.06 -33.31
CA ARG C 492 41.73 45.61 -33.68
C ARG C 492 42.71 45.35 -32.57
N ILE C 493 42.23 45.41 -31.33
CA ILE C 493 43.06 45.12 -30.18
C ILE C 493 43.54 43.68 -30.22
N ALA C 494 42.69 42.77 -30.67
CA ALA C 494 43.11 41.38 -30.82
C ALA C 494 44.16 41.29 -31.90
N ILE C 495 43.95 41.98 -33.02
CA ILE C 495 44.94 42.00 -34.08
C ILE C 495 46.30 42.49 -33.58
N ALA C 496 46.25 43.52 -32.74
CA ALA C 496 47.44 44.12 -32.17
C ALA C 496 48.14 43.14 -31.25
N ARG C 497 47.38 42.60 -30.31
CA ARG C 497 47.90 41.61 -29.40
C ARG C 497 48.64 40.55 -30.20
N ALA C 498 48.05 40.08 -31.30
CA ALA C 498 48.69 39.05 -32.13
C ALA C 498 49.98 39.55 -32.78
N LEU C 499 49.95 40.76 -33.34
CA LEU C 499 51.12 41.34 -33.96
C LEU C 499 52.19 41.65 -32.92
N TYR C 500 51.84 41.57 -31.65
CA TYR C 500 52.81 41.90 -30.60
C TYR C 500 53.80 40.74 -30.43
N LEU C 501 53.32 39.52 -30.67
CA LEU C 501 54.20 38.35 -30.80
C LEU C 501 54.97 38.48 -32.11
N GLU C 502 54.30 39.15 -33.05
CA GLU C 502 54.73 39.43 -34.41
C GLU C 502 54.41 38.24 -35.35
N PRO C 503 55.45 37.48 -35.75
CA PRO C 503 55.39 36.85 -37.07
C PRO C 503 54.64 35.52 -36.97
N GLU C 504 54.75 34.58 -37.90
CA GLU C 504 55.11 34.78 -39.30
C GLU C 504 53.91 34.23 -40.04
N ILE C 505 53.12 33.48 -39.28
CA ILE C 505 51.89 32.93 -39.74
C ILE C 505 50.77 33.55 -38.91
N LEU C 506 49.82 34.22 -39.56
CA LEU C 506 48.63 34.72 -38.85
C LEU C 506 47.47 33.77 -39.02
N VAL C 507 46.90 33.27 -37.93
CA VAL C 507 45.60 32.60 -38.04
C VAL C 507 44.50 33.62 -37.77
N LEU C 508 43.41 33.55 -38.50
CA LEU C 508 42.27 34.40 -38.24
C LEU C 508 41.04 33.51 -38.11
N ASP C 509 40.57 33.37 -36.88
CA ASP C 509 39.44 32.51 -36.57
C ASP C 509 38.20 33.33 -36.46
N GLN C 510 37.55 33.61 -37.57
CA GLN C 510 36.37 34.46 -37.54
C GLN C 510 35.13 33.74 -37.00
N ALA C 511 34.39 34.43 -36.14
CA ALA C 511 33.18 33.90 -35.51
C ALA C 511 32.02 34.06 -36.46
N THR C 512 30.87 33.50 -36.10
CA THR C 512 29.68 33.63 -36.94
C THR C 512 28.90 34.94 -36.64
N SER C 513 28.65 35.69 -37.70
CA SER C 513 27.99 37.01 -37.67
C SER C 513 28.93 38.08 -37.12
N ALA C 514 28.94 39.24 -37.76
CA ALA C 514 29.76 40.38 -37.32
C ALA C 514 29.05 41.71 -37.54
N LEU C 515 28.20 41.76 -38.56
CA LEU C 515 27.37 42.92 -38.90
C LEU C 515 28.07 44.28 -38.94
N ASP C 516 28.38 44.75 -40.15
CA ASP C 516 28.15 43.99 -41.36
C ASP C 516 29.27 44.32 -42.34
N THR C 517 28.91 44.63 -43.58
CA THR C 517 29.90 44.85 -44.62
C THR C 517 30.82 46.00 -44.23
N GLN C 518 30.23 47.07 -43.71
CA GLN C 518 30.96 48.29 -43.38
C GLN C 518 32.18 48.04 -42.50
N SER C 519 31.95 47.42 -41.36
CA SER C 519 32.99 47.19 -40.36
C SER C 519 33.98 46.07 -40.70
N GLU C 520 33.41 44.91 -41.01
CA GLU C 520 34.20 43.71 -41.19
C GLU C 520 35.07 43.81 -42.44
N ALA C 521 34.54 44.41 -43.52
CA ALA C 521 35.35 44.62 -44.72
C ALA C 521 36.55 45.52 -44.46
N LYS C 522 36.32 46.61 -43.71
CA LYS C 522 37.42 47.51 -43.35
C LYS C 522 38.50 46.78 -42.55
N ILE C 523 38.08 46.04 -41.51
CA ILE C 523 39.07 45.32 -40.72
C ILE C 523 39.79 44.30 -41.60
N MET C 524 39.04 43.69 -42.52
CA MET C 524 39.63 42.74 -43.46
C MET C 524 40.74 43.34 -44.31
N ASP C 525 40.50 44.51 -44.89
CA ASP C 525 41.55 45.17 -45.67
C ASP C 525 42.75 45.53 -44.80
N GLU C 526 42.51 46.01 -43.57
CA GLU C 526 43.62 46.31 -42.66
C GLU C 526 44.47 45.07 -42.40
N ILE C 527 43.78 43.95 -42.20
CA ILE C 527 44.46 42.69 -41.96
C ILE C 527 45.31 42.34 -43.17
N TYR C 528 44.75 42.52 -44.37
CA TYR C 528 45.48 42.22 -45.59
C TYR C 528 46.71 43.12 -45.73
N LYS C 529 46.58 44.38 -45.33
CA LYS C 529 47.76 45.24 -45.32
C LYS C 529 48.78 44.64 -44.38
N ILE C 530 48.38 44.27 -43.18
CA ILE C 530 49.40 43.77 -42.26
C ILE C 530 49.79 42.32 -42.52
N SER C 531 49.11 41.62 -43.41
CA SER C 531 49.55 40.25 -43.69
C SER C 531 50.29 40.18 -45.01
N LYS C 532 50.76 41.35 -45.47
CA LYS C 532 51.49 41.46 -46.73
C LYS C 532 52.83 40.74 -46.64
N ASP C 533 53.58 41.07 -45.58
CA ASP C 533 54.90 40.52 -45.36
C ASP C 533 54.80 39.17 -44.64
N LYS C 534 53.58 38.75 -44.36
CA LYS C 534 53.36 37.52 -43.61
C LYS C 534 52.62 36.46 -44.41
N THR C 535 52.44 35.28 -43.82
CA THR C 535 51.66 34.21 -44.41
C THR C 535 50.43 33.98 -43.53
N MET C 536 49.25 33.74 -44.12
CA MET C 536 48.03 33.76 -43.31
C MET C 536 47.00 32.66 -43.56
N ILE C 537 46.51 32.06 -42.47
CA ILE C 537 45.44 31.06 -42.54
C ILE C 537 44.17 31.63 -41.98
N ILE C 538 43.07 31.49 -42.72
CA ILE C 538 41.77 32.00 -42.28
C ILE C 538 40.71 30.93 -42.10
N ILE C 539 40.19 30.78 -40.88
CA ILE C 539 39.09 29.85 -40.69
C ILE C 539 37.77 30.57 -40.99
N ALA C 540 37.57 30.75 -42.29
CA ALA C 540 36.55 31.63 -42.83
C ALA C 540 35.13 31.12 -42.66
N HIS C 541 34.22 31.98 -42.23
CA HIS C 541 32.86 31.52 -42.04
C HIS C 541 31.94 32.07 -43.07
N ARG C 542 32.42 33.01 -43.86
CA ARG C 542 31.54 33.54 -44.87
C ARG C 542 32.02 33.24 -46.28
N LEU C 543 32.82 34.17 -46.77
CA LEU C 543 33.12 34.41 -48.17
C LEU C 543 33.26 35.89 -48.14
N SER C 544 33.54 36.54 -49.25
CA SER C 544 33.58 38.01 -49.29
C SER C 544 34.60 38.60 -48.30
N THR C 545 35.29 37.71 -47.59
CA THR C 545 36.35 38.03 -46.65
C THR C 545 37.56 37.28 -47.14
N ILE C 546 37.32 36.40 -48.10
CA ILE C 546 38.36 35.53 -48.62
C ILE C 546 38.61 35.89 -50.07
N THR C 547 38.23 37.10 -50.45
CA THR C 547 38.39 37.52 -51.82
C THR C 547 39.84 37.65 -52.20
N GLN C 548 40.66 38.13 -51.26
CA GLN C 548 42.06 38.43 -51.52
C GLN C 548 42.97 37.27 -51.16
N CYS C 549 42.38 36.11 -50.97
CA CYS C 549 43.15 34.93 -50.63
C CYS C 549 43.71 34.25 -51.89
N ASP C 550 44.94 33.78 -51.80
CA ASP C 550 45.58 33.10 -52.89
C ASP C 550 44.97 31.73 -53.11
N LYS C 551 44.61 31.06 -52.03
CA LYS C 551 44.01 29.74 -52.13
C LYS C 551 42.77 29.66 -51.26
N VAL C 552 41.81 28.85 -51.66
CA VAL C 552 40.67 28.55 -50.80
C VAL C 552 40.37 27.06 -50.81
N TYR C 553 40.39 26.43 -49.63
CA TYR C 553 40.01 25.02 -49.57
C TYR C 553 38.70 24.87 -48.86
N ARG C 554 37.84 24.02 -49.39
CA ARG C 554 36.64 23.66 -48.67
C ARG C 554 36.82 22.28 -48.10
N LEU C 555 36.60 22.13 -46.81
CA LEU C 555 36.69 20.83 -46.20
C LEU C 555 35.26 20.41 -45.99
N GLU C 556 34.79 19.43 -46.75
CA GLU C 556 33.48 18.92 -46.40
C GLU C 556 33.44 17.41 -46.38
N HIS C 557 32.96 16.91 -45.24
CA HIS C 557 32.71 15.50 -44.96
C HIS C 557 33.26 14.47 -45.92
N GLY C 558 34.52 14.11 -45.81
CA GLY C 558 35.49 14.73 -44.92
C GLY C 558 36.77 14.76 -45.74
N LYS C 559 36.66 15.41 -46.89
CA LYS C 559 37.78 15.55 -47.81
C LYS C 559 38.09 17.04 -47.96
N LEU C 560 39.28 17.36 -48.44
CA LEU C 560 39.59 18.76 -48.65
C LEU C 560 39.64 19.02 -50.16
N LYS C 561 38.83 19.96 -50.65
CA LYS C 561 38.82 20.33 -52.07
C LYS C 561 39.38 21.73 -52.28
N GLU C 562 40.12 21.96 -53.35
CA GLU C 562 40.58 23.33 -53.62
C GLU C 562 39.57 24.07 -54.47
N GLU C 563 39.22 25.28 -54.06
CA GLU C 563 38.24 26.09 -54.77
C GLU C 563 39.01 27.14 -55.58
N LYS C 564 39.62 28.09 -54.87
CA LYS C 564 40.52 29.08 -55.46
C LYS C 564 41.91 28.48 -55.70
N MET D 1 15.36 -37.17 -18.76
CA MET D 1 14.20 -37.17 -17.87
C MET D 1 13.15 -38.19 -18.34
N VAL D 2 13.41 -38.87 -19.45
CA VAL D 2 12.58 -39.99 -19.83
C VAL D 2 13.33 -41.18 -19.33
N LYS D 3 14.65 -41.02 -19.24
CA LYS D 3 15.53 -42.05 -18.72
C LYS D 3 15.04 -42.43 -17.35
N LYS D 4 14.67 -41.41 -16.56
CA LYS D 4 13.96 -41.63 -15.31
C LYS D 4 12.81 -42.62 -15.52
N LEU D 5 11.87 -42.21 -16.38
CA LEU D 5 10.63 -42.93 -16.60
C LEU D 5 10.86 -44.39 -17.02
N PHE D 6 11.87 -44.60 -17.86
CA PHE D 6 12.18 -45.91 -18.42
C PHE D 6 13.04 -46.73 -17.47
N PHE D 7 13.64 -46.05 -16.49
CA PHE D 7 14.30 -46.72 -15.40
C PHE D 7 13.25 -47.25 -14.45
N ILE D 8 12.27 -46.41 -14.12
CA ILE D 8 11.23 -46.77 -13.17
C ILE D 8 10.38 -47.88 -13.79
N LEU D 9 10.06 -47.73 -15.07
CA LEU D 9 9.28 -48.74 -15.80
C LEU D 9 10.12 -49.96 -16.19
N SER D 10 9.52 -51.15 -16.15
CA SER D 10 10.23 -52.38 -16.53
C SER D 10 10.30 -52.58 -18.05
N LYS D 11 10.49 -53.82 -18.49
CA LYS D 11 10.47 -54.10 -19.91
C LYS D 11 9.04 -54.29 -20.37
N GLU D 12 8.30 -55.16 -19.69
CA GLU D 12 6.89 -55.36 -19.99
C GLU D 12 6.16 -54.02 -19.93
N ASP D 13 6.55 -53.19 -18.97
CA ASP D 13 5.98 -51.86 -18.83
C ASP D 13 6.20 -51.00 -20.07
N LYS D 14 7.44 -50.87 -20.50
CA LYS D 14 7.76 -50.05 -21.67
C LYS D 14 7.02 -50.55 -22.90
N ASN D 15 7.03 -51.87 -23.11
CA ASN D 15 6.28 -52.45 -24.21
C ASN D 15 4.82 -52.08 -24.18
N PHE D 16 4.19 -52.39 -23.06
CA PHE D 16 2.79 -52.09 -22.83
C PHE D 16 2.51 -50.63 -23.15
N LEU D 17 3.45 -49.78 -22.77
CA LEU D 17 3.36 -48.33 -22.96
C LEU D 17 3.27 -48.04 -24.47
N PHE D 18 4.16 -48.66 -25.24
CA PHE D 18 4.15 -48.44 -26.67
C PHE D 18 2.91 -48.97 -27.39
N PHE D 19 2.49 -50.17 -27.00
CA PHE D 19 1.23 -50.74 -27.50
C PHE D 19 0.13 -49.73 -27.27
N LEU D 20 0.03 -49.23 -26.06
CA LEU D 20 -1.02 -48.30 -25.72
C LEU D 20 -0.91 -47.01 -26.52
N LEU D 21 0.30 -46.60 -26.89
CA LEU D 21 0.42 -45.45 -27.77
C LEU D 21 -0.28 -45.69 -29.10
N VAL D 22 0.23 -46.69 -29.81
CA VAL D 22 -0.32 -47.08 -31.09
C VAL D 22 -1.83 -47.19 -31.04
N PHE D 23 -2.31 -47.97 -30.07
CA PHE D 23 -3.73 -48.18 -29.84
C PHE D 23 -4.45 -46.83 -29.72
N SER D 24 -3.85 -45.89 -28.99
CA SER D 24 -4.42 -44.56 -28.84
C SER D 24 -4.66 -43.87 -30.19
N VAL D 25 -3.63 -43.88 -31.04
CA VAL D 25 -3.80 -43.29 -32.38
C VAL D 25 -4.87 -44.03 -33.22
N PHE D 26 -4.81 -45.37 -33.18
CA PHE D 26 -5.78 -46.18 -33.88
C PHE D 26 -7.22 -45.82 -33.45
N VAL D 27 -7.46 -45.58 -32.16
CA VAL D 27 -8.81 -45.19 -31.80
C VAL D 27 -9.08 -43.76 -32.27
N SER D 28 -8.05 -42.93 -32.45
CA SER D 28 -8.36 -41.62 -33.05
C SER D 28 -8.99 -41.80 -34.42
N PHE D 29 -8.38 -42.66 -35.23
CA PHE D 29 -8.97 -43.00 -36.52
C PHE D 29 -10.39 -43.56 -36.37
N ILE D 30 -10.58 -44.63 -35.59
CA ILE D 30 -11.91 -45.23 -35.45
C ILE D 30 -12.97 -44.21 -35.02
N GLU D 31 -12.53 -43.18 -34.29
CA GLU D 31 -13.43 -42.08 -33.97
C GLU D 31 -13.82 -41.29 -35.22
N THR D 32 -12.82 -40.86 -35.98
CA THR D 32 -13.19 -40.04 -37.15
C THR D 32 -13.97 -40.87 -38.16
N PHE D 33 -13.68 -42.16 -38.25
CA PHE D 33 -14.50 -43.06 -39.04
C PHE D 33 -15.95 -42.98 -38.63
N ALA D 34 -16.19 -43.24 -37.34
CA ALA D 34 -17.56 -43.16 -36.82
C ALA D 34 -18.25 -41.84 -37.20
N ILE D 35 -17.52 -40.73 -37.17
CA ILE D 35 -18.17 -39.47 -37.48
C ILE D 35 -18.48 -39.33 -38.98
N SER D 36 -17.48 -39.55 -39.83
CA SER D 36 -17.64 -39.32 -41.27
C SER D 36 -18.52 -40.37 -41.96
N LEU D 37 -18.56 -41.61 -41.48
CA LEU D 37 -19.39 -42.63 -42.15
C LEU D 37 -20.86 -42.22 -42.22
N VAL D 38 -21.22 -41.21 -41.44
CA VAL D 38 -22.57 -40.67 -41.45
C VAL D 38 -22.84 -39.94 -42.76
N MET D 39 -21.81 -39.31 -43.30
CA MET D 39 -21.92 -38.60 -44.58
C MET D 39 -22.36 -39.50 -45.75
N PRO D 40 -21.57 -40.56 -46.07
CA PRO D 40 -21.99 -41.33 -47.24
C PRO D 40 -23.29 -42.05 -46.97
N PHE D 41 -23.48 -42.60 -45.77
CA PHE D 41 -24.68 -43.35 -45.49
C PHE D 41 -25.92 -42.50 -45.71
N ILE D 42 -25.83 -41.22 -45.37
CA ILE D 42 -27.00 -40.38 -45.46
C ILE D 42 -27.16 -39.88 -46.89
N THR D 43 -26.04 -39.75 -47.59
CA THR D 43 -26.07 -39.21 -48.95
C THR D 43 -26.45 -40.28 -49.98
N LEU D 44 -26.30 -41.54 -49.59
CA LEU D 44 -26.59 -42.69 -50.44
C LEU D 44 -27.90 -43.35 -50.03
N ALA D 45 -28.38 -43.03 -48.84
CA ALA D 45 -29.69 -43.49 -48.45
C ALA D 45 -30.70 -42.48 -48.97
N SER D 46 -30.17 -41.41 -49.59
CA SER D 46 -30.97 -40.35 -50.21
C SER D 46 -30.06 -39.34 -50.89
N ASP D 47 -30.18 -39.19 -52.21
CA ASP D 47 -31.15 -39.94 -53.00
C ASP D 47 -30.67 -41.31 -53.49
N PHE D 48 -31.65 -42.15 -53.76
CA PHE D 48 -31.45 -43.54 -54.16
C PHE D 48 -30.74 -43.68 -55.49
N SER D 49 -30.45 -42.56 -56.15
CA SER D 49 -29.89 -42.58 -57.50
C SER D 49 -28.54 -43.26 -57.54
N TYR D 50 -27.46 -42.48 -57.51
CA TYR D 50 -26.07 -42.95 -57.36
C TYR D 50 -25.68 -44.34 -57.84
N PHE D 51 -26.55 -45.33 -57.62
CA PHE D 51 -26.38 -46.66 -58.19
C PHE D 51 -26.84 -46.68 -59.67
N ASP D 52 -27.08 -45.49 -60.22
CA ASP D 52 -27.54 -45.32 -61.60
C ASP D 52 -26.50 -44.61 -62.44
N ARG D 53 -25.52 -44.00 -61.76
CA ARG D 53 -24.28 -43.58 -62.41
C ARG D 53 -23.14 -44.21 -61.61
N ASN D 54 -21.89 -43.75 -61.81
CA ASN D 54 -20.74 -44.19 -61.01
C ASN D 54 -20.46 -45.72 -61.07
N LYS D 55 -19.33 -46.11 -61.65
CA LYS D 55 -19.00 -47.53 -61.88
C LYS D 55 -19.15 -48.43 -60.64
N TYR D 56 -18.62 -48.00 -59.50
CA TYR D 56 -18.58 -48.82 -58.30
C TYR D 56 -19.96 -49.16 -57.75
N LEU D 57 -20.78 -48.13 -57.60
CA LEU D 57 -22.11 -48.27 -57.01
C LEU D 57 -22.98 -49.21 -57.86
N ILE D 58 -22.86 -49.10 -59.18
CA ILE D 58 -23.67 -49.90 -60.08
C ILE D 58 -23.09 -51.31 -60.20
N SER D 59 -21.79 -51.45 -59.93
CA SER D 59 -21.17 -52.78 -59.85
C SER D 59 -21.78 -53.52 -58.68
N LEU D 60 -21.85 -52.81 -57.56
CA LEU D 60 -22.50 -53.34 -56.38
C LEU D 60 -23.94 -53.72 -56.71
N LYS D 61 -24.63 -52.82 -57.43
CA LYS D 61 -26.02 -53.01 -57.79
C LYS D 61 -26.15 -54.33 -58.55
N GLU D 62 -25.20 -54.58 -59.44
CA GLU D 62 -25.17 -55.80 -60.24
C GLU D 62 -24.34 -56.92 -59.60
N TYR D 63 -24.16 -56.88 -58.28
CA TYR D 63 -23.87 -58.11 -57.54
C TYR D 63 -25.19 -58.80 -57.19
N LEU D 64 -26.28 -58.07 -57.42
CA LEU D 64 -27.63 -58.62 -57.62
C LEU D 64 -28.20 -59.55 -56.55
N ASN D 65 -27.50 -59.75 -55.44
CA ASN D 65 -28.09 -60.56 -54.37
C ASN D 65 -29.35 -59.84 -53.90
N ILE D 66 -29.43 -58.54 -54.23
CA ILE D 66 -30.52 -57.67 -53.84
C ILE D 66 -30.65 -56.51 -54.87
N PRO D 67 -31.78 -55.76 -54.85
CA PRO D 67 -31.97 -54.50 -55.61
C PRO D 67 -31.19 -53.30 -55.02
N VAL D 68 -31.90 -52.36 -54.38
CA VAL D 68 -31.27 -51.26 -53.63
C VAL D 68 -32.02 -50.95 -52.33
N PHE D 69 -33.31 -51.28 -52.28
CA PHE D 69 -34.05 -51.32 -51.02
C PHE D 69 -33.18 -52.06 -50.02
N GLU D 70 -32.68 -53.21 -50.45
CA GLU D 70 -31.95 -54.08 -49.56
C GLU D 70 -30.45 -53.74 -49.49
N ILE D 71 -29.92 -53.01 -50.48
CA ILE D 71 -28.51 -52.59 -50.41
C ILE D 71 -28.30 -51.56 -49.32
N ILE D 72 -29.20 -50.58 -49.25
CA ILE D 72 -29.02 -49.54 -48.25
C ILE D 72 -29.15 -50.19 -46.88
N VAL D 73 -30.08 -51.14 -46.75
CA VAL D 73 -30.25 -51.89 -45.52
C VAL D 73 -29.00 -52.64 -45.10
N TYR D 74 -28.37 -53.37 -46.02
CA TYR D 74 -27.14 -54.06 -45.70
C TYR D 74 -26.16 -53.02 -45.22
N PHE D 75 -26.09 -51.89 -45.91
CA PHE D 75 -25.18 -50.82 -45.52
C PHE D 75 -25.42 -50.38 -44.09
N GLY D 76 -26.69 -50.28 -43.71
CA GLY D 76 -27.05 -49.93 -42.35
C GLY D 76 -26.59 -50.97 -41.34
N VAL D 77 -26.81 -52.23 -41.66
CA VAL D 77 -26.33 -53.32 -40.82
C VAL D 77 -24.83 -53.24 -40.64
N GLY D 78 -24.09 -53.02 -41.72
CA GLY D 78 -22.66 -52.84 -41.62
C GLY D 78 -22.32 -51.69 -40.70
N LEU D 79 -23.12 -50.63 -40.76
CA LEU D 79 -22.89 -49.45 -39.93
C LEU D 79 -23.11 -49.74 -38.44
N ILE D 80 -24.20 -50.41 -38.08
CA ILE D 80 -24.43 -50.66 -36.65
C ILE D 80 -23.50 -51.76 -36.15
N VAL D 81 -23.05 -52.66 -37.03
CA VAL D 81 -21.97 -53.57 -36.66
C VAL D 81 -20.77 -52.71 -36.32
N PHE D 82 -20.42 -51.79 -37.21
CA PHE D 82 -19.26 -50.94 -36.97
C PHE D 82 -19.37 -50.17 -35.69
N TYR D 83 -20.56 -49.66 -35.38
CA TYR D 83 -20.72 -48.80 -34.19
C TYR D 83 -20.63 -49.61 -32.91
N VAL D 84 -21.25 -50.79 -32.92
CA VAL D 84 -21.06 -51.71 -31.82
C VAL D 84 -19.57 -52.01 -31.66
N PHE D 85 -18.92 -52.34 -32.78
CA PHE D 85 -17.50 -52.62 -32.78
C PHE D 85 -16.76 -51.49 -32.14
N ARG D 86 -17.12 -50.26 -32.49
CA ARG D 86 -16.39 -49.13 -31.95
C ARG D 86 -16.62 -48.99 -30.45
N ALA D 87 -17.84 -49.27 -30.00
CA ALA D 87 -18.11 -49.24 -28.57
C ALA D 87 -17.20 -50.22 -27.84
N LEU D 88 -17.11 -51.43 -28.35
CA LEU D 88 -16.16 -52.37 -27.77
C LEU D 88 -14.71 -51.85 -27.83
N LEU D 89 -14.24 -51.42 -29.00
CA LEU D 89 -12.88 -50.90 -29.11
C LEU D 89 -12.58 -49.81 -28.07
N ASN D 90 -13.54 -48.93 -27.84
CA ASN D 90 -13.34 -47.89 -26.85
C ASN D 90 -13.33 -48.43 -25.41
N ALA D 91 -14.24 -49.36 -25.12
CA ALA D 91 -14.22 -49.97 -23.80
C ALA D 91 -12.87 -50.60 -23.56
N TYR D 92 -12.38 -51.38 -24.51
CA TYR D 92 -11.12 -52.04 -24.32
C TYR D 92 -9.98 -51.04 -24.19
N TYR D 93 -10.02 -49.98 -24.96
CA TYR D 93 -8.97 -48.99 -24.83
C TYR D 93 -8.95 -48.38 -23.43
N PHE D 94 -10.12 -48.09 -22.85
CA PHE D 94 -10.10 -47.50 -21.51
C PHE D 94 -9.74 -48.50 -20.42
N HIS D 95 -10.18 -49.74 -20.62
CA HIS D 95 -9.78 -50.81 -19.74
C HIS D 95 -8.29 -51.08 -19.75
N LEU D 96 -7.68 -51.02 -20.92
CA LEU D 96 -6.22 -51.14 -21.03
C LEU D 96 -5.55 -49.90 -20.43
N LEU D 97 -6.15 -48.73 -20.55
CA LEU D 97 -5.55 -47.59 -19.87
C LEU D 97 -5.55 -47.85 -18.35
N ALA D 98 -6.68 -48.32 -17.82
CA ALA D 98 -6.75 -48.68 -16.39
C ALA D 98 -5.69 -49.75 -16.04
N ARG D 99 -5.72 -50.86 -16.78
CA ARG D 99 -4.79 -51.95 -16.58
C ARG D 99 -3.36 -51.47 -16.52
N PHE D 100 -3.00 -50.55 -17.41
CA PHE D 100 -1.64 -50.02 -17.40
C PHE D 100 -1.36 -49.22 -16.15
N SER D 101 -2.19 -48.18 -15.91
CA SER D 101 -1.90 -47.29 -14.81
C SER D 101 -1.91 -48.04 -13.49
N LYS D 102 -2.98 -48.79 -13.22
CA LYS D 102 -3.08 -49.49 -11.95
C LYS D 102 -2.05 -50.58 -11.79
N GLY D 103 -1.73 -51.28 -12.87
CA GLY D 103 -0.68 -52.28 -12.80
C GLY D 103 0.66 -51.65 -12.46
N ARG D 104 0.90 -50.48 -13.05
CA ARG D 104 2.18 -49.83 -12.83
C ARG D 104 2.21 -49.34 -11.40
N LYS D 105 1.05 -48.91 -10.90
CA LYS D 105 0.99 -48.48 -9.50
C LYS D 105 1.40 -49.70 -8.68
N HIS D 106 0.78 -50.86 -8.89
CA HIS D 106 1.15 -52.08 -8.15
C HIS D 106 2.65 -52.37 -8.16
N ALA D 107 3.23 -52.39 -9.35
CA ALA D 107 4.67 -52.60 -9.51
C ALA D 107 5.57 -51.52 -8.89
N ILE D 108 5.28 -50.26 -9.13
CA ILE D 108 6.18 -49.25 -8.64
C ILE D 108 6.04 -49.09 -7.11
N ALA D 109 4.82 -49.23 -6.59
CA ALA D 109 4.62 -49.27 -5.15
C ALA D 109 5.50 -50.37 -4.60
N TYR D 110 5.38 -51.59 -5.12
CA TYR D 110 6.17 -52.70 -4.56
C TYR D 110 7.67 -52.41 -4.64
N LYS D 111 8.14 -51.91 -5.78
CA LYS D 111 9.56 -51.59 -5.87
C LYS D 111 9.98 -50.54 -4.82
N VAL D 112 9.18 -49.51 -4.64
CA VAL D 112 9.51 -48.46 -3.68
C VAL D 112 9.49 -48.93 -2.24
N PHE D 113 8.41 -49.59 -1.84
CA PHE D 113 8.31 -50.17 -0.51
C PHE D 113 9.54 -51.02 -0.23
N SER D 114 9.90 -51.92 -1.15
CA SER D 114 11.10 -52.77 -0.95
C SER D 114 12.34 -51.92 -0.72
N LYS D 115 12.48 -50.93 -1.58
CA LYS D 115 13.58 -50.01 -1.49
C LYS D 115 13.63 -49.45 -0.08
N PHE D 116 12.51 -49.04 0.49
CA PHE D 116 12.49 -48.46 1.84
C PHE D 116 12.84 -49.46 2.92
N LEU D 117 12.23 -50.65 2.84
CA LEU D 117 12.48 -51.70 3.82
C LEU D 117 13.94 -52.03 3.91
N ASN D 118 14.71 -51.68 2.87
CA ASN D 118 16.15 -51.88 2.95
C ASN D 118 17.07 -50.73 3.43
N ILE D 119 16.58 -49.51 3.61
CA ILE D 119 17.49 -48.48 4.15
C ILE D 119 17.82 -48.81 5.57
N ASN D 120 18.83 -48.15 6.14
CA ASN D 120 19.22 -48.41 7.52
C ASN D 120 18.22 -47.83 8.50
N TYR D 121 18.26 -48.34 9.73
CA TYR D 121 17.16 -48.12 10.68
C TYR D 121 17.00 -46.68 11.08
N GLU D 122 18.11 -46.02 11.29
CA GLU D 122 17.99 -44.63 11.64
C GLU D 122 17.39 -43.80 10.53
N LYS D 123 17.71 -44.11 9.27
CA LYS D 123 17.21 -43.32 8.17
C LYS D 123 15.69 -43.38 8.05
N PHE D 124 15.16 -44.60 8.09
CA PHE D 124 13.72 -44.81 8.04
C PHE D 124 13.08 -44.06 9.18
N THR D 125 13.63 -44.31 10.37
CA THR D 125 13.23 -43.68 11.61
C THR D 125 13.17 -42.17 11.59
N GLN D 126 14.10 -41.51 10.91
CA GLN D 126 14.24 -40.08 11.08
C GLN D 126 13.25 -39.30 10.25
N LYS D 127 12.37 -39.97 9.53
CA LYS D 127 11.35 -39.25 8.78
C LYS D 127 10.02 -39.87 9.16
N ASN D 128 8.92 -39.14 9.01
CA ASN D 128 7.61 -39.65 9.48
C ASN D 128 6.81 -40.50 8.51
N GLN D 129 6.16 -41.53 9.04
CA GLN D 129 5.41 -42.48 8.23
C GLN D 129 4.35 -41.79 7.38
N SER D 130 3.99 -40.57 7.77
CA SER D 130 3.14 -39.75 6.93
C SER D 130 3.80 -39.67 5.57
N GLU D 131 5.07 -39.29 5.59
CA GLU D 131 5.78 -38.98 4.37
C GLU D 131 6.28 -40.24 3.65
N ILE D 132 6.56 -41.30 4.41
CA ILE D 132 7.02 -42.57 3.79
C ILE D 132 5.83 -43.23 3.11
N LEU D 133 4.66 -43.16 3.74
CA LEU D 133 3.43 -43.58 3.07
C LEU D 133 3.20 -42.73 1.83
N LYS D 134 3.33 -41.40 1.93
CA LYS D 134 3.18 -40.58 0.71
C LYS D 134 4.14 -41.06 -0.37
N SER D 135 5.34 -41.42 0.03
CA SER D 135 6.40 -41.78 -0.91
C SER D 135 6.17 -43.07 -1.65
N ILE D 136 5.51 -44.03 -1.02
CA ILE D 136 5.32 -45.27 -1.75
C ILE D 136 3.89 -45.40 -2.22
N THR D 137 3.07 -44.43 -1.88
CA THR D 137 1.65 -44.52 -2.21
C THR D 137 1.15 -43.40 -3.12
N GLY D 138 1.29 -42.15 -2.67
CA GLY D 138 0.66 -41.03 -3.34
C GLY D 138 1.42 -40.75 -4.60
N GLU D 139 2.73 -40.73 -4.48
CA GLU D 139 3.56 -40.59 -5.64
C GLU D 139 3.31 -41.68 -6.70
N VAL D 140 3.25 -42.94 -6.31
CA VAL D 140 3.04 -43.99 -7.30
C VAL D 140 1.70 -43.78 -7.99
N TYR D 141 0.66 -43.45 -7.22
CA TYR D 141 -0.60 -43.02 -7.83
C TYR D 141 -0.38 -41.94 -8.89
N ASN D 142 0.28 -40.87 -8.50
CA ASN D 142 0.56 -39.78 -9.42
C ASN D 142 1.21 -40.23 -10.73
N LEU D 143 2.35 -40.93 -10.64
CA LEU D 143 2.99 -41.43 -11.85
C LEU D 143 2.02 -42.24 -12.71
N SER D 144 1.32 -43.19 -12.09
CA SER D 144 0.41 -44.07 -12.82
C SER D 144 -0.65 -43.31 -13.59
N THR D 145 -1.37 -42.51 -12.81
CA THR D 145 -2.49 -41.72 -13.31
C THR D 145 -2.05 -40.84 -14.43
N MET D 146 -0.87 -40.28 -14.25
CA MET D 146 -0.31 -39.35 -15.19
C MET D 146 0.11 -39.98 -16.52
N ILE D 147 0.73 -41.17 -16.47
CA ILE D 147 1.09 -41.84 -17.72
C ILE D 147 -0.18 -42.13 -18.52
N SER D 148 -1.16 -42.73 -17.86
CA SER D 148 -2.44 -42.95 -18.50
C SER D 148 -3.01 -41.65 -19.09
N SER D 149 -2.96 -40.58 -18.30
CA SER D 149 -3.37 -39.27 -18.77
C SER D 149 -2.67 -38.84 -20.05
N PHE D 150 -1.37 -39.12 -20.14
CA PHE D 150 -0.60 -38.81 -21.35
C PHE D 150 -1.09 -39.58 -22.54
N LEU D 151 -1.33 -40.87 -22.36
CA LEU D 151 -1.88 -41.66 -23.45
C LEU D 151 -3.22 -41.08 -23.95
N LEU D 152 -4.11 -40.79 -23.00
CA LEU D 152 -5.42 -40.23 -23.38
C LEU D 152 -5.25 -38.92 -24.11
N LEU D 153 -4.36 -38.09 -23.59
CA LEU D 153 -3.97 -36.82 -24.22
C LEU D 153 -3.57 -37.06 -25.67
N MET D 154 -2.71 -38.04 -25.92
CA MET D 154 -2.36 -38.42 -27.31
C MET D 154 -3.56 -38.72 -28.21
N SER D 155 -4.32 -39.72 -27.80
CA SER D 155 -5.50 -40.16 -28.55
C SER D 155 -6.40 -38.97 -28.89
N GLU D 156 -6.59 -38.07 -27.93
CA GLU D 156 -7.49 -36.96 -28.19
C GLU D 156 -6.87 -35.87 -29.05
N ILE D 157 -5.58 -35.59 -28.91
CA ILE D 157 -5.01 -34.55 -29.74
C ILE D 157 -5.06 -35.04 -31.19
N PHE D 158 -5.02 -36.35 -31.38
CA PHE D 158 -5.13 -36.84 -32.75
C PHE D 158 -6.58 -36.86 -33.22
N VAL D 159 -7.54 -37.06 -32.32
CA VAL D 159 -8.94 -36.91 -32.73
C VAL D 159 -9.16 -35.46 -33.18
N VAL D 160 -8.65 -34.50 -32.42
CA VAL D 160 -8.76 -33.10 -32.83
C VAL D 160 -8.11 -32.86 -34.17
N LEU D 161 -6.89 -33.35 -34.35
CA LEU D 161 -6.23 -33.14 -35.64
C LEU D 161 -7.00 -33.78 -36.77
N LEU D 162 -7.24 -35.09 -36.70
CA LEU D 162 -7.94 -35.79 -37.78
C LEU D 162 -9.32 -35.19 -38.07
N LEU D 163 -10.13 -34.95 -37.05
CA LEU D 163 -11.45 -34.35 -37.25
C LEU D 163 -11.35 -32.97 -37.91
N TYR D 164 -10.38 -32.18 -37.48
CA TYR D 164 -10.28 -30.85 -38.03
C TYR D 164 -9.89 -30.97 -39.49
N ALA D 165 -9.08 -31.99 -39.79
CA ALA D 165 -8.71 -32.27 -41.16
C ALA D 165 -9.95 -32.61 -41.97
N LEU D 166 -10.75 -33.52 -41.46
CA LEU D 166 -11.99 -33.91 -42.11
C LEU D 166 -12.86 -32.68 -42.40
N MET D 167 -13.17 -31.90 -41.38
CA MET D 167 -13.97 -30.68 -41.58
C MET D 167 -13.40 -29.79 -42.67
N LEU D 168 -12.09 -29.54 -42.65
CA LEU D 168 -11.43 -28.71 -43.66
C LEU D 168 -11.61 -29.27 -45.06
N LEU D 169 -11.46 -30.58 -45.17
CA LEU D 169 -11.64 -31.23 -46.46
C LEU D 169 -13.06 -31.01 -46.95
N ILE D 170 -14.03 -31.46 -46.17
CA ILE D 170 -15.45 -31.30 -46.54
C ILE D 170 -15.88 -29.82 -46.81
N ASN D 171 -15.50 -28.85 -45.97
CA ASN D 171 -15.78 -27.44 -46.28
C ASN D 171 -14.94 -26.36 -45.58
N TYR D 172 -13.68 -26.25 -45.99
CA TYR D 172 -12.71 -25.33 -45.38
C TYR D 172 -13.30 -23.94 -45.04
N LYS D 173 -14.23 -23.48 -45.88
CA LYS D 173 -14.91 -22.22 -45.65
C LYS D 173 -15.68 -22.26 -44.34
N ILE D 174 -16.62 -23.19 -44.26
CA ILE D 174 -17.45 -23.31 -43.06
C ILE D 174 -16.57 -23.58 -41.85
N THR D 175 -15.59 -24.47 -41.96
CA THR D 175 -14.80 -24.81 -40.77
C THR D 175 -13.98 -23.63 -40.29
N LEU D 176 -13.49 -22.84 -41.23
CA LEU D 176 -12.80 -21.61 -40.87
C LEU D 176 -13.77 -20.72 -40.11
N PHE D 177 -15.00 -20.62 -40.62
CA PHE D 177 -16.03 -19.81 -39.99
C PHE D 177 -16.36 -20.28 -38.57
N LEU D 178 -16.58 -21.58 -38.43
CA LEU D 178 -16.94 -22.17 -37.16
C LEU D 178 -15.83 -21.99 -36.18
N SER D 179 -14.61 -21.98 -36.67
CA SER D 179 -13.47 -21.79 -35.77
C SER D 179 -13.34 -20.35 -35.29
N ILE D 180 -13.43 -19.40 -36.22
CA ILE D 180 -13.39 -18.00 -35.83
C ILE D 180 -14.48 -17.83 -34.78
N PHE D 181 -15.64 -18.41 -35.08
CA PHE D 181 -16.76 -18.33 -34.17
C PHE D 181 -16.48 -18.96 -32.81
N MET D 182 -15.69 -20.02 -32.82
CA MET D 182 -15.37 -20.76 -31.63
C MET D 182 -14.62 -19.90 -30.68
N VAL D 183 -13.52 -19.34 -31.17
CA VAL D 183 -12.72 -18.49 -30.29
C VAL D 183 -13.52 -17.23 -29.94
N LEU D 184 -14.46 -16.83 -30.80
CA LEU D 184 -15.29 -15.68 -30.48
C LEU D 184 -16.18 -15.95 -29.25
N ASN D 185 -16.97 -17.03 -29.25
CA ASN D 185 -17.68 -17.42 -28.05
C ASN D 185 -16.77 -17.60 -26.85
N ALA D 186 -15.61 -18.20 -27.09
CA ALA D 186 -14.65 -18.43 -26.02
C ALA D 186 -14.33 -17.11 -25.34
N PHE D 187 -14.03 -16.10 -26.14
CA PHE D 187 -13.79 -14.77 -25.62
C PHE D 187 -14.99 -14.14 -24.94
N ILE D 188 -16.16 -14.25 -25.54
CA ILE D 188 -17.37 -13.73 -24.92
C ILE D 188 -17.61 -14.32 -23.53
N LEU D 189 -17.67 -15.64 -23.44
CA LEU D 189 -17.82 -16.33 -22.17
C LEU D 189 -16.72 -15.92 -21.20
N VAL D 190 -15.50 -16.36 -21.49
CA VAL D 190 -14.39 -16.24 -20.54
C VAL D 190 -13.84 -14.82 -20.29
N LYS D 191 -14.15 -13.86 -21.16
CA LYS D 191 -13.58 -12.53 -21.00
C LYS D 191 -14.63 -11.44 -20.88
N ILE D 192 -15.90 -11.77 -21.08
CA ILE D 192 -16.95 -10.77 -20.90
C ILE D 192 -17.96 -11.18 -19.85
N LEU D 193 -18.31 -12.46 -19.83
CA LEU D 193 -19.34 -12.89 -18.90
C LEU D 193 -18.73 -13.32 -17.59
N SER D 194 -17.72 -14.18 -17.63
CA SER D 194 -17.12 -14.67 -16.40
C SER D 194 -16.75 -13.56 -15.41
N PRO D 195 -16.16 -12.44 -15.88
CA PRO D 195 -15.96 -11.33 -14.94
C PRO D 195 -17.26 -10.77 -14.33
N ILE D 196 -18.29 -10.52 -15.12
CA ILE D 196 -19.55 -10.02 -14.56
C ILE D 196 -20.17 -10.97 -13.53
N ILE D 197 -20.21 -12.25 -13.86
CA ILE D 197 -20.68 -13.27 -12.93
C ILE D 197 -19.92 -13.23 -11.62
N LYS D 198 -18.59 -13.22 -11.73
CA LYS D 198 -17.72 -13.26 -10.54
C LYS D 198 -17.96 -12.03 -9.65
N LYS D 199 -18.05 -10.85 -10.25
CA LYS D 199 -18.39 -9.68 -9.47
C LYS D 199 -19.72 -9.88 -8.79
N ALA D 200 -20.77 -10.23 -9.53
CA ALA D 200 -22.11 -10.46 -8.96
C ALA D 200 -22.02 -11.34 -7.75
N GLY D 201 -21.19 -12.37 -7.84
CA GLY D 201 -20.95 -13.21 -6.68
C GLY D 201 -20.33 -12.47 -5.49
N LEU D 202 -19.34 -11.62 -5.74
CA LEU D 202 -18.76 -10.88 -4.64
C LEU D 202 -19.76 -9.90 -4.02
N ARG D 203 -20.46 -9.13 -4.85
CA ARG D 203 -21.51 -8.24 -4.36
C ARG D 203 -22.48 -9.00 -3.46
N ARG D 204 -22.85 -10.20 -3.88
CA ARG D 204 -23.68 -11.04 -3.05
C ARG D 204 -23.03 -11.36 -1.73
N GLU D 205 -21.75 -11.72 -1.76
CA GLU D 205 -21.06 -12.05 -0.52
C GLU D 205 -21.08 -10.89 0.48
N GLU D 206 -20.68 -9.71 0.02
CA GLU D 206 -20.62 -8.55 0.90
C GLU D 206 -22.00 -8.26 1.47
N ALA D 207 -22.98 -8.14 0.59
CA ALA D 207 -24.35 -7.84 1.03
C ALA D 207 -24.90 -8.86 2.02
N MET D 208 -24.59 -10.14 1.79
CA MET D 208 -24.98 -11.18 2.74
C MET D 208 -24.35 -10.96 4.10
N LYS D 209 -23.03 -10.76 4.11
CA LYS D 209 -22.27 -10.45 5.32
C LYS D 209 -22.91 -9.31 6.12
N ASN D 210 -23.21 -8.19 5.47
CA ASN D 210 -23.83 -7.02 6.12
C ASN D 210 -25.25 -7.23 6.68
N PHE D 211 -26.08 -7.88 5.86
CA PHE D 211 -27.42 -8.33 6.27
C PHE D 211 -27.34 -9.15 7.53
N PHE D 212 -26.61 -10.25 7.47
CA PHE D 212 -26.44 -11.08 8.66
C PHE D 212 -25.78 -10.33 9.81
N GLU D 213 -24.90 -9.38 9.52
CA GLU D 213 -24.28 -8.61 10.57
C GLU D 213 -25.36 -7.96 11.40
N ILE D 214 -26.16 -7.09 10.78
CA ILE D 214 -27.09 -6.35 11.63
C ILE D 214 -28.34 -7.14 12.01
N LEU D 215 -28.62 -8.23 11.32
CA LEU D 215 -29.63 -9.13 11.87
C LEU D 215 -29.14 -9.69 13.19
N ASN D 216 -27.87 -10.10 13.21
CA ASN D 216 -27.34 -10.68 14.42
C ASN D 216 -27.25 -9.70 15.54
N THR D 217 -26.78 -8.48 15.29
CA THR D 217 -26.73 -7.56 16.43
C THR D 217 -28.16 -7.14 16.85
N ASN D 218 -29.09 -6.97 15.92
CA ASN D 218 -30.45 -6.70 16.37
C ASN D 218 -30.94 -7.79 17.29
N LEU D 219 -30.68 -9.04 16.93
CA LEU D 219 -31.02 -10.13 17.84
C LEU D 219 -30.27 -10.02 19.18
N ASN D 220 -29.05 -9.49 19.15
CA ASN D 220 -28.30 -9.35 20.40
C ASN D 220 -28.77 -8.18 21.25
N ASN D 221 -29.48 -7.25 20.65
CA ASN D 221 -29.96 -6.10 21.42
C ASN D 221 -31.42 -6.27 21.83
N PHE D 222 -31.87 -7.52 21.91
CA PHE D 222 -33.29 -7.77 22.13
C PHE D 222 -33.79 -7.11 23.41
N LYS D 223 -33.02 -7.20 24.48
CA LYS D 223 -33.48 -6.56 25.71
C LYS D 223 -33.68 -5.04 25.54
N PHE D 224 -32.74 -4.36 24.87
CA PHE D 224 -32.87 -2.92 24.71
C PHE D 224 -34.05 -2.59 23.82
N ILE D 225 -34.28 -3.42 22.82
CA ILE D 225 -35.46 -3.25 21.96
C ILE D 225 -36.75 -3.36 22.76
N LYS D 226 -36.86 -4.41 23.57
CA LYS D 226 -38.07 -4.70 24.34
C LYS D 226 -38.37 -3.60 25.35
N LEU D 227 -37.33 -2.94 25.83
CA LEU D 227 -37.55 -1.90 26.80
C LEU D 227 -37.92 -0.59 26.14
N LYS D 228 -37.85 -0.51 24.80
CA LYS D 228 -38.27 0.71 24.08
C LYS D 228 -39.74 0.76 23.84
N THR D 229 -40.32 -0.43 23.72
CA THR D 229 -41.62 -0.65 23.11
C THR D 229 -41.51 -0.58 21.58
N LYS D 230 -41.15 0.58 21.04
CA LYS D 230 -41.06 0.76 19.57
C LYS D 230 -39.95 -0.08 18.93
N GLU D 231 -40.21 -0.69 17.77
CA GLU D 231 -39.18 -1.50 17.14
C GLU D 231 -38.91 -1.01 15.70
N ASP D 232 -39.48 0.15 15.37
CA ASP D 232 -39.44 0.64 14.00
C ASP D 232 -38.04 1.01 13.54
N GLY D 233 -37.18 1.42 14.47
CA GLY D 233 -35.85 1.85 14.11
C GLY D 233 -35.00 0.69 13.59
N VAL D 234 -34.90 -0.35 14.41
CA VAL D 234 -34.12 -1.50 14.02
C VAL D 234 -34.78 -2.18 12.83
N LEU D 235 -36.11 -2.25 12.79
CA LEU D 235 -36.77 -2.88 11.66
C LEU D 235 -36.43 -2.11 10.40
N SER D 236 -36.21 -0.81 10.56
CA SER D 236 -35.80 0.04 9.46
C SER D 236 -34.42 -0.34 8.98
N LEU D 237 -33.48 -0.33 9.90
CA LEU D 237 -32.10 -0.63 9.56
C LEU D 237 -32.02 -2.00 8.88
N PHE D 238 -32.75 -2.96 9.44
CA PHE D 238 -32.82 -4.30 8.92
C PHE D 238 -33.43 -4.34 7.52
N LYS D 239 -34.49 -3.57 7.31
CA LYS D 239 -35.11 -3.55 5.99
C LYS D 239 -34.09 -3.09 5.00
N ALA D 240 -33.43 -1.98 5.29
CA ALA D 240 -32.43 -1.44 4.35
C ALA D 240 -31.34 -2.45 4.00
N GLN D 241 -30.78 -3.11 5.02
CA GLN D 241 -29.72 -4.06 4.71
C GLN D 241 -30.29 -5.23 3.92
N SER D 242 -31.51 -5.65 4.28
CA SER D 242 -32.16 -6.80 3.63
C SER D 242 -32.51 -6.53 2.17
N GLU D 243 -32.89 -5.29 1.85
CA GLU D 243 -33.06 -4.91 0.46
C GLU D 243 -31.75 -4.95 -0.27
N ALA D 244 -30.68 -4.42 0.32
CA ALA D 244 -29.37 -4.49 -0.37
C ALA D 244 -29.03 -5.95 -0.69
N PHE D 245 -29.13 -6.80 0.31
CA PHE D 245 -28.87 -8.22 0.15
C PHE D 245 -29.74 -8.85 -0.91
N SER D 246 -31.03 -8.52 -0.88
CA SER D 246 -31.98 -9.17 -1.78
C SER D 246 -31.61 -8.79 -3.17
N LYS D 247 -31.43 -7.49 -3.40
CA LYS D 247 -31.08 -7.02 -4.72
C LYS D 247 -29.85 -7.73 -5.26
N ALA D 248 -28.74 -7.66 -4.53
CA ALA D 248 -27.50 -8.30 -4.99
C ALA D 248 -27.73 -9.79 -5.28
N ASN D 249 -28.60 -10.41 -4.47
CA ASN D 249 -28.97 -11.79 -4.74
C ASN D 249 -29.75 -12.02 -6.07
N ILE D 250 -30.76 -11.20 -6.36
CA ILE D 250 -31.51 -11.39 -7.60
C ILE D 250 -30.59 -11.09 -8.78
N THR D 251 -29.60 -10.22 -8.61
CA THR D 251 -28.81 -9.95 -9.83
C THR D 251 -27.66 -10.97 -9.98
N ASN D 252 -27.15 -11.51 -8.87
CA ASN D 252 -26.18 -12.56 -9.02
C ASN D 252 -26.85 -13.75 -9.73
N GLU D 253 -28.04 -14.11 -9.23
CA GLU D 253 -28.77 -15.22 -9.83
C GLU D 253 -29.16 -14.91 -11.27
N SER D 254 -29.53 -13.66 -11.53
CA SER D 254 -29.95 -13.31 -12.88
C SER D 254 -28.83 -13.44 -13.87
N VAL D 255 -27.72 -12.79 -13.55
CA VAL D 255 -26.58 -12.78 -14.44
C VAL D 255 -26.01 -14.18 -14.61
N ALA D 256 -26.13 -15.01 -13.59
CA ALA D 256 -25.57 -16.34 -13.67
C ALA D 256 -26.14 -17.11 -14.82
N ALA D 257 -27.40 -16.85 -15.17
CA ALA D 257 -28.11 -17.71 -16.10
C ALA D 257 -27.71 -17.41 -17.52
N VAL D 258 -27.23 -16.21 -17.74
CA VAL D 258 -26.96 -15.77 -19.09
C VAL D 258 -26.08 -16.73 -19.92
N PRO D 259 -24.96 -17.24 -19.38
CA PRO D 259 -24.16 -18.07 -20.28
C PRO D 259 -24.85 -19.29 -20.93
N ARG D 260 -25.68 -20.05 -20.22
CA ARG D 260 -26.29 -21.17 -20.94
C ARG D 260 -27.33 -20.67 -21.94
N ILE D 261 -28.13 -19.68 -21.54
CA ILE D 261 -29.17 -19.10 -22.41
C ILE D 261 -28.59 -18.58 -23.73
N TYR D 262 -27.51 -17.82 -23.56
CA TYR D 262 -26.69 -17.38 -24.65
C TYR D 262 -26.22 -18.55 -25.48
N LEU D 263 -25.83 -19.64 -24.84
CA LEU D 263 -25.30 -20.74 -25.64
C LEU D 263 -26.39 -21.40 -26.51
N GLU D 264 -27.56 -21.66 -25.92
CA GLU D 264 -28.73 -22.19 -26.66
C GLU D 264 -29.01 -21.34 -27.92
N GLY D 265 -29.30 -20.08 -27.63
CA GLY D 265 -29.58 -19.13 -28.69
C GLY D 265 -28.51 -19.05 -29.75
N ILE D 266 -27.23 -18.97 -29.36
CA ILE D 266 -26.22 -18.78 -30.39
C ILE D 266 -26.10 -20.03 -31.27
N GLY D 267 -26.40 -21.19 -30.68
CA GLY D 267 -26.36 -22.43 -31.43
C GLY D 267 -27.33 -22.37 -32.60
N PHE D 268 -28.60 -22.14 -32.27
CA PHE D 268 -29.61 -21.99 -33.32
C PHE D 268 -29.25 -20.90 -34.33
N CYS D 269 -28.81 -19.77 -33.83
CA CYS D 269 -28.48 -18.65 -34.68
C CYS D 269 -27.39 -19.00 -35.70
N VAL D 270 -26.29 -19.60 -35.24
CA VAL D 270 -25.19 -19.94 -36.15
C VAL D 270 -25.61 -21.02 -37.12
N LEU D 271 -26.51 -21.89 -36.70
CA LEU D 271 -27.07 -22.86 -37.64
C LEU D 271 -27.86 -22.14 -38.78
N VAL D 272 -28.82 -21.29 -38.40
CA VAL D 272 -29.55 -20.53 -39.40
C VAL D 272 -28.59 -19.77 -40.28
N PHE D 273 -27.61 -19.09 -39.70
CA PHE D 273 -26.60 -18.33 -40.44
C PHE D 273 -25.86 -19.20 -41.47
N ILE D 274 -25.49 -20.40 -41.06
CA ILE D 274 -24.84 -21.33 -41.98
C ILE D 274 -25.74 -21.69 -43.16
N VAL D 275 -27.01 -22.00 -42.91
CA VAL D 275 -27.91 -22.31 -44.02
C VAL D 275 -28.28 -21.05 -44.86
N VAL D 276 -28.49 -19.89 -44.26
CA VAL D 276 -28.81 -18.71 -45.06
C VAL D 276 -27.63 -18.16 -45.89
N PHE D 277 -26.40 -18.18 -45.39
CA PHE D 277 -25.31 -17.72 -46.26
C PHE D 277 -24.82 -18.83 -47.19
N LEU D 278 -24.88 -20.09 -46.72
CA LEU D 278 -24.39 -21.20 -47.51
C LEU D 278 -25.53 -21.93 -48.22
N VAL D 279 -26.56 -21.19 -48.59
CA VAL D 279 -27.52 -21.72 -49.53
C VAL D 279 -27.42 -20.79 -50.73
N LEU D 280 -26.64 -19.73 -50.54
CA LEU D 280 -26.29 -18.80 -51.61
C LEU D 280 -25.18 -19.31 -52.55
N LYS D 281 -24.42 -20.33 -52.13
CA LYS D 281 -23.34 -20.86 -52.96
C LYS D 281 -23.53 -22.27 -53.59
N ASN D 282 -24.47 -23.06 -53.05
CA ASN D 282 -24.73 -24.45 -53.51
C ASN D 282 -24.81 -24.60 -55.04
N GLU D 283 -24.31 -25.67 -55.69
CA GLU D 283 -23.83 -27.00 -55.22
C GLU D 283 -24.89 -27.90 -54.55
N SER D 284 -26.00 -28.12 -55.28
CA SER D 284 -27.08 -29.04 -54.91
C SER D 284 -27.71 -28.97 -53.50
N ASP D 285 -28.99 -28.63 -53.46
CA ASP D 285 -29.75 -28.53 -52.21
C ASP D 285 -29.99 -29.91 -51.61
N ILE D 286 -31.09 -30.54 -52.07
CA ILE D 286 -31.63 -31.83 -51.63
C ILE D 286 -31.29 -32.24 -50.19
N SER D 287 -30.93 -33.52 -50.01
CA SER D 287 -30.58 -34.09 -48.70
C SER D 287 -29.16 -33.70 -48.34
N GLY D 288 -28.41 -33.30 -49.36
CA GLY D 288 -27.04 -32.82 -49.21
C GLY D 288 -26.96 -31.74 -48.15
N ILE D 289 -28.03 -30.93 -48.04
CA ILE D 289 -28.05 -29.84 -47.07
C ILE D 289 -27.80 -30.41 -45.70
N LEU D 290 -28.42 -31.56 -45.37
CA LEU D 290 -28.16 -32.19 -44.07
C LEU D 290 -26.80 -32.91 -44.04
N SER D 291 -26.37 -33.42 -45.18
CA SER D 291 -25.12 -34.16 -45.23
C SER D 291 -23.96 -33.34 -44.73
N THR D 292 -23.77 -32.15 -45.28
CA THR D 292 -22.62 -31.37 -44.85
C THR D 292 -22.83 -30.76 -43.45
N ILE D 293 -24.09 -30.63 -43.03
CA ILE D 293 -24.31 -29.97 -41.73
C ILE D 293 -24.07 -30.99 -40.65
N SER D 294 -24.65 -32.17 -40.82
CA SER D 294 -24.60 -33.22 -39.83
C SER D 294 -23.16 -33.45 -39.40
N ILE D 295 -22.28 -33.64 -40.37
CA ILE D 295 -20.86 -33.81 -40.10
C ILE D 295 -20.35 -32.78 -39.10
N PHE D 296 -20.46 -31.50 -39.46
CA PHE D 296 -19.98 -30.44 -38.57
C PHE D 296 -20.58 -30.65 -37.22
N VAL D 297 -21.90 -30.81 -37.17
CA VAL D 297 -22.57 -31.01 -35.92
C VAL D 297 -21.91 -32.14 -35.18
N LEU D 298 -21.90 -33.32 -35.78
CA LEU D 298 -21.22 -34.49 -35.20
C LEU D 298 -19.82 -34.12 -34.78
N ALA D 299 -19.02 -33.64 -35.73
CA ALA D 299 -17.64 -33.30 -35.44
C ALA D 299 -17.57 -32.41 -34.23
N LEU D 300 -18.38 -31.36 -34.23
CA LEU D 300 -18.31 -30.37 -33.17
C LEU D 300 -18.58 -31.02 -31.84
N TYR D 301 -19.64 -31.83 -31.76
CA TYR D 301 -19.91 -32.46 -30.46
C TYR D 301 -18.80 -33.42 -30.07
N ARG D 302 -18.26 -34.17 -31.01
CA ARG D 302 -17.18 -35.10 -30.65
C ARG D 302 -15.96 -34.32 -30.20
N LEU D 303 -15.80 -33.12 -30.74
CA LEU D 303 -14.64 -32.32 -30.42
C LEU D 303 -14.80 -31.70 -29.05
N MET D 304 -16.04 -31.65 -28.55
CA MET D 304 -16.27 -31.04 -27.25
C MET D 304 -15.50 -31.79 -26.14
N PRO D 305 -15.68 -33.13 -26.04
CA PRO D 305 -14.89 -33.86 -25.05
C PRO D 305 -13.41 -33.81 -25.34
N SER D 306 -13.06 -33.84 -26.61
CA SER D 306 -11.67 -33.81 -27.01
C SER D 306 -10.99 -32.65 -26.35
N ALA D 307 -11.68 -31.52 -26.33
CA ALA D 307 -11.17 -30.35 -25.64
C ALA D 307 -10.94 -30.65 -24.18
N ASN D 308 -12.03 -31.03 -23.53
CA ASN D 308 -12.00 -31.25 -22.10
C ASN D 308 -10.91 -32.23 -21.64
N ARG D 309 -10.92 -33.42 -22.22
CA ARG D 309 -9.90 -34.42 -21.94
C ARG D 309 -8.51 -33.85 -22.18
N ILE D 310 -8.36 -33.08 -23.24
CA ILE D 310 -7.07 -32.51 -23.54
C ILE D 310 -6.70 -31.47 -22.50
N ILE D 311 -7.67 -30.67 -22.08
CA ILE D 311 -7.39 -29.72 -21.00
C ILE D 311 -7.08 -30.45 -19.70
N THR D 312 -8.07 -31.20 -19.22
CA THR D 312 -7.98 -31.93 -17.96
C THR D 312 -6.68 -32.70 -17.80
N SER D 313 -6.45 -33.59 -18.75
CA SER D 313 -5.29 -34.45 -18.72
C SER D 313 -3.99 -33.65 -18.78
N TYR D 314 -3.99 -32.53 -19.49
CA TYR D 314 -2.80 -31.66 -19.53
C TYR D 314 -2.47 -31.15 -18.15
N HIS D 315 -3.52 -30.73 -17.43
CA HIS D 315 -3.35 -30.28 -16.08
C HIS D 315 -2.72 -31.38 -15.26
N ASP D 316 -3.09 -32.63 -15.57
CA ASP D 316 -2.55 -33.75 -14.81
C ASP D 316 -1.07 -33.96 -15.08
N LEU D 317 -0.61 -33.58 -16.25
CA LEU D 317 0.81 -33.69 -16.48
C LEU D 317 1.50 -32.52 -15.80
N LEU D 318 0.75 -31.47 -15.51
CA LEU D 318 1.34 -30.36 -14.77
C LEU D 318 1.46 -30.67 -13.28
N TYR D 319 0.31 -30.77 -12.62
CA TYR D 319 0.20 -30.92 -11.18
C TYR D 319 1.02 -32.13 -10.68
N TYR D 320 0.97 -33.25 -11.41
CA TYR D 320 1.76 -34.44 -11.10
C TYR D 320 3.13 -34.44 -11.79
N HIS D 321 3.40 -35.50 -12.52
CA HIS D 321 4.55 -35.61 -13.44
C HIS D 321 5.85 -35.09 -12.89
N SER D 322 6.17 -33.90 -13.38
CA SER D 322 7.41 -33.21 -13.08
C SER D 322 7.93 -33.44 -11.64
N SER D 323 7.21 -32.87 -10.67
CA SER D 323 7.62 -32.91 -9.27
C SER D 323 7.85 -34.34 -8.86
N LEU D 324 7.00 -35.20 -9.39
CA LEU D 324 6.96 -36.60 -9.04
C LEU D 324 8.01 -37.48 -9.66
N ASN D 325 8.34 -37.26 -10.93
CA ASN D 325 9.18 -38.26 -11.61
C ASN D 325 10.52 -38.37 -10.88
N ILE D 326 11.06 -37.22 -10.49
CA ILE D 326 12.32 -37.15 -9.77
C ILE D 326 12.21 -37.95 -8.50
N ILE D 327 11.09 -37.75 -7.79
CA ILE D 327 10.86 -38.42 -6.50
C ILE D 327 10.79 -39.95 -6.61
N TYR D 328 11.24 -40.50 -7.72
CA TYR D 328 11.47 -41.95 -7.75
C TYR D 328 12.88 -42.27 -7.93
N GLN D 329 13.49 -41.64 -8.93
CA GLN D 329 14.91 -41.69 -9.04
C GLN D 329 15.49 -41.36 -7.65
N ASN D 330 15.21 -40.15 -7.16
CA ASN D 330 15.73 -39.76 -5.87
C ASN D 330 15.04 -40.47 -4.71
N LEU D 331 14.40 -41.60 -5.01
CA LEU D 331 13.83 -42.49 -3.98
C LEU D 331 14.08 -43.97 -4.23
N ARG D 332 14.72 -44.33 -5.34
CA ARG D 332 14.90 -45.76 -5.59
C ARG D 332 16.27 -46.04 -6.13
N GLN D 333 17.03 -44.98 -6.31
CA GLN D 333 18.46 -45.11 -6.42
C GLN D 333 18.97 -44.96 -4.99
N GLU D 334 18.01 -44.86 -4.08
CA GLU D 334 18.23 -44.91 -2.65
C GLU D 334 19.14 -46.07 -2.29
N GLU D 335 20.02 -45.82 -1.33
CA GLU D 335 21.07 -46.75 -0.90
C GLU D 335 20.61 -47.61 0.26
N GLU D 336 21.10 -48.84 0.33
CA GLU D 336 20.60 -49.76 1.38
C GLU D 336 21.63 -49.93 2.51
N ASN D 337 21.40 -50.83 3.47
CA ASN D 337 22.38 -51.09 4.54
C ASN D 337 23.62 -51.82 3.94
N LEU D 338 24.28 -52.69 4.71
CA LEU D 338 25.39 -53.52 4.18
C LEU D 338 25.71 -54.73 5.09
N GLY D 339 26.75 -55.50 4.73
CA GLY D 339 27.37 -56.47 5.62
C GLY D 339 27.10 -57.96 5.40
N GLU D 340 28.03 -58.83 5.79
CA GLU D 340 27.92 -60.29 5.61
C GLU D 340 29.07 -61.11 6.24
N GLY D 341 28.75 -62.13 7.04
CA GLY D 341 29.75 -62.82 7.84
C GLY D 341 29.45 -62.79 9.33
N LYS D 342 29.77 -63.87 10.05
CA LYS D 342 29.13 -64.21 11.32
C LYS D 342 29.81 -63.74 12.63
N LEU D 343 29.20 -64.14 13.76
CA LEU D 343 29.52 -63.58 15.09
C LEU D 343 28.88 -64.37 16.27
N SER D 344 29.70 -64.75 17.25
CA SER D 344 29.26 -65.65 18.31
C SER D 344 29.10 -64.99 19.68
N PHE D 345 28.10 -65.45 20.44
CA PHE D 345 27.73 -64.82 21.72
C PHE D 345 27.68 -65.78 22.92
N ASN D 346 28.79 -65.94 23.63
CA ASN D 346 28.89 -66.96 24.68
C ASN D 346 29.31 -66.43 26.05
N GLN D 347 29.91 -65.25 26.06
CA GLN D 347 30.37 -64.66 27.29
C GLN D 347 29.64 -63.36 27.60
N GLU D 348 30.15 -62.25 27.08
CA GLU D 348 29.58 -60.96 27.41
C GLU D 348 29.39 -60.06 26.20
N LEU D 349 28.36 -59.22 26.29
CA LEU D 349 28.20 -58.07 25.43
C LEU D 349 28.86 -56.93 26.16
N LYS D 350 30.01 -56.46 25.71
CA LYS D 350 30.68 -55.31 26.35
C LYS D 350 30.28 -54.06 25.63
N ILE D 351 30.14 -52.92 26.30
CA ILE D 351 29.69 -51.76 25.56
C ILE D 351 30.83 -50.79 25.18
N CYS D 352 31.42 -50.12 26.15
CA CYS D 352 32.67 -49.34 25.92
C CYS D 352 32.49 -47.98 25.24
N ASN D 353 32.40 -46.92 26.04
CA ASN D 353 32.51 -45.54 25.55
C ASN D 353 31.53 -45.18 24.47
N LEU D 354 30.28 -45.54 24.71
CA LEU D 354 29.28 -45.56 23.68
C LEU D 354 29.03 -44.27 22.91
N SER D 355 28.60 -43.20 23.59
CA SER D 355 28.24 -41.92 22.88
C SER D 355 27.40 -41.99 21.58
N PHE D 356 26.13 -41.58 21.65
CA PHE D 356 25.35 -41.51 20.42
C PHE D 356 24.51 -40.27 20.32
N GLY D 357 24.38 -39.77 19.10
CA GLY D 357 23.43 -38.72 18.83
C GLY D 357 22.73 -39.05 17.54
N TYR D 358 21.46 -38.66 17.43
CA TYR D 358 20.77 -38.70 16.16
C TYR D 358 21.32 -37.60 15.26
N GLU D 359 21.10 -37.71 13.96
CA GLU D 359 21.79 -36.86 12.99
C GLU D 359 21.79 -35.37 13.27
N GLY D 360 20.88 -34.87 14.10
CA GLY D 360 20.79 -33.46 14.44
C GLY D 360 22.13 -32.91 14.94
N LYS D 361 22.49 -32.98 16.22
CA LYS D 361 21.70 -33.23 17.44
C LYS D 361 22.77 -33.56 18.49
N LYS D 362 22.84 -32.76 19.55
CA LYS D 362 23.73 -33.06 20.67
C LYS D 362 23.53 -34.52 21.12
N TYR D 363 24.60 -35.16 21.62
CA TYR D 363 24.52 -36.56 22.02
C TYR D 363 23.49 -36.82 23.14
N LEU D 364 23.00 -38.04 23.21
CA LEU D 364 22.18 -38.40 24.34
C LEU D 364 23.07 -39.02 25.41
N PHE D 365 24.25 -39.51 25.05
CA PHE D 365 25.08 -40.18 26.05
C PHE D 365 26.41 -39.51 26.29
N LYS D 366 27.34 -39.69 25.35
CA LYS D 366 28.80 -39.50 25.59
C LYS D 366 29.39 -40.42 26.69
N ASN D 367 30.14 -41.42 26.22
CA ASN D 367 30.92 -42.37 27.03
C ASN D 367 30.15 -43.30 27.95
N LEU D 368 28.96 -43.69 27.52
CA LEU D 368 28.20 -44.75 28.17
C LEU D 368 29.12 -45.96 28.24
N ASN D 369 29.08 -46.70 29.33
CA ASN D 369 29.98 -47.83 29.55
C ASN D 369 29.23 -48.85 30.38
N LEU D 370 29.06 -50.07 29.88
CA LEU D 370 28.43 -51.13 30.68
C LEU D 370 28.71 -52.45 30.04
N ASN D 371 28.46 -53.55 30.75
CA ASN D 371 28.39 -54.79 30.00
C ASN D 371 27.43 -55.79 30.60
N ILE D 372 27.03 -56.71 29.75
CA ILE D 372 25.98 -57.66 30.02
C ILE D 372 26.55 -59.07 29.93
N LYS D 373 26.58 -59.77 31.05
CA LYS D 373 26.97 -61.18 31.01
C LYS D 373 25.86 -61.92 30.29
N LYS D 374 26.22 -62.95 29.52
CA LYS D 374 25.24 -63.76 28.83
C LYS D 374 24.22 -64.37 29.79
N GLY D 375 22.98 -63.95 29.70
CA GLY D 375 21.93 -64.51 30.53
C GLY D 375 21.43 -63.47 31.52
N GLU D 376 21.99 -62.28 31.46
CA GLU D 376 21.95 -61.41 32.60
C GLU D 376 20.59 -60.85 32.98
N LYS D 377 19.64 -60.75 32.05
CA LYS D 377 18.37 -60.11 32.42
C LYS D 377 18.54 -58.74 33.10
N ILE D 378 18.76 -57.70 32.30
CA ILE D 378 18.93 -56.36 32.86
C ILE D 378 17.78 -55.47 32.46
N ALA D 379 17.63 -54.32 33.11
CA ALA D 379 16.56 -53.39 32.76
C ALA D 379 17.08 -51.94 32.68
N PHE D 380 16.52 -51.14 31.79
CA PHE D 380 16.88 -49.75 31.73
C PHE D 380 15.72 -48.88 32.23
N ILE D 381 15.86 -48.49 33.48
CA ILE D 381 15.08 -47.48 34.17
C ILE D 381 15.42 -46.12 33.63
N GLY D 382 14.43 -45.27 33.41
CA GLY D 382 14.80 -43.94 32.97
C GLY D 382 13.71 -42.92 32.83
N GLU D 383 14.08 -41.68 32.57
CA GLU D 383 13.08 -40.63 32.60
C GLU D 383 12.48 -40.42 31.22
N SER D 384 12.42 -41.51 30.47
CA SER D 384 11.63 -41.63 29.23
C SER D 384 11.90 -40.55 28.19
N GLY D 385 12.68 -40.90 27.18
CA GLY D 385 13.21 -39.91 26.27
C GLY D 385 14.50 -39.35 26.84
N CYS D 386 15.03 -40.01 27.85
CA CYS D 386 16.35 -39.66 28.34
C CYS D 386 17.38 -40.35 27.47
N GLY D 387 16.92 -41.34 26.71
CA GLY D 387 17.78 -42.02 25.75
C GLY D 387 17.81 -43.54 25.83
N LYS D 388 17.12 -44.13 26.80
CA LYS D 388 17.24 -45.57 27.05
C LYS D 388 16.81 -46.43 25.88
N SER D 389 15.77 -45.98 25.17
CA SER D 389 15.31 -46.72 24.01
C SER D 389 16.37 -46.74 22.94
N THR D 390 16.90 -45.56 22.63
CA THR D 390 18.07 -45.38 21.77
C THR D 390 19.28 -46.22 22.21
N LEU D 391 19.55 -46.24 23.51
CA LEU D 391 20.66 -47.02 24.02
C LEU D 391 20.47 -48.45 23.56
N VAL D 392 19.29 -49.01 23.88
CA VAL D 392 19.01 -50.39 23.51
C VAL D 392 19.16 -50.53 22.00
N ASP D 393 18.66 -49.55 21.25
CA ASP D 393 18.78 -49.56 19.79
C ASP D 393 20.22 -49.64 19.32
N LEU D 394 21.16 -49.16 20.12
CA LEU D 394 22.60 -49.32 19.83
C LEU D 394 23.13 -50.67 20.29
N ILE D 395 22.74 -51.08 21.50
CA ILE D 395 23.14 -52.36 22.09
C ILE D 395 22.70 -53.52 21.22
N ILE D 396 21.47 -53.46 20.72
CA ILE D 396 21.03 -54.39 19.69
C ILE D 396 21.64 -53.89 18.38
N GLY D 397 21.32 -54.52 17.27
CA GLY D 397 22.03 -54.18 16.04
C GLY D 397 21.97 -52.78 15.46
N LEU D 398 20.76 -52.24 15.38
CA LEU D 398 20.40 -50.98 14.68
C LEU D 398 21.21 -49.82 15.19
N LEU D 399 21.24 -48.67 14.51
CA LEU D 399 22.02 -47.48 15.01
C LEU D 399 23.55 -47.65 15.15
N LYS D 400 24.30 -46.84 14.41
CA LYS D 400 25.75 -46.89 14.48
C LYS D 400 26.19 -45.96 15.59
N PRO D 401 26.95 -46.49 16.57
CA PRO D 401 27.42 -45.65 17.68
C PRO D 401 28.28 -44.52 17.18
N LYS D 402 28.07 -43.33 17.71
CA LYS D 402 28.82 -42.15 17.31
C LYS D 402 30.24 -42.26 17.78
N GLU D 403 30.45 -43.00 18.89
CA GLU D 403 31.78 -43.12 19.50
C GLU D 403 32.13 -44.44 20.13
N GLY D 404 31.16 -45.29 20.44
CA GLY D 404 31.54 -46.50 21.16
C GLY D 404 32.13 -47.69 20.43
N GLN D 405 32.00 -48.87 21.03
CA GLN D 405 32.34 -50.09 20.34
C GLN D 405 31.27 -51.16 20.30
N ILE D 406 30.85 -51.64 21.47
CA ILE D 406 30.04 -52.87 21.56
C ILE D 406 30.76 -54.10 21.02
N LEU D 407 31.33 -54.87 21.95
CA LEU D 407 32.01 -56.11 21.60
C LEU D 407 31.15 -57.30 22.00
N ILE D 408 31.17 -58.32 21.17
CA ILE D 408 30.48 -59.56 21.50
C ILE D 408 31.52 -60.68 21.60
N ASP D 409 31.85 -61.04 22.84
CA ASP D 409 32.99 -61.91 23.13
C ASP D 409 34.24 -61.25 22.56
N LYS D 410 34.53 -60.03 23.02
CA LYS D 410 35.74 -59.28 22.64
C LYS D 410 35.87 -58.96 21.16
N GLN D 411 34.84 -59.32 20.36
CA GLN D 411 34.83 -59.04 18.93
C GLN D 411 33.89 -57.91 18.54
N GLU D 412 34.40 -56.97 17.77
CA GLU D 412 33.66 -55.77 17.42
C GLU D 412 32.45 -56.03 16.53
N LEU D 413 31.31 -55.47 16.93
CA LEU D 413 30.10 -55.47 16.12
C LEU D 413 30.19 -54.36 15.11
N ASN D 414 30.01 -54.67 13.83
CA ASN D 414 30.04 -53.65 12.78
C ASN D 414 29.28 -54.07 11.53
N ALA D 415 29.48 -53.31 10.44
CA ALA D 415 28.74 -53.57 9.20
C ALA D 415 28.83 -55.03 8.78
N SER D 416 30.02 -55.63 8.90
CA SER D 416 30.17 -57.00 8.40
C SER D 416 29.31 -58.05 9.15
N ASN D 417 29.21 -57.97 10.47
CA ASN D 417 28.47 -59.02 11.21
C ASN D 417 27.09 -58.60 11.73
N ALA D 418 26.73 -57.34 11.52
CA ALA D 418 25.53 -56.78 12.08
C ALA D 418 24.30 -57.57 11.69
N LYS D 419 24.27 -58.06 10.46
CA LYS D 419 23.19 -58.95 10.06
C LYS D 419 23.07 -60.13 11.05
N ASN D 420 24.18 -60.82 11.28
CA ASN D 420 24.16 -62.02 12.12
C ASN D 420 23.88 -61.72 13.59
N TYR D 421 24.21 -60.51 14.03
CA TYR D 421 23.94 -60.09 15.41
C TYR D 421 22.46 -59.75 15.55
N ARG D 422 21.98 -58.90 14.65
CA ARG D 422 20.57 -58.57 14.57
C ARG D 422 19.73 -59.83 14.57
N GLN D 423 20.25 -60.84 13.89
CA GLN D 423 19.56 -62.12 13.71
C GLN D 423 19.26 -62.81 15.03
N LYS D 424 19.99 -62.48 16.09
CA LYS D 424 19.80 -63.21 17.34
C LYS D 424 19.07 -62.44 18.43
N ILE D 425 18.23 -61.47 18.08
CA ILE D 425 17.38 -60.88 19.10
C ILE D 425 15.89 -60.86 18.81
N GLY D 426 15.09 -61.42 19.74
CA GLY D 426 13.63 -61.33 19.68
C GLY D 426 13.19 -59.95 20.12
N TYR D 427 11.93 -59.57 19.97
CA TYR D 427 11.65 -58.17 20.21
C TYR D 427 10.51 -57.78 21.13
N ILE D 428 9.33 -58.35 21.00
CA ILE D 428 8.27 -58.12 22.02
C ILE D 428 8.02 -56.65 22.43
N PRO D 429 7.23 -55.90 21.63
CA PRO D 429 6.98 -54.48 21.87
C PRO D 429 5.82 -54.04 22.80
N GLN D 430 5.18 -54.94 23.54
CA GLN D 430 4.09 -54.57 24.46
C GLN D 430 2.93 -53.84 23.78
N ASN D 431 3.16 -52.68 23.15
CA ASN D 431 2.13 -52.10 22.26
C ASN D 431 2.39 -52.55 20.81
N ILE D 432 1.70 -53.60 20.43
CA ILE D 432 2.10 -54.36 19.28
C ILE D 432 1.18 -54.10 18.11
N TYR D 433 1.75 -54.14 16.91
CA TYR D 433 0.96 -54.02 15.70
C TYR D 433 0.88 -55.36 15.00
N LEU D 434 -0.26 -56.01 15.05
CA LEU D 434 -0.44 -57.20 14.25
C LEU D 434 -1.05 -56.77 12.93
N PHE D 435 -0.98 -57.60 11.90
CA PHE D 435 -1.72 -57.31 10.68
C PHE D 435 -2.83 -58.32 10.51
N ASN D 436 -3.79 -57.95 9.68
CA ASN D 436 -5.02 -58.71 9.54
C ASN D 436 -4.82 -60.06 8.90
N ASP D 437 -4.49 -61.06 9.72
CA ASP D 437 -4.27 -62.38 9.20
C ASP D 437 -4.25 -63.45 10.30
N SER D 438 -3.94 -64.66 9.87
CA SER D 438 -4.19 -65.88 10.60
C SER D 438 -3.22 -66.17 11.71
N ILE D 439 -3.24 -65.41 12.81
CA ILE D 439 -2.39 -65.67 14.00
C ILE D 439 -1.01 -66.35 13.74
N ALA D 440 -1.04 -67.57 13.16
CA ALA D 440 0.16 -68.30 12.67
C ALA D 440 1.04 -67.35 11.92
N LYS D 441 0.48 -66.74 10.91
CA LYS D 441 0.92 -65.43 10.52
C LYS D 441 -0.17 -64.52 11.12
N ASN D 442 0.12 -63.64 12.09
CA ASN D 442 1.42 -63.08 12.41
C ASN D 442 2.57 -63.98 12.85
N ILE D 443 2.56 -64.40 14.12
CA ILE D 443 3.67 -65.16 14.74
C ILE D 443 4.90 -65.51 13.86
N THR D 444 4.67 -66.09 12.69
CA THR D 444 5.77 -66.39 11.77
C THR D 444 6.28 -65.16 11.03
N PHE D 445 5.48 -64.10 11.03
CA PHE D 445 5.77 -62.83 10.35
C PHE D 445 5.78 -63.07 8.88
N GLY D 446 4.86 -63.91 8.40
CA GLY D 446 4.81 -64.28 7.00
C GLY D 446 5.48 -65.63 6.72
N ASP D 447 6.76 -65.75 7.07
CA ASP D 447 7.60 -66.90 6.69
C ASP D 447 7.00 -68.31 6.76
N ALA D 448 6.18 -68.67 5.79
CA ALA D 448 5.55 -69.98 5.77
C ALA D 448 4.88 -70.25 7.11
N VAL D 449 5.02 -71.50 7.55
CA VAL D 449 4.80 -71.84 8.94
C VAL D 449 5.92 -72.79 9.19
N ASP D 450 5.83 -73.50 10.32
CA ASP D 450 6.80 -74.50 10.66
C ASP D 450 6.09 -75.50 11.56
N GLU D 451 4.77 -75.30 11.69
CA GLU D 451 3.88 -76.04 12.60
C GLU D 451 4.56 -76.39 13.91
N GLU D 452 5.56 -77.24 13.82
CA GLU D 452 6.36 -77.60 14.98
C GLU D 452 6.96 -76.38 15.70
N LYS D 453 7.74 -75.57 15.00
CA LYS D 453 8.29 -74.38 15.64
C LYS D 453 7.16 -73.46 16.06
N LEU D 454 6.13 -73.36 15.21
CA LEU D 454 4.97 -72.54 15.53
C LEU D 454 4.26 -73.03 16.79
N ASN D 455 4.01 -74.33 16.86
CA ASN D 455 3.33 -74.91 18.02
C ASN D 455 4.15 -74.79 19.30
N LYS D 456 5.44 -75.12 19.22
CA LYS D 456 6.33 -75.06 20.38
C LYS D 456 6.41 -73.66 20.89
N VAL D 457 6.45 -72.70 19.97
CA VAL D 457 6.43 -71.31 20.34
C VAL D 457 5.11 -70.88 20.98
N ILE D 458 3.98 -71.33 20.44
CA ILE D 458 2.69 -70.99 21.03
C ILE D 458 2.60 -71.60 22.43
N LYS D 459 3.14 -72.80 22.57
CA LYS D 459 3.16 -73.51 23.83
C LYS D 459 3.99 -72.74 24.86
N GLN D 460 5.18 -72.30 24.45
CA GLN D 460 6.06 -71.48 25.29
C GLN D 460 5.38 -70.20 25.76
N ALA D 461 4.72 -69.52 24.84
CA ALA D 461 4.09 -68.24 25.17
C ALA D 461 2.73 -68.48 25.77
N ASN D 462 2.50 -69.72 26.21
CA ASN D 462 1.23 -70.20 26.75
C ASN D 462 0.03 -69.48 26.13
N LEU D 463 -0.20 -69.83 24.87
CA LEU D 463 -1.34 -69.40 24.08
C LEU D 463 -2.18 -70.63 23.80
N GLU D 464 -1.73 -71.75 24.33
CA GLU D 464 -2.33 -73.07 24.09
C GLU D 464 -3.82 -73.15 24.47
N HIS D 465 -4.17 -72.56 25.61
CA HIS D 465 -5.56 -72.56 26.05
C HIS D 465 -6.41 -71.57 25.25
N PHE D 466 -5.74 -70.80 24.42
CA PHE D 466 -6.42 -69.83 23.57
C PHE D 466 -6.63 -70.41 22.19
N ILE D 467 -5.62 -71.07 21.64
CA ILE D 467 -5.72 -71.60 20.28
C ILE D 467 -6.54 -72.89 20.28
N LYS D 468 -6.81 -73.42 21.46
CA LYS D 468 -7.72 -74.54 21.57
C LYS D 468 -9.16 -74.06 21.52
N ASN D 469 -9.46 -72.96 22.21
CA ASN D 469 -10.82 -72.44 22.26
C ASN D 469 -11.20 -71.50 21.12
N LEU D 470 -10.45 -71.56 20.03
CA LEU D 470 -10.79 -70.77 18.86
C LEU D 470 -11.33 -71.68 17.75
N PRO D 471 -12.37 -71.21 17.04
CA PRO D 471 -12.97 -71.97 15.94
C PRO D 471 -11.94 -72.37 14.87
N GLN D 472 -11.42 -71.42 14.11
CA GLN D 472 -10.39 -71.72 13.12
C GLN D 472 -9.10 -72.18 13.77
N GLY D 473 -8.90 -71.78 15.02
CA GLY D 473 -7.73 -72.18 15.78
C GLY D 473 -6.53 -71.32 15.46
N VAL D 474 -5.47 -71.93 14.95
CA VAL D 474 -4.25 -71.16 14.66
C VAL D 474 -4.41 -70.29 13.43
N GLN D 475 -5.51 -70.51 12.70
CA GLN D 475 -5.77 -69.84 11.43
C GLN D 475 -6.84 -68.73 11.52
N THR D 476 -7.20 -68.36 12.74
CA THR D 476 -8.15 -67.28 12.96
C THR D 476 -7.57 -65.93 12.51
N LYS D 477 -8.25 -65.20 11.63
CA LYS D 477 -7.79 -63.85 11.33
C LYS D 477 -7.96 -63.03 12.58
N VAL D 478 -6.98 -62.16 12.86
CA VAL D 478 -6.99 -61.35 14.05
C VAL D 478 -7.61 -59.98 13.85
N GLY D 479 -8.23 -59.76 12.70
CA GLY D 479 -9.08 -58.60 12.49
C GLY D 479 -8.40 -57.26 12.20
N ASP D 480 -7.15 -57.16 12.63
CA ASP D 480 -6.33 -55.96 12.55
C ASP D 480 -5.33 -56.21 13.66
N GLY D 481 -5.13 -55.23 14.53
CA GLY D 481 -4.42 -55.54 15.74
C GLY D 481 -5.38 -56.45 16.49
N GLY D 482 -6.67 -56.17 16.36
CA GLY D 482 -7.66 -56.82 17.18
C GLY D 482 -8.41 -55.61 17.69
N SER D 483 -9.71 -55.45 17.46
CA SER D 483 -10.65 -56.42 16.90
C SER D 483 -10.67 -57.74 17.68
N ASN D 484 -10.39 -58.84 17.01
CA ASN D 484 -10.61 -60.16 17.57
C ASN D 484 -9.83 -60.44 18.87
N LEU D 485 -8.82 -59.63 19.13
CA LEU D 485 -7.87 -59.88 20.21
C LEU D 485 -7.88 -58.85 21.32
N SER D 486 -7.63 -59.32 22.55
CA SER D 486 -7.45 -58.43 23.70
C SER D 486 -6.00 -58.41 24.12
N GLY D 487 -5.62 -57.30 24.76
CA GLY D 487 -4.23 -56.99 25.09
C GLY D 487 -3.36 -58.16 25.49
N GLY D 488 -3.90 -59.01 26.37
CA GLY D 488 -3.18 -60.16 26.84
C GLY D 488 -2.83 -61.06 25.68
N GLN D 489 -3.81 -61.35 24.82
CA GLN D 489 -3.56 -62.23 23.68
C GLN D 489 -2.63 -61.58 22.67
N LYS D 490 -2.84 -60.29 22.37
CA LYS D 490 -1.93 -59.56 21.50
C LYS D 490 -0.51 -59.76 21.98
N GLN D 491 -0.29 -59.44 23.25
CA GLN D 491 1.02 -59.53 23.89
C GLN D 491 1.65 -60.89 23.82
N ARG D 492 0.87 -61.90 24.12
CA ARG D 492 1.39 -63.25 24.09
C ARG D 492 1.70 -63.63 22.65
N ILE D 493 0.90 -63.14 21.74
CA ILE D 493 1.14 -63.37 20.33
C ILE D 493 2.43 -62.71 19.89
N ALA D 494 2.72 -61.50 20.37
CA ALA D 494 3.97 -60.84 20.05
C ALA D 494 5.14 -61.59 20.64
N ILE D 495 4.99 -62.01 21.90
CA ILE D 495 6.00 -62.82 22.55
C ILE D 495 6.27 -64.08 21.73
N ALA D 496 5.21 -64.65 21.18
CA ALA D 496 5.30 -65.87 20.38
C ALA D 496 6.09 -65.60 19.11
N ARG D 497 5.66 -64.56 18.41
CA ARG D 497 6.30 -64.07 17.20
C ARG D 497 7.81 -63.97 17.45
N ALA D 498 8.18 -63.42 18.61
CA ALA D 498 9.60 -63.27 18.98
C ALA D 498 10.25 -64.62 19.18
N LEU D 499 9.57 -65.49 19.89
CA LEU D 499 10.11 -66.82 20.13
C LEU D 499 10.20 -67.68 18.87
N TYR D 500 9.55 -67.28 17.77
CA TYR D 500 9.60 -68.07 16.54
C TYR D 500 10.94 -67.85 15.86
N LEU D 501 11.52 -66.65 16.01
CA LEU D 501 12.89 -66.42 15.56
C LEU D 501 13.82 -67.19 16.48
N GLU D 502 13.29 -67.45 17.66
CA GLU D 502 13.94 -68.12 18.78
C GLU D 502 14.87 -67.12 19.50
N PRO D 503 16.20 -67.32 19.38
CA PRO D 503 17.04 -66.98 20.52
C PRO D 503 17.42 -65.49 20.45
N GLU D 504 18.47 -64.99 21.10
CA GLU D 504 19.15 -65.51 22.27
C GLU D 504 19.07 -64.36 23.24
N ILE D 505 18.76 -63.20 22.70
CA ILE D 505 18.53 -61.98 23.46
C ILE D 505 17.09 -61.55 23.29
N LEU D 506 16.31 -61.44 24.36
CA LEU D 506 14.95 -60.91 24.26
C LEU D 506 14.96 -59.43 24.64
N VAL D 507 14.52 -58.54 23.76
CA VAL D 507 14.22 -57.18 24.21
C VAL D 507 12.76 -57.09 24.58
N LEU D 508 12.43 -56.36 25.62
CA LEU D 508 11.03 -56.13 25.89
C LEU D 508 10.88 -54.63 25.99
N ASP D 509 10.28 -54.03 24.98
CA ASP D 509 10.12 -52.58 24.92
C ASP D 509 8.76 -52.30 25.43
N GLN D 510 8.63 -52.18 26.74
CA GLN D 510 7.31 -52.00 27.30
C GLN D 510 6.79 -50.59 27.08
N ALA D 511 5.50 -50.53 26.77
CA ALA D 511 4.79 -49.28 26.49
C ALA D 511 4.46 -48.61 27.77
N THR D 512 3.99 -47.37 27.65
CA THR D 512 3.59 -46.57 28.81
C THR D 512 2.10 -46.74 29.18
N SER D 513 1.84 -47.05 30.45
CA SER D 513 0.49 -47.29 31.00
C SER D 513 -0.08 -48.63 30.52
N ALA D 514 -0.82 -49.31 31.40
CA ALA D 514 -1.41 -50.60 31.02
C ALA D 514 -2.84 -50.80 31.54
N LEU D 515 -3.18 -50.21 32.68
CA LEU D 515 -4.53 -50.29 33.27
C LEU D 515 -5.08 -51.73 33.38
N ASP D 516 -4.16 -52.69 33.34
CA ASP D 516 -4.47 -54.10 33.54
C ASP D 516 -3.28 -54.70 34.27
N THR D 517 -2.95 -54.11 35.41
CA THR D 517 -1.73 -54.44 36.15
C THR D 517 -1.64 -55.94 36.43
N GLN D 518 -2.77 -56.55 36.75
CA GLN D 518 -2.88 -57.97 37.04
C GLN D 518 -2.28 -58.79 35.89
N SER D 519 -2.75 -58.48 34.66
CA SER D 519 -2.37 -59.19 33.45
C SER D 519 -0.91 -58.89 33.15
N GLU D 520 -0.52 -57.64 33.33
CA GLU D 520 0.87 -57.24 33.06
C GLU D 520 1.81 -58.00 33.97
N ALA D 521 1.38 -58.19 35.21
CA ALA D 521 2.12 -58.96 36.18
C ALA D 521 2.24 -60.39 35.71
N LYS D 522 1.12 -60.97 35.29
CA LYS D 522 1.18 -62.36 34.84
C LYS D 522 2.11 -62.52 33.65
N ILE D 523 1.94 -61.67 32.64
CA ILE D 523 2.75 -61.76 31.44
C ILE D 523 4.20 -61.54 31.81
N MET D 524 4.45 -60.65 32.74
CA MET D 524 5.81 -60.47 33.21
C MET D 524 6.38 -61.76 33.77
N ASP D 525 5.59 -62.45 34.58
CA ASP D 525 6.04 -63.71 35.17
C ASP D 525 6.36 -64.73 34.09
N GLU D 526 5.47 -64.80 33.11
CA GLU D 526 5.64 -65.72 32.01
C GLU D 526 6.90 -65.43 31.23
N ILE D 527 7.09 -64.15 30.94
CA ILE D 527 8.25 -63.69 30.18
C ILE D 527 9.51 -64.05 30.92
N TYR D 528 9.51 -63.88 32.24
CA TYR D 528 10.67 -64.27 33.00
C TYR D 528 10.92 -65.76 32.89
N LYS D 529 9.86 -66.55 32.92
CA LYS D 529 10.03 -67.99 32.76
C LYS D 529 10.65 -68.28 31.39
N ILE D 530 10.11 -67.68 30.33
CA ILE D 530 10.57 -68.02 28.99
C ILE D 530 11.88 -67.34 28.66
N SER D 531 12.40 -66.53 29.58
CA SER D 531 13.71 -65.95 29.37
C SER D 531 14.72 -66.69 30.24
N LYS D 532 14.39 -67.92 30.64
CA LYS D 532 15.29 -68.66 31.50
C LYS D 532 16.59 -68.99 30.78
N ASP D 533 16.48 -69.61 29.60
CA ASP D 533 17.65 -70.01 28.84
C ASP D 533 18.20 -68.89 27.97
N LYS D 534 17.57 -67.73 28.02
CA LYS D 534 17.98 -66.63 27.17
C LYS D 534 18.52 -65.49 27.98
N THR D 535 18.99 -64.46 27.30
CA THR D 535 19.43 -63.24 27.99
C THR D 535 18.50 -62.13 27.58
N MET D 536 18.18 -61.23 28.50
CA MET D 536 17.10 -60.28 28.26
C MET D 536 17.35 -58.83 28.65
N ILE D 537 17.00 -57.94 27.74
CA ILE D 537 17.03 -56.52 27.99
C ILE D 537 15.62 -56.00 28.10
N ILE D 538 15.33 -55.21 29.12
CA ILE D 538 14.01 -54.60 29.29
C ILE D 538 14.02 -53.08 29.19
N ILE D 539 13.33 -52.51 28.22
CA ILE D 539 13.26 -51.05 28.19
C ILE D 539 12.12 -50.67 29.14
N ALA D 540 12.42 -50.73 30.44
CA ALA D 540 11.43 -50.67 31.50
C ALA D 540 10.82 -49.30 31.69
N HIS D 541 9.51 -49.24 31.78
CA HIS D 541 8.86 -47.95 31.94
C HIS D 541 8.27 -47.78 33.31
N ARG D 542 8.28 -48.86 34.08
CA ARG D 542 7.73 -48.75 35.40
C ARG D 542 8.77 -48.93 36.50
N LEU D 543 8.97 -50.19 36.87
CA LEU D 543 9.54 -50.70 38.13
C LEU D 543 8.57 -51.85 38.28
N SER D 544 8.63 -52.63 39.34
CA SER D 544 7.57 -53.64 39.59
C SER D 544 7.35 -54.64 38.46
N THR D 545 8.12 -54.47 37.38
CA THR D 545 8.08 -55.31 36.23
C THR D 545 9.46 -55.85 36.18
N ILE D 546 10.30 -55.21 36.99
CA ILE D 546 11.74 -55.46 36.99
C ILE D 546 12.20 -56.05 38.31
N THR D 547 11.30 -56.77 38.97
CA THR D 547 11.58 -57.39 40.26
C THR D 547 12.69 -58.41 40.09
N GLN D 548 12.65 -59.13 38.97
CA GLN D 548 13.58 -60.23 38.69
C GLN D 548 14.76 -59.87 37.80
N CYS D 549 15.07 -58.59 37.64
CA CYS D 549 16.23 -58.24 36.85
C CYS D 549 17.51 -58.36 37.69
N ASP D 550 18.55 -58.94 37.11
CA ASP D 550 19.81 -59.09 37.81
C ASP D 550 20.47 -57.75 37.95
N LYS D 551 20.26 -56.91 36.96
CA LYS D 551 20.82 -55.58 37.00
C LYS D 551 19.73 -54.61 36.59
N VAL D 552 19.80 -53.40 37.16
CA VAL D 552 18.96 -52.30 36.73
C VAL D 552 19.80 -51.07 36.57
N TYR D 553 19.82 -50.50 35.38
CA TYR D 553 20.55 -49.27 35.17
C TYR D 553 19.52 -48.18 34.98
N ARG D 554 19.75 -47.04 35.61
CA ARG D 554 18.96 -45.85 35.36
C ARG D 554 19.79 -44.93 34.48
N LEU D 555 19.23 -44.50 33.37
CA LEU D 555 19.96 -43.59 32.50
C LEU D 555 19.34 -42.22 32.61
N GLU D 556 20.04 -41.26 33.25
CA GLU D 556 19.46 -39.91 33.19
C GLU D 556 20.45 -38.81 32.82
N HIS D 557 20.00 -38.03 31.84
CA HIS D 557 20.69 -36.87 31.25
C HIS D 557 22.03 -36.51 31.87
N GLY D 558 23.08 -37.12 31.38
CA GLY D 558 23.01 -38.18 30.39
C GLY D 558 24.05 -39.24 30.75
N LYS D 559 23.91 -39.77 31.97
CA LYS D 559 24.84 -40.75 32.51
C LYS D 559 24.11 -42.08 32.79
N LEU D 560 24.87 -43.17 32.95
CA LEU D 560 24.27 -44.45 33.32
C LEU D 560 24.65 -44.82 34.76
N LYS D 561 23.66 -45.01 35.64
CA LYS D 561 23.92 -45.42 37.01
C LYS D 561 23.45 -46.85 37.22
N GLU D 562 24.20 -47.67 37.95
CA GLU D 562 23.73 -49.01 38.26
C GLU D 562 22.95 -48.92 39.58
N GLU D 563 21.74 -49.46 39.62
CA GLU D 563 20.89 -49.29 40.79
C GLU D 563 20.79 -50.51 41.74
N LYS D 564 20.17 -51.54 41.18
CA LYS D 564 19.88 -52.87 41.77
C LYS D 564 20.31 -53.05 43.25
OH2 1PE E . -42.75 -17.58 28.35
C12 1PE E . -43.52 -17.49 29.58
C22 1PE E . -44.72 -16.56 29.49
OH3 1PE E . -45.22 -16.20 30.82
C13 1PE E . -47.61 -15.30 30.87
C23 1PE E . -46.64 -16.51 31.15
OH4 1PE E . -46.81 -14.05 30.67
C14 1PE E . -46.18 -12.16 29.49
C24 1PE E . -47.36 -12.97 30.03
OH5 1PE E . -45.41 -11.61 30.59
C15 1PE E . -44.46 -9.43 30.81
C25 1PE E . -45.76 -10.30 30.93
OH6 1PE E . -44.31 -8.70 32.02
C16 1PE E . -45.87 -7.29 33.36
C26 1PE E . -44.97 -7.41 32.07
OH7 1PE E . -46.83 -8.32 33.35
OH2 1PE F . -28.79 42.61 -15.61
C12 1PE F . -29.02 41.21 -15.36
C22 1PE F . -27.71 40.44 -15.42
OH3 1PE F . -26.52 41.22 -15.11
C13 1PE F . -26.09 42.44 -12.99
C23 1PE F . -26.02 41.05 -13.73
OH4 1PE F . -25.53 43.52 -13.84
C14 1PE F . -23.85 44.73 -12.87
C24 1PE F . -24.19 43.60 -13.83
OH5 1PE F . -24.39 45.98 -13.36
C15 1PE F . -22.63 46.43 -14.99
C25 1PE F . -23.47 46.95 -13.79
OH6 1PE F . -21.32 46.97 -14.93
C16 1PE F . -19.59 45.76 -13.60
C26 1PE F . -20.20 46.05 -15.02
OH7 1PE F . -18.19 45.63 -13.67
OH2 1PE G . 21.96 49.80 49.84
C12 1PE G . 21.86 49.77 48.41
C22 1PE G . 20.62 48.99 48.08
OH3 1PE G . 19.95 48.74 49.33
C13 1PE G . 17.91 47.61 48.55
C23 1PE G . 19.21 47.48 49.40
OH4 1PE G . 17.19 48.83 48.96
C14 1PE G . 17.47 51.17 48.88
C24 1PE G . 17.27 49.88 48.08
OH5 1PE G . 16.24 51.93 48.92
C15 1PE G . 14.02 51.66 47.95
C25 1PE G . 15.06 51.16 48.98
OH6 1PE G . 14.40 51.24 46.65
C16 1PE G . 15.08 53.59 46.31
C26 1PE G . 15.36 52.07 45.99
OH7 1PE G . 16.20 54.15 46.95
OH2 1PE H . 44.64 13.53 -25.21
C12 1PE H . 46.02 13.59 -25.66
C22 1PE H . 46.19 12.86 -26.99
OH3 1PE H . 47.52 13.10 -27.55
C13 1PE H . 49.99 12.57 -27.06
C23 1PE H . 48.52 12.04 -27.30
OH4 1PE H . 50.01 14.02 -26.73
C14 1PE H . 50.28 16.08 -27.84
C24 1PE H . 50.93 14.77 -27.41
OH5 1PE H . 51.38 16.87 -28.34
C15 1PE H . 50.72 18.31 -30.12
C25 1PE H . 51.11 18.21 -28.62
OH6 1PE H . 51.87 17.99 -30.87
C16 1PE H . 53.53 18.55 -32.49
C26 1PE H . 52.51 19.12 -31.46
OH7 1PE H . 53.65 17.19 -32.18
OH2 1PE I . 22.05 -41.83 9.03
C12 1PE I . 23.11 -41.32 9.88
C22 1PE I . 23.73 -42.41 10.76
OH3 1PE I . 24.13 -43.58 9.98
C13 1PE I . 25.92 -44.96 8.81
C23 1PE I . 25.59 -43.80 9.82
OH4 1PE I . 25.02 -46.12 9.06
C14 1PE I . 24.96 -48.03 10.25
C24 1PE I . 25.69 -47.31 9.14
OH5 1PE I . 24.19 -49.06 9.61
C15 1PE I . 23.61 -49.78 11.82
C25 1PE I . 24.05 -50.22 10.39
OH6 1PE I . 24.70 -49.99 12.67
C16 1PE I . 26.66 -51.35 12.59
C26 1PE I . 25.11 -51.35 12.70
OH7 1PE I . 27.06 -52.42 13.39
#